data_4OE1
#
_entry.id   4OE1
#
_cell.length_a   83.318
_cell.length_b   83.318
_cell.length_c   225.500
_cell.angle_alpha   90.00
_cell.angle_beta   90.00
_cell.angle_gamma   90.00
#
_symmetry.space_group_name_H-M   'P 43'
#
loop_
_entity.id
_entity.type
_entity.pdbx_description
1 polymer 'Chloroplast pentatricopeptide repeat protein 10'
2 polymer 'psaJ RNA'
3 non-polymer 'PHOSPHATE ION'
#
loop_
_entity_poly.entity_id
_entity_poly.type
_entity_poly.pdbx_seq_one_letter_code
_entity_poly.pdbx_strand_id
1 'polypeptide(L)'
;HSFLSPDAQVLVLAISSHPLPTLAAFLASRRDELLRADITSLLKALELSGHWEWALALLRWAGKEGAADASALEMVVRAL
GREGQHDAVCALLDETPLPPGSRLDVRAYTTVLHALSRAGRYERALELFAELRRQGVAPTLVTYNVVLDVYGRMGRSWPR
IVALLDEMRAAGVEPDGFTASTVIAACSRDGLVDEAVAFFEDLKARGHAPCVVTYNALLQVFGKAGNYTEALRVLGEMEQ
NGCQPDAVTYNELAGTYARAGFFEEAARCLDTMASKGLLPNAFTYNTVMTAYGNVGKVDEALALFDQMKKTGFVPNVNTY
NLVLGMLGKKSRFTVMLEMLGEMSRSGCTPNRVTWNTMLAVSGKRGMEDYVTRVLEGMRSSGVELSRDTYNTLIAAYGRC
GSRTNAFKMYNEMTSAGFTPCITTYNALLNVLSRQGDWSTAQSIVSKMRTKGFKPNEQSYSLLLQCYAKGGNVAGIAAIE
NEVYGSGAVFPSWVILRTLVIANFKCRRLDGMETAFQEVKARGYNPDLVIFNSMLSIYAKNGMYSKATEVFDSIKRSGLS
PDLITYNSLMDMYAKCSESWEAEKILNQLKCSQTMKPDVVSYNTVINGFCKQGLVKEAQRVLSEMVADGMAPCAVTYHTL
VGGYSSLEMFSEAREVIGYMVQHGLKPMELTYRRVVESYCRAKRFEEARGFLSEVSETDLDFDKKALEAYIEDAQFGR
;
A,B
2 'polyribonucleotide' GUAUUCUUUAAUUAUUUC D,C
#
loop_
_chem_comp.id
_chem_comp.type
_chem_comp.name
_chem_comp.formula
A RNA linking ADENOSINE-5'-MONOPHOSPHATE 'C10 H14 N5 O7 P'
C RNA linking CYTIDINE-5'-MONOPHOSPHATE 'C9 H14 N3 O8 P'
G RNA linking GUANOSINE-5'-MONOPHOSPHATE 'C10 H14 N5 O8 P'
PO4 non-polymer 'PHOSPHATE ION' 'O4 P -3'
U RNA linking URIDINE-5'-MONOPHOSPHATE 'C9 H13 N2 O9 P'
#
# COMPACT_ATOMS: atom_id res chain seq x y z
N PRO A 6 -19.50 -42.49 -29.98
CA PRO A 6 -18.89 -43.75 -29.54
C PRO A 6 -17.37 -43.64 -29.46
N ASP A 7 -16.69 -43.88 -30.58
CA ASP A 7 -15.24 -43.80 -30.62
C ASP A 7 -14.75 -42.39 -30.29
N ALA A 8 -15.68 -41.49 -30.05
CA ALA A 8 -15.35 -40.10 -29.74
C ALA A 8 -14.83 -39.99 -28.30
N GLN A 9 -15.58 -40.53 -27.35
CA GLN A 9 -15.20 -40.49 -25.95
C GLN A 9 -13.72 -40.83 -25.77
N VAL A 10 -13.18 -41.61 -26.72
CA VAL A 10 -11.79 -42.00 -26.66
C VAL A 10 -10.96 -40.95 -27.33
N LEU A 11 -11.54 -40.26 -28.29
CA LEU A 11 -10.71 -39.28 -28.97
C LEU A 11 -10.63 -37.98 -28.21
N VAL A 12 -11.69 -37.61 -27.53
CA VAL A 12 -11.66 -36.41 -26.74
C VAL A 12 -10.51 -36.45 -25.75
N LEU A 13 -10.38 -37.57 -25.06
CA LEU A 13 -9.34 -37.71 -24.04
C LEU A 13 -7.95 -37.49 -24.60
N ALA A 14 -7.79 -37.77 -25.88
CA ALA A 14 -6.48 -37.61 -26.50
C ALA A 14 -6.18 -36.15 -26.51
N ILE A 15 -7.02 -35.38 -27.19
CA ILE A 15 -6.83 -33.94 -27.29
C ILE A 15 -6.85 -33.29 -25.91
N SER A 16 -7.71 -33.79 -25.03
CA SER A 16 -7.81 -33.27 -23.67
C SER A 16 -6.54 -33.53 -22.88
N SER A 17 -5.73 -34.47 -23.36
CA SER A 17 -4.48 -34.82 -22.71
C SER A 17 -3.35 -34.70 -23.69
N HIS A 18 -2.99 -33.47 -24.02
CA HIS A 18 -1.89 -33.22 -24.94
C HIS A 18 -1.28 -31.85 -24.75
N PRO A 19 0.00 -31.75 -25.00
CA PRO A 19 0.64 -30.46 -24.91
C PRO A 19 -0.02 -29.49 -25.85
N LEU A 20 -0.59 -28.47 -25.23
CA LEU A 20 -1.28 -27.40 -25.93
C LEU A 20 -0.43 -26.75 -27.03
N PRO A 21 0.81 -26.38 -26.73
CA PRO A 21 1.54 -25.73 -27.82
C PRO A 21 1.97 -26.64 -28.97
N THR A 22 1.42 -27.85 -29.06
CA THR A 22 1.75 -28.77 -30.11
C THR A 22 0.51 -29.43 -30.66
N LEU A 23 -0.65 -28.96 -30.25
CA LEU A 23 -1.88 -29.67 -30.52
C LEU A 23 -2.25 -29.62 -31.97
N ALA A 24 -1.68 -28.66 -32.65
CA ALA A 24 -1.97 -28.46 -34.06
C ALA A 24 -1.57 -29.67 -34.87
N ALA A 25 -0.30 -30.02 -34.79
CA ALA A 25 0.20 -31.16 -35.52
C ALA A 25 -0.40 -32.47 -35.02
N PHE A 26 -0.99 -32.43 -33.84
CA PHE A 26 -1.65 -33.61 -33.31
C PHE A 26 -3.07 -33.74 -33.85
N LEU A 27 -3.68 -32.60 -34.18
CA LEU A 27 -4.98 -32.62 -34.80
C LEU A 27 -4.81 -32.89 -36.28
N ALA A 28 -3.62 -32.60 -36.77
CA ALA A 28 -3.28 -32.87 -38.15
C ALA A 28 -3.13 -34.37 -38.32
N SER A 29 -2.73 -35.03 -37.25
CA SER A 29 -2.51 -36.48 -37.27
C SER A 29 -3.82 -37.24 -37.41
N ARG A 30 -4.67 -37.16 -36.39
CA ARG A 30 -5.95 -37.84 -36.42
C ARG A 30 -7.00 -36.96 -37.10
N ARG A 31 -6.65 -36.48 -38.29
CA ARG A 31 -7.45 -35.53 -39.04
C ARG A 31 -8.76 -36.09 -39.60
N ASP A 32 -8.71 -37.26 -40.22
CA ASP A 32 -9.86 -37.79 -40.93
C ASP A 32 -10.87 -38.35 -40.00
N GLU A 33 -10.43 -38.73 -38.80
CA GLU A 33 -11.33 -39.20 -37.76
C GLU A 33 -12.08 -38.00 -37.22
N LEU A 34 -11.46 -36.83 -37.34
CA LEU A 34 -12.06 -35.58 -36.94
C LEU A 34 -13.09 -35.10 -37.96
N LEU A 35 -12.76 -35.16 -39.23
CA LEU A 35 -13.67 -34.60 -40.21
C LEU A 35 -15.02 -35.30 -40.27
N ARG A 36 -15.05 -36.55 -39.81
CA ARG A 36 -16.28 -37.33 -39.82
C ARG A 36 -16.95 -37.26 -38.46
N ALA A 37 -16.25 -36.66 -37.50
CA ALA A 37 -16.78 -36.54 -36.15
C ALA A 37 -17.60 -35.27 -35.99
N ASP A 38 -18.65 -35.33 -35.19
CA ASP A 38 -19.47 -34.16 -34.93
C ASP A 38 -18.65 -33.12 -34.18
N ILE A 39 -18.01 -32.23 -34.93
CA ILE A 39 -17.17 -31.19 -34.35
C ILE A 39 -17.83 -30.55 -33.14
N THR A 40 -18.98 -29.91 -33.37
CA THR A 40 -19.72 -29.27 -32.28
C THR A 40 -19.87 -30.25 -31.11
N SER A 41 -19.97 -31.54 -31.43
CA SER A 41 -20.07 -32.57 -30.42
C SER A 41 -18.80 -32.64 -29.60
N LEU A 42 -17.66 -32.66 -30.29
CA LEU A 42 -16.37 -32.69 -29.62
C LEU A 42 -16.20 -31.46 -28.73
N LEU A 43 -16.67 -30.32 -29.22
CA LEU A 43 -16.59 -29.07 -28.48
C LEU A 43 -17.36 -29.17 -27.16
N LYS A 44 -18.59 -29.67 -27.24
CA LYS A 44 -19.44 -29.81 -26.07
C LYS A 44 -18.79 -30.75 -25.06
N ALA A 45 -18.10 -31.76 -25.56
CA ALA A 45 -17.42 -32.69 -24.66
C ALA A 45 -16.19 -32.09 -24.03
N LEU A 46 -15.43 -31.32 -24.81
CA LEU A 46 -14.21 -30.75 -24.28
C LEU A 46 -14.50 -29.74 -23.19
N GLU A 47 -15.66 -29.11 -23.26
CA GLU A 47 -16.06 -28.12 -22.27
C GLU A 47 -16.63 -28.79 -21.01
N LEU A 48 -17.15 -30.00 -21.18
CA LEU A 48 -17.71 -30.74 -20.07
C LEU A 48 -16.64 -31.18 -19.08
N SER A 49 -15.38 -30.96 -19.46
CA SER A 49 -14.26 -31.33 -18.61
C SER A 49 -13.39 -30.11 -18.29
N GLY A 50 -13.88 -28.93 -18.67
CA GLY A 50 -13.16 -27.70 -18.43
C GLY A 50 -11.93 -27.55 -19.29
N HIS A 51 -11.93 -28.22 -20.44
CA HIS A 51 -10.81 -28.15 -21.37
C HIS A 51 -11.17 -27.18 -22.49
N TRP A 52 -11.49 -25.95 -22.12
CA TRP A 52 -11.98 -25.00 -23.09
C TRP A 52 -10.90 -24.43 -23.98
N GLU A 53 -9.67 -24.47 -23.51
CA GLU A 53 -8.57 -23.96 -24.33
C GLU A 53 -8.35 -24.89 -25.50
N TRP A 54 -8.80 -26.13 -25.33
CA TRP A 54 -8.66 -27.16 -26.33
C TRP A 54 -9.79 -27.12 -27.33
N ALA A 55 -10.96 -26.71 -26.89
CA ALA A 55 -12.10 -26.59 -27.77
C ALA A 55 -11.92 -25.42 -28.71
N LEU A 56 -11.04 -24.52 -28.33
CA LEU A 56 -10.74 -23.38 -29.17
C LEU A 56 -9.76 -23.78 -30.25
N ALA A 57 -8.74 -24.53 -29.85
CA ALA A 57 -7.71 -24.92 -30.77
C ALA A 57 -8.25 -25.77 -31.89
N LEU A 58 -9.25 -26.59 -31.56
CA LEU A 58 -9.87 -27.46 -32.55
C LEU A 58 -10.70 -26.62 -33.50
N LEU A 59 -11.42 -25.65 -32.95
CA LEU A 59 -12.22 -24.74 -33.73
C LEU A 59 -11.38 -24.10 -34.79
N ARG A 60 -10.24 -23.57 -34.35
CA ARG A 60 -9.31 -22.90 -35.25
C ARG A 60 -8.75 -23.91 -36.24
N TRP A 61 -8.56 -25.14 -35.78
CA TRP A 61 -8.08 -26.19 -36.66
C TRP A 61 -9.14 -26.49 -37.68
N ALA A 62 -10.27 -26.96 -37.20
CA ALA A 62 -11.40 -27.32 -38.04
C ALA A 62 -11.74 -26.19 -38.97
N GLY A 63 -11.76 -24.99 -38.42
CA GLY A 63 -12.02 -23.82 -39.22
C GLY A 63 -11.08 -23.72 -40.38
N LYS A 64 -9.81 -24.02 -40.13
CA LYS A 64 -8.83 -23.95 -41.19
C LYS A 64 -9.01 -25.07 -42.20
N GLU A 65 -9.72 -26.12 -41.79
CA GLU A 65 -9.99 -27.24 -42.67
C GLU A 65 -11.35 -27.07 -43.32
N GLY A 66 -12.12 -26.12 -42.80
CA GLY A 66 -13.42 -25.81 -43.34
C GLY A 66 -14.50 -26.69 -42.77
N ALA A 67 -14.27 -27.20 -41.58
CA ALA A 67 -15.15 -28.19 -40.98
C ALA A 67 -15.96 -27.65 -39.82
N ALA A 68 -15.79 -26.37 -39.55
CA ALA A 68 -16.49 -25.72 -38.46
C ALA A 68 -17.64 -24.91 -39.00
N ASP A 69 -18.84 -25.19 -38.51
CA ASP A 69 -19.96 -24.34 -38.83
C ASP A 69 -20.27 -23.39 -37.70
N ALA A 70 -21.16 -22.46 -37.98
CA ALA A 70 -21.55 -21.44 -37.03
C ALA A 70 -22.00 -22.04 -35.72
N SER A 71 -22.65 -23.19 -35.81
CA SER A 71 -23.16 -23.87 -34.61
C SER A 71 -22.02 -24.22 -33.66
N ALA A 72 -20.83 -24.44 -34.21
CA ALA A 72 -19.69 -24.79 -33.41
C ALA A 72 -19.10 -23.56 -32.73
N LEU A 73 -18.94 -22.50 -33.50
CA LEU A 73 -18.38 -21.28 -32.98
C LEU A 73 -19.23 -20.76 -31.85
N GLU A 74 -20.53 -20.79 -32.06
CA GLU A 74 -21.46 -20.35 -31.06
C GLU A 74 -21.31 -21.13 -29.78
N MET A 75 -20.86 -22.38 -29.91
CA MET A 75 -20.74 -23.27 -28.77
C MET A 75 -19.49 -22.96 -27.94
N VAL A 76 -18.46 -22.48 -28.61
CA VAL A 76 -17.21 -22.18 -27.94
C VAL A 76 -17.31 -20.82 -27.27
N VAL A 77 -18.03 -19.92 -27.91
CA VAL A 77 -18.24 -18.58 -27.41
C VAL A 77 -19.02 -18.53 -26.11
N ARG A 78 -20.03 -19.41 -25.99
CA ARG A 78 -20.85 -19.43 -24.78
C ARG A 78 -19.99 -19.75 -23.56
N ALA A 79 -19.04 -20.66 -23.75
CA ALA A 79 -18.12 -21.06 -22.71
C ALA A 79 -17.15 -19.95 -22.36
N LEU A 80 -16.50 -19.42 -23.38
CA LEU A 80 -15.54 -18.36 -23.20
C LEU A 80 -16.16 -17.22 -22.44
N GLY A 81 -17.36 -16.86 -22.82
CA GLY A 81 -18.07 -15.81 -22.13
C GLY A 81 -18.39 -16.28 -20.74
N ARG A 82 -18.75 -17.55 -20.63
CA ARG A 82 -19.13 -18.13 -19.35
C ARG A 82 -17.87 -18.35 -18.51
N GLU A 83 -16.74 -18.47 -19.18
CA GLU A 83 -15.50 -18.69 -18.49
C GLU A 83 -14.73 -17.40 -18.48
N GLY A 84 -15.37 -16.34 -18.93
CA GLY A 84 -14.86 -14.99 -18.80
C GLY A 84 -13.69 -14.68 -19.71
N GLN A 85 -13.65 -15.31 -20.85
CA GLN A 85 -12.49 -15.17 -21.72
C GLN A 85 -12.72 -14.26 -22.88
N HIS A 86 -12.81 -12.97 -22.58
CA HIS A 86 -13.19 -12.00 -23.56
C HIS A 86 -12.18 -11.78 -24.66
N ASP A 87 -10.89 -11.89 -24.36
CA ASP A 87 -9.89 -11.61 -25.36
C ASP A 87 -9.94 -12.66 -26.43
N ALA A 88 -10.33 -13.85 -26.02
CA ALA A 88 -10.30 -14.98 -26.91
C ALA A 88 -11.41 -14.89 -27.91
N VAL A 89 -12.49 -14.23 -27.52
CA VAL A 89 -13.62 -14.05 -28.39
C VAL A 89 -13.37 -12.92 -29.37
N CYS A 90 -12.62 -11.92 -28.95
CA CYS A 90 -12.27 -10.83 -29.84
C CYS A 90 -11.27 -11.34 -30.84
N ALA A 91 -10.72 -12.50 -30.57
CA ALA A 91 -9.77 -13.12 -31.47
C ALA A 91 -10.50 -13.78 -32.61
N LEU A 92 -11.51 -14.57 -32.25
CA LEU A 92 -12.36 -15.26 -33.20
C LEU A 92 -13.01 -14.28 -34.13
N LEU A 93 -13.31 -13.12 -33.60
CA LEU A 93 -13.88 -12.06 -34.39
C LEU A 93 -12.85 -11.60 -35.39
N ASP A 94 -11.59 -11.62 -34.99
CA ASP A 94 -10.53 -11.01 -35.80
C ASP A 94 -9.92 -11.97 -36.83
N GLU A 95 -9.88 -13.25 -36.50
CA GLU A 95 -9.33 -14.24 -37.43
C GLU A 95 -10.42 -14.85 -38.30
N THR A 96 -11.53 -15.25 -37.68
CA THR A 96 -12.66 -15.80 -38.41
C THR A 96 -12.44 -17.26 -38.79
N PRO A 97 -13.01 -18.17 -38.01
CA PRO A 97 -12.89 -19.60 -38.29
C PRO A 97 -14.13 -20.13 -39.01
N LEU A 98 -14.89 -19.23 -39.60
CA LEU A 98 -16.11 -19.60 -40.32
C LEU A 98 -15.97 -19.43 -41.82
N PRO A 99 -16.67 -20.26 -42.59
CA PRO A 99 -16.65 -20.12 -44.06
C PRO A 99 -17.46 -18.91 -44.52
N PRO A 100 -17.25 -18.45 -45.74
CA PRO A 100 -17.99 -17.27 -46.22
C PRO A 100 -19.50 -17.49 -46.25
N GLY A 101 -20.27 -16.46 -45.93
CA GLY A 101 -21.72 -16.56 -45.96
C GLY A 101 -22.32 -17.06 -44.65
N SER A 102 -21.53 -17.01 -43.60
CA SER A 102 -21.98 -17.51 -42.29
C SER A 102 -22.64 -16.43 -41.45
N ARG A 103 -23.66 -16.82 -40.71
CA ARG A 103 -24.35 -15.90 -39.81
C ARG A 103 -24.50 -16.56 -38.44
N LEU A 104 -24.45 -15.75 -37.39
CA LEU A 104 -24.43 -16.26 -36.02
C LEU A 104 -25.67 -15.91 -35.17
N ASP A 105 -25.91 -16.75 -34.19
CA ASP A 105 -26.97 -16.54 -33.23
C ASP A 105 -26.81 -15.15 -32.63
N VAL A 106 -27.92 -14.59 -32.15
CA VAL A 106 -27.87 -13.29 -31.51
C VAL A 106 -27.18 -13.40 -30.17
N ARG A 107 -27.47 -14.49 -29.46
CA ARG A 107 -26.88 -14.74 -28.15
C ARG A 107 -25.37 -14.74 -28.25
N ALA A 108 -24.85 -15.22 -29.38
CA ALA A 108 -23.42 -15.27 -29.58
C ALA A 108 -22.95 -13.89 -29.93
N TYR A 109 -23.59 -13.30 -30.90
CA TYR A 109 -23.24 -11.97 -31.32
C TYR A 109 -23.17 -11.03 -30.16
N THR A 110 -24.09 -11.16 -29.20
CA THR A 110 -24.11 -10.22 -28.10
C THR A 110 -22.98 -10.53 -27.13
N THR A 111 -22.54 -11.78 -27.12
CA THR A 111 -21.44 -12.19 -26.28
C THR A 111 -20.15 -11.58 -26.79
N VAL A 112 -20.09 -11.33 -28.08
CA VAL A 112 -18.93 -10.75 -28.72
C VAL A 112 -18.93 -9.27 -28.52
N LEU A 113 -20.10 -8.68 -28.62
CA LEU A 113 -20.25 -7.25 -28.43
C LEU A 113 -19.78 -6.85 -27.07
N HIS A 114 -20.13 -7.65 -26.09
CA HIS A 114 -19.73 -7.36 -24.75
C HIS A 114 -18.24 -7.54 -24.63
N ALA A 115 -17.71 -8.47 -25.40
CA ALA A 115 -16.28 -8.72 -25.39
C ALA A 115 -15.54 -7.58 -26.02
N LEU A 116 -16.14 -6.96 -27.02
CA LEU A 116 -15.55 -5.82 -27.67
C LEU A 116 -15.67 -4.60 -26.80
N SER A 117 -16.65 -4.61 -25.93
CA SER A 117 -16.91 -3.49 -25.07
C SER A 117 -15.92 -3.49 -23.94
N ARG A 118 -15.49 -4.69 -23.54
CA ARG A 118 -14.60 -4.86 -22.39
C ARG A 118 -13.14 -4.61 -22.77
N ALA A 119 -12.90 -4.21 -24.01
CA ALA A 119 -11.55 -3.98 -24.46
C ALA A 119 -11.44 -2.58 -24.97
N GLY A 120 -12.54 -1.85 -24.87
CA GLY A 120 -12.58 -0.46 -25.27
C GLY A 120 -12.74 -0.36 -26.75
N ARG A 121 -12.97 -1.50 -27.39
CA ARG A 121 -13.16 -1.52 -28.84
C ARG A 121 -14.60 -1.18 -29.17
N TYR A 122 -15.01 0.03 -28.83
CA TYR A 122 -16.39 0.48 -29.01
C TYR A 122 -16.73 0.69 -30.48
N GLU A 123 -15.95 1.54 -31.15
CA GLU A 123 -16.18 1.84 -32.56
C GLU A 123 -16.33 0.57 -33.37
N ARG A 124 -15.78 -0.53 -32.87
CA ARG A 124 -15.85 -1.81 -33.55
C ARG A 124 -17.13 -2.55 -33.18
N ALA A 125 -17.57 -2.37 -31.94
CA ALA A 125 -18.78 -3.02 -31.45
C ALA A 125 -20.00 -2.50 -32.20
N LEU A 126 -20.00 -1.20 -32.47
CA LEU A 126 -21.09 -0.58 -33.19
C LEU A 126 -21.16 -1.08 -34.63
N GLU A 127 -20.00 -1.37 -35.20
CA GLU A 127 -19.91 -1.85 -36.57
C GLU A 127 -20.41 -3.28 -36.68
N LEU A 128 -20.27 -4.04 -35.59
CA LEU A 128 -20.77 -5.41 -35.55
C LEU A 128 -22.26 -5.43 -35.31
N PHE A 129 -22.73 -4.48 -34.50
CA PHE A 129 -24.13 -4.33 -34.24
C PHE A 129 -24.81 -4.00 -35.55
N ALA A 130 -24.20 -3.10 -36.32
CA ALA A 130 -24.75 -2.69 -37.60
C ALA A 130 -24.90 -3.89 -38.53
N GLU A 131 -23.90 -4.76 -38.52
CA GLU A 131 -23.92 -5.97 -39.34
C GLU A 131 -24.98 -6.93 -38.83
N LEU A 132 -25.02 -7.11 -37.51
CA LEU A 132 -25.97 -8.02 -36.88
C LEU A 132 -27.40 -7.69 -37.29
N ARG A 133 -27.69 -6.41 -37.46
CA ARG A 133 -29.04 -5.98 -37.83
C ARG A 133 -29.13 -5.72 -39.32
N ARG A 134 -28.06 -6.06 -40.04
CA ARG A 134 -28.06 -5.93 -41.48
C ARG A 134 -28.33 -7.31 -42.01
N GLN A 135 -28.25 -8.26 -41.11
CA GLN A 135 -28.53 -9.64 -41.45
C GLN A 135 -29.90 -9.99 -40.99
N GLY A 136 -30.69 -8.97 -40.69
CA GLY A 136 -32.04 -9.18 -40.23
C GLY A 136 -32.14 -9.96 -38.95
N VAL A 137 -31.09 -9.92 -38.15
CA VAL A 137 -31.16 -10.50 -36.82
C VAL A 137 -31.85 -9.48 -35.93
N ALA A 138 -32.71 -9.97 -35.05
CA ALA A 138 -33.38 -9.09 -34.12
C ALA A 138 -32.65 -9.13 -32.81
N PRO A 139 -32.12 -7.99 -32.39
CA PRO A 139 -31.43 -7.89 -31.12
C PRO A 139 -32.35 -8.13 -29.94
N THR A 140 -31.79 -8.64 -28.85
CA THR A 140 -32.56 -8.86 -27.65
C THR A 140 -32.24 -7.78 -26.66
N LEU A 141 -32.78 -7.91 -25.46
CA LEU A 141 -32.69 -6.87 -24.46
C LEU A 141 -31.26 -6.64 -24.06
N VAL A 142 -30.57 -7.73 -23.77
CA VAL A 142 -29.18 -7.67 -23.39
C VAL A 142 -28.34 -7.14 -24.52
N THR A 143 -28.72 -7.46 -25.74
CA THR A 143 -28.04 -6.90 -26.88
C THR A 143 -28.20 -5.39 -26.91
N TYR A 144 -29.43 -4.92 -26.76
CA TYR A 144 -29.66 -3.49 -26.77
C TYR A 144 -28.94 -2.86 -25.62
N ASN A 145 -28.91 -3.55 -24.49
CA ASN A 145 -28.30 -3.02 -23.29
C ASN A 145 -26.78 -2.94 -23.37
N VAL A 146 -26.18 -3.93 -24.01
CA VAL A 146 -24.75 -3.91 -24.20
C VAL A 146 -24.35 -2.72 -25.02
N VAL A 147 -25.05 -2.53 -26.12
CA VAL A 147 -24.72 -1.47 -27.04
C VAL A 147 -24.91 -0.12 -26.39
N LEU A 148 -25.83 -0.04 -25.44
CA LEU A 148 -26.06 1.18 -24.71
C LEU A 148 -24.86 1.45 -23.87
N ASP A 149 -24.36 0.40 -23.27
CA ASP A 149 -23.20 0.49 -22.43
C ASP A 149 -22.01 0.94 -23.25
N VAL A 150 -22.03 0.64 -24.54
CA VAL A 150 -20.95 1.07 -25.41
C VAL A 150 -21.09 2.54 -25.74
N TYR A 151 -22.32 2.97 -25.97
CA TYR A 151 -22.59 4.38 -26.26
C TYR A 151 -22.20 5.22 -25.05
N GLY A 152 -22.38 4.67 -23.87
CA GLY A 152 -22.16 5.40 -22.64
C GLY A 152 -20.73 5.57 -22.22
N ARG A 153 -19.82 4.85 -22.88
CA ARG A 153 -18.41 4.88 -22.52
C ARG A 153 -17.57 5.57 -23.57
N MET A 154 -18.23 6.04 -24.63
CA MET A 154 -17.54 6.71 -25.71
C MET A 154 -17.56 8.19 -25.48
N GLY A 155 -18.71 8.69 -25.08
CA GLY A 155 -18.87 10.11 -24.89
C GLY A 155 -19.64 10.71 -26.05
N ARG A 156 -20.29 11.83 -25.80
CA ARG A 156 -21.07 12.51 -26.81
C ARG A 156 -22.00 11.58 -27.54
N SER A 157 -22.67 10.69 -26.82
CA SER A 157 -23.47 9.66 -27.46
C SER A 157 -24.91 9.66 -26.99
N TRP A 158 -25.35 10.75 -26.39
CA TRP A 158 -26.71 10.85 -25.91
C TRP A 158 -27.78 10.75 -27.00
N PRO A 159 -27.59 11.43 -28.14
CA PRO A 159 -28.62 11.30 -29.16
C PRO A 159 -28.75 9.88 -29.63
N ARG A 160 -27.64 9.16 -29.69
CA ARG A 160 -27.64 7.79 -30.15
C ARG A 160 -28.32 6.88 -29.15
N ILE A 161 -28.38 7.33 -27.90
CA ILE A 161 -29.03 6.57 -26.84
C ILE A 161 -30.52 6.76 -26.90
N VAL A 162 -30.93 8.02 -27.04
CA VAL A 162 -32.33 8.36 -27.17
C VAL A 162 -32.94 7.71 -28.41
N ALA A 163 -32.18 7.72 -29.51
CA ALA A 163 -32.65 7.11 -30.74
C ALA A 163 -32.75 5.62 -30.66
N LEU A 164 -31.87 4.99 -29.90
CA LEU A 164 -31.87 3.54 -29.81
C LEU A 164 -32.90 3.10 -28.81
N LEU A 165 -33.18 3.97 -27.86
CA LEU A 165 -34.24 3.70 -26.92
C LEU A 165 -35.53 3.57 -27.66
N ASP A 166 -35.76 4.48 -28.60
CA ASP A 166 -36.94 4.42 -29.44
C ASP A 166 -37.05 3.12 -30.21
N GLU A 167 -36.01 2.81 -30.97
CA GLU A 167 -35.98 1.58 -31.76
C GLU A 167 -36.34 0.35 -30.93
N MET A 168 -35.58 0.13 -29.87
CA MET A 168 -35.79 -1.03 -29.02
C MET A 168 -37.21 -1.07 -28.46
N ARG A 169 -37.74 0.09 -28.13
CA ARG A 169 -39.11 0.19 -27.62
C ARG A 169 -40.09 0.04 -28.78
N ALA A 170 -39.61 0.30 -29.99
CA ALA A 170 -40.43 0.18 -31.19
C ALA A 170 -40.43 -1.24 -31.73
N ALA A 171 -39.56 -2.09 -31.17
CA ALA A 171 -39.49 -3.47 -31.57
C ALA A 171 -40.13 -4.26 -30.47
N GLY A 172 -40.86 -3.53 -29.64
CA GLY A 172 -41.64 -4.12 -28.58
C GLY A 172 -40.75 -4.64 -27.49
N VAL A 173 -39.55 -4.08 -27.40
CA VAL A 173 -38.59 -4.48 -26.39
C VAL A 173 -38.58 -3.47 -25.25
N GLU A 174 -38.92 -3.95 -24.05
CA GLU A 174 -39.04 -3.06 -22.90
C GLU A 174 -37.78 -3.03 -22.06
N PRO A 175 -37.32 -1.80 -21.78
CA PRO A 175 -36.15 -1.57 -20.96
C PRO A 175 -36.31 -2.18 -19.59
N ASP A 176 -35.20 -2.35 -18.90
CA ASP A 176 -35.23 -2.90 -17.56
C ASP A 176 -34.33 -2.12 -16.62
N GLY A 177 -33.98 -2.74 -15.51
CA GLY A 177 -33.10 -2.12 -14.55
C GLY A 177 -31.71 -2.01 -15.12
N PHE A 178 -31.32 -2.98 -15.92
CA PHE A 178 -30.02 -2.96 -16.55
C PHE A 178 -29.96 -1.84 -17.55
N THR A 179 -31.11 -1.55 -18.14
CA THR A 179 -31.19 -0.49 -19.13
C THR A 179 -31.06 0.84 -18.45
N ALA A 180 -31.85 1.01 -17.40
CA ALA A 180 -31.93 2.26 -16.68
C ALA A 180 -30.60 2.66 -16.08
N SER A 181 -29.94 1.70 -15.42
CA SER A 181 -28.66 1.98 -14.77
C SER A 181 -27.59 2.34 -15.81
N THR A 182 -27.74 1.77 -17.00
CA THR A 182 -26.78 1.99 -18.06
C THR A 182 -26.99 3.32 -18.70
N VAL A 183 -28.23 3.75 -18.82
CA VAL A 183 -28.48 5.03 -19.44
C VAL A 183 -28.17 6.13 -18.47
N ILE A 184 -28.53 5.94 -17.22
CA ILE A 184 -28.22 6.94 -16.22
C ILE A 184 -26.73 7.05 -15.99
N ALA A 185 -26.06 5.91 -15.96
CA ALA A 185 -24.62 5.90 -15.78
C ALA A 185 -23.91 6.53 -16.95
N ALA A 186 -24.50 6.43 -18.13
CA ALA A 186 -23.95 7.06 -19.30
C ALA A 186 -24.02 8.55 -19.14
N CYS A 187 -25.15 9.04 -18.65
CA CYS A 187 -25.34 10.45 -18.43
C CYS A 187 -24.43 10.94 -17.32
N SER A 188 -24.01 10.02 -16.47
CA SER A 188 -23.09 10.33 -15.39
C SER A 188 -21.67 10.52 -15.91
N ARG A 189 -21.37 9.88 -17.05
CA ARG A 189 -20.04 9.97 -17.62
C ARG A 189 -19.86 11.11 -18.60
N ASP A 190 -20.77 12.05 -18.60
CA ASP A 190 -20.64 13.19 -19.51
C ASP A 190 -21.04 14.48 -18.84
N GLY A 191 -21.82 14.38 -17.78
CA GLY A 191 -22.30 15.55 -17.07
C GLY A 191 -23.69 15.90 -17.49
N LEU A 192 -24.42 14.90 -17.96
CA LEU A 192 -25.76 15.10 -18.43
C LEU A 192 -26.72 14.97 -17.34
N VAL A 193 -26.67 15.88 -16.41
CA VAL A 193 -27.46 15.81 -15.20
C VAL A 193 -28.94 15.88 -15.46
N ASP A 194 -29.33 16.89 -16.23
CA ASP A 194 -30.75 17.17 -16.45
C ASP A 194 -31.48 16.04 -17.17
N GLU A 195 -30.80 15.44 -18.14
CA GLU A 195 -31.41 14.41 -18.97
C GLU A 195 -31.54 13.10 -18.21
N ALA A 196 -30.59 12.87 -17.32
CA ALA A 196 -30.61 11.68 -16.49
C ALA A 196 -31.84 11.71 -15.63
N VAL A 197 -32.17 12.89 -15.15
CA VAL A 197 -33.30 13.08 -14.28
C VAL A 197 -34.56 12.88 -15.07
N ALA A 198 -34.68 13.62 -16.15
CA ALA A 198 -35.87 13.54 -16.97
C ALA A 198 -36.10 12.11 -17.35
N PHE A 199 -35.03 11.41 -17.70
CA PHE A 199 -35.12 10.00 -18.07
C PHE A 199 -35.63 9.17 -16.89
N PHE A 200 -35.10 9.45 -15.71
CA PHE A 200 -35.52 8.77 -14.51
C PHE A 200 -36.97 9.06 -14.23
N GLU A 201 -37.33 10.34 -14.30
CA GLU A 201 -38.70 10.77 -14.06
C GLU A 201 -39.62 10.07 -15.03
N ASP A 202 -39.22 10.08 -16.30
CA ASP A 202 -40.03 9.52 -17.37
C ASP A 202 -40.09 8.01 -17.28
N LEU A 203 -39.01 7.40 -16.80
CA LEU A 203 -38.98 5.97 -16.67
C LEU A 203 -39.84 5.53 -15.51
N LYS A 204 -39.90 6.38 -14.50
CA LYS A 204 -40.64 6.03 -13.33
C LYS A 204 -42.09 6.09 -13.72
N ALA A 205 -42.44 7.22 -14.30
CA ALA A 205 -43.82 7.51 -14.64
C ALA A 205 -44.43 6.45 -15.54
N ARG A 206 -43.57 5.58 -16.05
CA ARG A 206 -44.01 4.48 -16.89
C ARG A 206 -44.41 3.31 -16.01
N GLY A 207 -44.22 3.47 -14.70
CA GLY A 207 -44.58 2.43 -13.77
C GLY A 207 -43.41 1.55 -13.42
N HIS A 208 -42.28 1.83 -14.02
CA HIS A 208 -41.08 1.09 -13.69
C HIS A 208 -40.72 1.38 -12.26
N ALA A 209 -40.66 0.34 -11.45
CA ALA A 209 -40.17 0.49 -10.11
C ALA A 209 -38.68 0.46 -10.19
N PRO A 210 -38.03 1.61 -9.73
CA PRO A 210 -36.57 1.62 -9.70
C PRO A 210 -36.01 0.64 -8.68
N CYS A 211 -34.69 0.66 -8.52
CA CYS A 211 -34.03 -0.27 -7.61
C CYS A 211 -32.66 0.26 -7.15
N VAL A 212 -32.07 -0.42 -6.18
CA VAL A 212 -30.80 0.01 -5.62
C VAL A 212 -29.83 0.42 -6.71
N VAL A 213 -29.43 -0.54 -7.54
CA VAL A 213 -28.50 -0.27 -8.63
C VAL A 213 -28.92 0.98 -9.40
N THR A 214 -30.19 1.07 -9.74
CA THR A 214 -30.71 2.23 -10.46
C THR A 214 -30.47 3.51 -9.67
N TYR A 215 -30.83 3.47 -8.39
CA TYR A 215 -30.67 4.63 -7.53
C TYR A 215 -29.20 5.01 -7.34
N ASN A 216 -28.33 4.02 -7.40
CA ASN A 216 -26.91 4.25 -7.19
C ASN A 216 -26.26 5.02 -8.32
N ALA A 217 -26.73 4.78 -9.55
CA ALA A 217 -26.16 5.45 -10.70
C ALA A 217 -26.69 6.85 -10.77
N LEU A 218 -27.94 7.03 -10.36
CA LEU A 218 -28.58 8.33 -10.37
C LEU A 218 -27.90 9.25 -9.37
N LEU A 219 -27.27 8.62 -8.36
CA LEU A 219 -26.59 9.34 -7.31
C LEU A 219 -25.15 9.68 -7.70
N GLN A 220 -24.54 8.85 -8.54
CA GLN A 220 -23.19 9.11 -8.99
C GLN A 220 -23.16 10.34 -9.87
N VAL A 221 -24.29 10.59 -10.50
CA VAL A 221 -24.46 11.78 -11.30
C VAL A 221 -24.18 13.02 -10.48
N PHE A 222 -25.00 13.22 -9.48
CA PHE A 222 -24.91 14.38 -8.61
C PHE A 222 -23.55 14.50 -7.99
N GLY A 223 -23.03 13.36 -7.52
CA GLY A 223 -21.84 13.32 -6.69
C GLY A 223 -20.49 13.35 -7.39
N LYS A 224 -20.39 12.69 -8.53
CA LYS A 224 -19.14 12.67 -9.29
C LYS A 224 -18.53 14.06 -9.39
N ALA A 225 -19.23 14.94 -10.09
CA ALA A 225 -18.77 16.33 -10.26
C ALA A 225 -19.93 17.30 -10.10
N GLY A 226 -20.28 17.59 -8.86
CA GLY A 226 -21.39 18.48 -8.57
C GLY A 226 -21.70 18.79 -7.12
N ASN A 227 -22.79 18.22 -6.62
CA ASN A 227 -23.36 18.58 -5.35
C ASN A 227 -23.75 17.41 -4.47
N TYR A 228 -23.59 17.66 -3.17
CA TYR A 228 -23.88 16.71 -2.13
C TYR A 228 -25.30 16.90 -1.60
N THR A 229 -25.99 17.95 -2.06
CA THR A 229 -27.30 18.16 -1.53
C THR A 229 -28.37 17.51 -2.32
N GLU A 230 -28.15 17.35 -3.61
CA GLU A 230 -29.12 16.68 -4.47
C GLU A 230 -28.95 15.17 -4.38
N ALA A 231 -27.70 14.74 -4.35
CA ALA A 231 -27.39 13.32 -4.18
C ALA A 231 -27.99 12.82 -2.87
N LEU A 232 -27.88 13.65 -1.83
CA LEU A 232 -28.45 13.32 -0.54
C LEU A 232 -29.97 13.22 -0.64
N ARG A 233 -30.55 14.11 -1.45
CA ARG A 233 -31.99 14.11 -1.68
C ARG A 233 -32.41 12.76 -2.27
N VAL A 234 -31.61 12.27 -3.22
CA VAL A 234 -31.87 10.97 -3.82
C VAL A 234 -31.87 9.88 -2.77
N LEU A 235 -30.83 9.90 -1.94
CA LEU A 235 -30.73 9.07 -0.76
C LEU A 235 -32.04 9.17 -0.02
N GLY A 236 -32.57 10.38 0.00
CA GLY A 236 -33.88 10.63 0.55
C GLY A 236 -34.90 9.78 -0.15
N GLU A 237 -35.21 10.13 -1.38
CA GLU A 237 -36.28 9.47 -2.13
C GLU A 237 -36.11 7.96 -2.13
N MET A 238 -34.87 7.52 -1.93
CA MET A 238 -34.55 6.12 -1.90
C MET A 238 -35.34 5.40 -0.84
N GLU A 239 -35.03 5.67 0.42
CA GLU A 239 -35.73 5.06 1.54
C GLU A 239 -37.23 5.30 1.43
N GLN A 240 -37.61 6.54 1.15
CA GLN A 240 -39.02 6.90 0.99
C GLN A 240 -39.73 5.87 0.11
N ASN A 241 -38.97 5.24 -0.79
CA ASN A 241 -39.52 4.22 -1.66
C ASN A 241 -39.47 2.84 -1.01
N GLY A 242 -38.48 2.65 -0.13
CA GLY A 242 -38.33 1.40 0.58
C GLY A 242 -37.25 0.52 -0.01
N CYS A 243 -36.25 1.14 -0.63
CA CYS A 243 -35.16 0.40 -1.22
C CYS A 243 -33.94 0.67 -0.37
N GLN A 244 -33.36 -0.38 0.19
CA GLN A 244 -32.29 -0.20 1.15
C GLN A 244 -30.96 0.04 0.48
N PRO A 245 -30.32 1.18 0.79
CA PRO A 245 -28.98 1.53 0.33
C PRO A 245 -27.98 0.50 0.75
N ASP A 246 -27.27 -0.09 -0.20
CA ASP A 246 -26.29 -1.09 0.11
C ASP A 246 -24.95 -0.43 0.31
N ALA A 247 -23.91 -1.24 0.38
CA ALA A 247 -22.59 -0.72 0.62
C ALA A 247 -22.16 0.23 -0.47
N VAL A 248 -22.46 -0.12 -1.71
CA VAL A 248 -22.03 0.68 -2.85
C VAL A 248 -22.68 2.05 -2.85
N THR A 249 -23.77 2.17 -2.10
CA THR A 249 -24.49 3.43 -2.03
C THR A 249 -23.68 4.46 -1.28
N TYR A 250 -23.11 4.05 -0.15
CA TYR A 250 -22.45 5.00 0.72
C TYR A 250 -21.08 5.34 0.20
N ASN A 251 -20.54 4.44 -0.61
CA ASN A 251 -19.29 4.68 -1.27
C ASN A 251 -19.38 5.89 -2.18
N GLU A 252 -20.53 6.01 -2.84
CA GLU A 252 -20.76 7.11 -3.77
C GLU A 252 -20.81 8.42 -3.00
N LEU A 253 -21.52 8.40 -1.88
CA LEU A 253 -21.63 9.59 -1.02
C LEU A 253 -20.27 9.93 -0.44
N ALA A 254 -19.62 8.93 0.13
CA ALA A 254 -18.29 9.10 0.68
C ALA A 254 -17.33 9.72 -0.31
N GLY A 255 -17.50 9.39 -1.59
CA GLY A 255 -16.65 9.92 -2.64
C GLY A 255 -17.28 11.12 -3.34
N THR A 256 -18.52 11.42 -2.99
CA THR A 256 -19.22 12.54 -3.58
C THR A 256 -18.73 13.87 -3.02
N GLU A 264 -19.29 18.97 9.47
CA GLU A 264 -20.47 19.75 9.11
C GLU A 264 -21.13 19.16 7.86
N GLU A 265 -20.40 18.28 7.18
CA GLU A 265 -20.92 17.54 6.03
C GLU A 265 -21.35 16.15 6.46
N ALA A 266 -20.79 15.71 7.59
CA ALA A 266 -21.19 14.45 8.20
C ALA A 266 -22.47 14.64 8.98
N ALA A 267 -22.70 15.87 9.44
CA ALA A 267 -23.91 16.21 10.15
C ALA A 267 -25.10 16.18 9.21
N ARG A 268 -24.84 16.47 7.94
CA ARG A 268 -25.87 16.44 6.91
C ARG A 268 -26.26 15.01 6.56
N CYS A 269 -25.27 14.19 6.25
CA CYS A 269 -25.50 12.81 5.85
C CYS A 269 -26.32 12.03 6.86
N LEU A 270 -26.24 12.45 8.13
CA LEU A 270 -26.96 11.76 9.19
C LEU A 270 -28.37 12.31 9.37
N ASP A 271 -28.58 13.55 8.96
CA ASP A 271 -29.87 14.21 9.09
C ASP A 271 -30.89 13.64 8.10
N THR A 272 -30.40 13.18 6.95
CA THR A 272 -31.27 12.64 5.92
C THR A 272 -31.77 11.26 6.29
N MET A 273 -30.84 10.33 6.49
CA MET A 273 -31.18 8.96 6.85
C MET A 273 -31.88 8.90 8.20
N ALA A 274 -32.32 10.05 8.68
CA ALA A 274 -33.02 10.14 9.96
C ALA A 274 -34.51 10.38 9.74
N SER A 275 -34.86 10.82 8.54
CA SER A 275 -36.25 11.09 8.20
C SER A 275 -36.70 12.43 8.79
N PRO A 280 -32.45 3.32 11.00
CA PRO A 280 -31.39 2.42 10.56
C PRO A 280 -30.99 1.42 11.65
N ASN A 281 -29.97 0.61 11.37
CA ASN A 281 -29.50 -0.38 12.33
C ASN A 281 -28.04 -0.19 12.68
N ALA A 282 -27.49 -1.13 13.47
CA ALA A 282 -26.10 -1.06 13.89
C ALA A 282 -25.16 -1.41 12.74
N PHE A 283 -25.64 -2.26 11.83
CA PHE A 283 -24.87 -2.68 10.69
C PHE A 283 -24.88 -1.60 9.64
N THR A 284 -25.94 -0.83 9.63
CA THR A 284 -26.08 0.24 8.70
C THR A 284 -25.06 1.25 9.05
N TYR A 285 -25.12 1.69 10.30
CA TYR A 285 -24.21 2.69 10.83
C TYR A 285 -22.75 2.32 10.56
N ASN A 286 -22.44 1.02 10.65
CA ASN A 286 -21.07 0.60 10.45
C ASN A 286 -20.72 0.64 8.99
N THR A 287 -21.72 0.43 8.16
CA THR A 287 -21.49 0.40 6.74
C THR A 287 -21.12 1.78 6.25
N VAL A 288 -21.78 2.79 6.76
CA VAL A 288 -21.46 4.15 6.36
C VAL A 288 -20.22 4.68 7.05
N MET A 289 -20.01 4.28 8.29
CA MET A 289 -18.80 4.67 8.99
C MET A 289 -17.57 4.15 8.27
N THR A 290 -17.62 2.88 7.91
CA THR A 290 -16.49 2.24 7.27
C THR A 290 -16.27 2.80 5.89
N ALA A 291 -17.34 3.28 5.29
CA ALA A 291 -17.25 3.88 3.97
C ALA A 291 -16.36 5.09 4.03
N TYR A 292 -16.68 6.00 4.93
CA TYR A 292 -15.89 7.20 5.11
C TYR A 292 -14.49 6.87 5.54
N GLY A 293 -14.33 5.78 6.26
CA GLY A 293 -13.02 5.34 6.65
C GLY A 293 -12.22 4.99 5.43
N ASN A 294 -12.70 4.00 4.69
CA ASN A 294 -11.96 3.45 3.56
C ASN A 294 -11.67 4.45 2.47
N VAL A 295 -12.24 5.64 2.61
CA VAL A 295 -12.00 6.71 1.66
C VAL A 295 -10.88 7.53 2.21
N GLY A 296 -10.89 7.71 3.52
CA GLY A 296 -9.86 8.48 4.15
C GLY A 296 -10.42 9.69 4.85
N LYS A 297 -11.72 9.67 5.09
CA LYS A 297 -12.36 10.74 5.80
C LYS A 297 -12.94 10.23 7.10
N VAL A 298 -12.11 10.28 8.13
CA VAL A 298 -12.38 9.59 9.38
C VAL A 298 -12.96 10.47 10.46
N ASP A 299 -12.76 11.77 10.36
CA ASP A 299 -13.29 12.66 11.35
C ASP A 299 -14.79 12.69 11.21
N GLU A 300 -15.26 12.40 10.01
CA GLU A 300 -16.69 12.31 9.77
C GLU A 300 -17.29 11.09 10.41
N ALA A 301 -16.64 9.95 10.20
CA ALA A 301 -17.17 8.71 10.72
C ALA A 301 -17.30 8.81 12.21
N LEU A 302 -16.34 9.49 12.82
CA LEU A 302 -16.36 9.74 14.25
C LEU A 302 -17.64 10.49 14.59
N ALA A 303 -17.90 11.55 13.83
CA ALA A 303 -19.08 12.34 14.03
C ALA A 303 -20.32 11.47 14.02
N LEU A 304 -20.41 10.54 13.08
CA LEU A 304 -21.58 9.66 13.05
C LEU A 304 -21.59 8.88 14.31
N PHE A 305 -20.41 8.49 14.76
CA PHE A 305 -20.34 7.61 15.88
C PHE A 305 -20.90 8.31 17.10
N ASP A 306 -20.68 9.62 17.16
CA ASP A 306 -21.23 10.42 18.24
C ASP A 306 -22.75 10.40 18.20
N GLN A 307 -23.30 10.26 17.00
CA GLN A 307 -24.76 10.27 16.81
C GLN A 307 -25.39 8.91 17.07
N MET A 308 -24.78 7.85 16.54
CA MET A 308 -25.31 6.50 16.73
C MET A 308 -25.64 6.26 18.20
N LYS A 309 -25.01 7.04 19.08
CA LYS A 309 -25.22 6.90 20.51
C LYS A 309 -26.30 7.87 20.99
N LYS A 310 -26.03 9.17 20.85
CA LYS A 310 -26.97 10.20 21.27
C LYS A 310 -28.28 10.10 20.48
N THR A 311 -28.43 9.02 19.74
CA THR A 311 -29.63 8.78 18.94
C THR A 311 -30.36 7.51 19.37
N GLY A 312 -29.67 6.64 20.10
CA GLY A 312 -30.28 5.42 20.58
C GLY A 312 -29.36 4.21 20.61
N PHE A 313 -29.18 3.58 19.45
CA PHE A 313 -28.36 2.38 19.34
C PHE A 313 -27.07 2.46 20.12
N VAL A 314 -26.77 1.42 20.87
CA VAL A 314 -25.53 1.35 21.65
C VAL A 314 -24.56 0.40 20.99
N PRO A 315 -23.36 0.88 20.66
CA PRO A 315 -22.37 0.04 19.96
C PRO A 315 -21.72 -0.99 20.87
N ASN A 316 -21.41 -2.17 20.32
CA ASN A 316 -20.73 -3.21 21.09
C ASN A 316 -19.22 -3.17 20.88
N VAL A 317 -18.56 -4.31 21.11
CA VAL A 317 -17.12 -4.37 21.00
C VAL A 317 -16.67 -4.45 19.57
N ASN A 318 -17.47 -5.09 18.74
CA ASN A 318 -17.14 -5.23 17.34
C ASN A 318 -17.21 -3.90 16.65
N THR A 319 -18.20 -3.11 17.05
CA THR A 319 -18.36 -1.78 16.52
C THR A 319 -17.22 -0.89 16.96
N TYR A 320 -16.86 -0.98 18.23
CA TYR A 320 -15.77 -0.19 18.77
C TYR A 320 -14.44 -0.54 18.15
N ASN A 321 -14.13 -1.82 18.04
CA ASN A 321 -12.88 -2.25 17.44
C ASN A 321 -12.75 -1.73 16.03
N LEU A 322 -13.89 -1.70 15.36
CA LEU A 322 -13.97 -1.21 14.01
C LEU A 322 -13.48 0.23 14.00
N VAL A 323 -13.98 1.00 14.95
CA VAL A 323 -13.64 2.41 15.02
C VAL A 323 -12.20 2.61 15.42
N LEU A 324 -11.75 1.79 16.35
CA LEU A 324 -10.38 1.86 16.82
C LEU A 324 -9.41 1.57 15.70
N GLY A 325 -9.73 0.58 14.90
CA GLY A 325 -8.88 0.19 13.79
C GLY A 325 -8.65 1.34 12.86
N MET A 326 -9.73 2.06 12.56
CA MET A 326 -9.67 3.24 11.72
C MET A 326 -8.72 4.24 12.32
N LEU A 327 -8.82 4.45 13.62
CA LEU A 327 -7.97 5.39 14.30
C LEU A 327 -6.56 4.88 14.35
N GLY A 328 -6.42 3.57 14.23
CA GLY A 328 -5.12 2.95 14.36
C GLY A 328 -4.20 3.42 13.29
N LYS A 329 -4.71 3.39 12.08
CA LYS A 329 -3.94 3.72 10.93
C LYS A 329 -3.55 5.14 10.92
N LYS A 330 -4.25 5.94 11.73
CA LYS A 330 -3.94 7.36 11.86
C LYS A 330 -3.16 7.54 13.15
N SER A 331 -3.04 6.47 13.91
CA SER A 331 -2.31 6.46 15.15
C SER A 331 -2.78 7.56 16.06
N ARG A 332 -4.08 7.73 16.15
CA ARG A 332 -4.62 8.79 16.99
C ARG A 332 -4.70 8.30 18.42
N PHE A 333 -3.55 8.21 19.06
CA PHE A 333 -3.42 7.63 20.39
C PHE A 333 -4.42 8.13 21.42
N THR A 334 -4.40 9.44 21.70
CA THR A 334 -5.18 9.97 22.80
C THR A 334 -6.67 9.66 22.69
N VAL A 335 -7.20 9.79 21.49
CA VAL A 335 -8.60 9.50 21.23
C VAL A 335 -8.87 8.00 21.30
N MET A 336 -7.92 7.20 20.85
CA MET A 336 -8.03 5.77 20.99
C MET A 336 -8.17 5.40 22.45
N LEU A 337 -7.40 6.06 23.29
CA LEU A 337 -7.44 5.78 24.71
C LEU A 337 -8.72 6.25 25.37
N GLU A 338 -9.16 7.44 25.01
CA GLU A 338 -10.45 7.95 25.45
C GLU A 338 -11.49 6.92 25.14
N MET A 339 -11.41 6.38 23.93
CA MET A 339 -12.42 5.49 23.44
C MET A 339 -12.41 4.17 24.16
N LEU A 340 -11.21 3.73 24.57
CA LEU A 340 -11.07 2.50 25.33
C LEU A 340 -11.71 2.64 26.70
N GLY A 341 -11.63 3.84 27.26
CA GLY A 341 -12.21 4.12 28.55
C GLY A 341 -13.73 4.21 28.48
N GLU A 342 -14.23 4.89 27.49
CA GLU A 342 -15.65 4.99 27.34
C GLU A 342 -16.22 3.63 27.15
N MET A 343 -15.47 2.77 26.48
CA MET A 343 -15.90 1.41 26.34
C MET A 343 -16.15 0.84 27.68
N SER A 344 -15.10 0.67 28.47
CA SER A 344 -15.20 0.00 29.76
C SER A 344 -16.00 0.75 30.80
N ARG A 345 -16.37 1.95 30.47
CA ARG A 345 -17.15 2.75 31.37
C ARG A 345 -18.62 2.65 31.03
N SER A 346 -18.90 2.50 29.74
CA SER A 346 -20.26 2.43 29.26
C SER A 346 -20.70 0.99 29.24
N GLY A 347 -19.76 0.10 29.50
CA GLY A 347 -20.11 -1.30 29.63
C GLY A 347 -19.39 -2.22 28.68
N CYS A 348 -18.93 -1.67 27.56
CA CYS A 348 -18.32 -2.51 26.54
C CYS A 348 -16.93 -2.93 26.95
N THR A 349 -16.80 -4.19 27.33
CA THR A 349 -15.54 -4.70 27.78
C THR A 349 -14.75 -5.26 26.62
N PRO A 350 -13.51 -4.82 26.48
CA PRO A 350 -12.60 -5.15 25.41
C PRO A 350 -12.38 -6.63 25.29
N ASN A 351 -11.92 -7.04 24.12
CA ASN A 351 -11.60 -8.42 23.89
C ASN A 351 -10.21 -8.50 23.32
N ARG A 352 -9.76 -9.71 23.00
CA ARG A 352 -8.41 -9.93 22.48
C ARG A 352 -8.20 -9.20 21.17
N VAL A 353 -9.31 -8.79 20.56
CA VAL A 353 -9.31 -8.12 19.28
C VAL A 353 -9.16 -6.64 19.51
N THR A 354 -9.79 -6.18 20.59
CA THR A 354 -9.70 -4.80 20.98
C THR A 354 -8.28 -4.45 21.30
N TRP A 355 -7.63 -5.25 22.12
CA TRP A 355 -6.26 -4.98 22.51
C TRP A 355 -5.30 -5.04 21.34
N ASN A 356 -5.45 -6.08 20.52
CA ASN A 356 -4.57 -6.30 19.39
C ASN A 356 -4.71 -5.16 18.39
N THR A 357 -5.92 -4.65 18.26
CA THR A 357 -6.19 -3.53 17.40
C THR A 357 -5.43 -2.36 17.98
N MET A 358 -5.49 -2.21 19.29
CA MET A 358 -4.84 -1.08 19.95
C MET A 358 -3.32 -1.11 19.84
N LEU A 359 -2.74 -2.30 19.64
CA LEU A 359 -1.30 -2.40 19.56
C LEU A 359 -0.80 -2.55 18.13
N ALA A 360 -1.73 -2.57 17.20
CA ALA A 360 -1.39 -2.70 15.80
C ALA A 360 -1.22 -1.33 15.22
N VAL A 361 -1.01 -0.34 16.09
CA VAL A 361 -0.97 1.06 15.70
C VAL A 361 0.22 1.39 14.83
N SER A 362 0.09 2.49 14.08
CA SER A 362 1.14 2.93 13.18
C SER A 362 2.25 3.65 13.93
N GLY A 363 3.48 3.21 13.73
CA GLY A 363 4.63 3.83 14.37
C GLY A 363 4.57 5.34 14.31
N LYS A 364 5.10 5.99 15.34
CA LYS A 364 5.08 7.44 15.41
C LYS A 364 5.73 7.94 16.69
N ARG A 365 5.58 9.24 16.95
CA ARG A 365 6.16 9.86 18.14
C ARG A 365 5.24 9.70 19.33
N GLY A 366 5.81 9.30 20.47
CA GLY A 366 5.05 9.13 21.70
C GLY A 366 4.25 7.85 21.73
N MET A 367 4.64 6.90 20.88
CA MET A 367 3.94 5.62 20.80
C MET A 367 4.28 4.72 21.98
N GLU A 368 5.49 4.87 22.51
CA GLU A 368 5.95 4.04 23.61
C GLU A 368 5.08 4.21 24.85
N ASP A 369 4.67 5.44 25.13
CA ASP A 369 3.86 5.71 26.30
C ASP A 369 2.46 5.22 26.07
N TYR A 370 2.04 5.24 24.82
CA TYR A 370 0.73 4.75 24.46
C TYR A 370 0.65 3.29 24.77
N VAL A 371 1.58 2.53 24.24
CA VAL A 371 1.63 1.10 24.46
C VAL A 371 1.69 0.77 25.94
N THR A 372 2.41 1.58 26.68
CA THR A 372 2.48 1.38 28.11
C THR A 372 1.12 1.64 28.70
N ARG A 373 0.42 2.62 28.14
CA ARG A 373 -0.88 2.99 28.67
C ARG A 373 -1.94 1.98 28.32
N VAL A 374 -1.70 1.22 27.26
CA VAL A 374 -2.59 0.16 26.85
C VAL A 374 -2.33 -1.08 27.66
N LEU A 375 -1.06 -1.41 27.79
CA LEU A 375 -0.62 -2.53 28.57
C LEU A 375 -1.03 -2.38 30.03
N GLU A 376 -1.07 -1.13 30.48
CA GLU A 376 -1.51 -0.81 31.82
C GLU A 376 -2.96 -1.21 31.99
N GLY A 377 -3.70 -1.18 30.88
CA GLY A 377 -5.09 -1.55 30.88
C GLY A 377 -5.30 -3.03 30.65
N MET A 378 -4.38 -3.66 29.95
CA MET A 378 -4.45 -5.09 29.75
C MET A 378 -4.24 -5.75 31.09
N ARG A 379 -3.32 -5.21 31.86
CA ARG A 379 -2.99 -5.79 33.12
C ARG A 379 -4.11 -5.65 34.12
N SER A 380 -4.56 -4.42 34.33
CA SER A 380 -5.64 -4.16 35.27
C SER A 380 -6.93 -4.85 34.84
N SER A 381 -7.04 -5.14 33.55
CA SER A 381 -8.22 -5.80 33.00
C SER A 381 -8.26 -7.27 33.41
N GLY A 382 -7.37 -7.66 34.31
CA GLY A 382 -7.30 -9.03 34.77
C GLY A 382 -7.41 -10.03 33.64
N VAL A 383 -6.61 -9.84 32.61
CA VAL A 383 -6.62 -10.73 31.46
C VAL A 383 -5.28 -11.44 31.30
N GLU A 384 -5.25 -12.74 31.58
CA GLU A 384 -4.04 -13.53 31.46
C GLU A 384 -3.38 -13.33 30.10
N LEU A 385 -2.11 -12.93 30.12
CA LEU A 385 -1.37 -12.71 28.90
C LEU A 385 -0.98 -14.03 28.31
N SER A 386 -1.03 -14.14 27.00
CA SER A 386 -0.76 -15.37 26.32
C SER A 386 0.52 -15.22 25.57
N ARG A 387 1.00 -16.31 24.98
CA ARG A 387 2.23 -16.29 24.22
C ARG A 387 2.11 -15.31 23.09
N ASP A 388 0.90 -15.16 22.58
CA ASP A 388 0.67 -14.31 21.43
C ASP A 388 0.75 -12.86 21.82
N THR A 389 0.06 -12.53 22.91
CA THR A 389 -0.01 -11.16 23.40
C THR A 389 1.37 -10.62 23.67
N TYR A 390 2.23 -11.46 24.25
CA TYR A 390 3.59 -11.05 24.51
C TYR A 390 4.29 -10.69 23.23
N ASN A 391 4.15 -11.55 22.22
CA ASN A 391 4.77 -11.32 20.93
C ASN A 391 4.32 -10.00 20.33
N THR A 392 3.08 -9.63 20.60
CA THR A 392 2.57 -8.38 20.11
C THR A 392 3.20 -7.23 20.86
N LEU A 393 3.14 -7.31 22.18
CA LEU A 393 3.69 -6.26 23.03
C LEU A 393 5.16 -6.05 22.75
N ILE A 394 5.90 -7.14 22.59
CA ILE A 394 7.31 -7.03 22.26
C ILE A 394 7.47 -6.34 20.92
N ALA A 395 6.55 -6.61 20.00
CA ALA A 395 6.62 -6.06 18.66
C ALA A 395 6.35 -4.57 18.64
N ALA A 396 5.34 -4.13 19.38
CA ALA A 396 5.01 -2.72 19.45
C ALA A 396 6.09 -1.92 20.14
N TYR A 397 6.54 -2.41 21.30
CA TYR A 397 7.62 -1.77 22.03
C TYR A 397 8.88 -1.79 21.17
N GLY A 398 8.97 -2.78 20.30
CA GLY A 398 10.09 -2.90 19.40
C GLY A 398 9.92 -2.03 18.18
N ARG A 399 8.68 -1.72 17.88
CA ARG A 399 8.34 -0.93 16.71
C ARG A 399 8.54 0.56 16.96
N CYS A 400 8.34 0.99 18.19
CA CYS A 400 8.58 2.36 18.56
C CYS A 400 10.03 2.53 18.94
N GLY A 401 10.67 1.46 19.35
CA GLY A 401 12.08 1.51 19.60
C GLY A 401 12.40 1.46 21.07
N SER A 402 11.42 1.07 21.87
CA SER A 402 11.69 0.97 23.29
C SER A 402 12.41 -0.32 23.56
N ARG A 403 13.67 -0.35 23.20
CA ARG A 403 14.48 -1.53 23.37
C ARG A 403 14.39 -2.02 24.79
N THR A 404 14.44 -1.10 25.72
CA THR A 404 14.45 -1.43 27.12
C THR A 404 13.22 -2.20 27.52
N ASN A 405 12.06 -1.79 27.03
CA ASN A 405 10.80 -2.40 27.43
C ASN A 405 10.47 -3.67 26.69
N ALA A 406 10.96 -3.79 25.47
CA ALA A 406 10.80 -5.01 24.72
C ALA A 406 11.48 -6.16 25.44
N PHE A 407 12.70 -5.94 25.88
CA PHE A 407 13.45 -6.97 26.56
C PHE A 407 12.87 -7.29 27.91
N LYS A 408 12.26 -6.31 28.55
CA LYS A 408 11.60 -6.56 29.81
C LYS A 408 10.38 -7.40 29.55
N MET A 409 9.68 -7.10 28.46
CA MET A 409 8.51 -7.87 28.07
C MET A 409 8.97 -9.27 27.70
N TYR A 410 10.15 -9.33 27.09
CA TYR A 410 10.73 -10.59 26.67
C TYR A 410 10.99 -11.52 27.87
N ASN A 411 11.76 -11.04 28.84
CA ASN A 411 12.08 -11.87 29.99
C ASN A 411 10.85 -12.24 30.76
N GLU A 412 9.83 -11.41 30.63
CA GLU A 412 8.56 -11.68 31.31
C GLU A 412 7.81 -12.76 30.58
N MET A 413 8.12 -12.94 29.31
CA MET A 413 7.47 -13.95 28.50
C MET A 413 8.06 -15.29 28.81
N THR A 414 9.38 -15.31 28.88
CA THR A 414 10.12 -16.54 29.09
C THR A 414 10.19 -16.91 30.55
N SER A 415 9.44 -16.22 31.38
CA SER A 415 9.46 -16.48 32.81
C SER A 415 8.10 -16.91 33.31
N ALA A 416 7.07 -16.53 32.57
CA ALA A 416 5.72 -16.90 32.95
C ALA A 416 5.45 -18.25 32.35
N GLY A 417 6.39 -18.71 31.56
CA GLY A 417 6.33 -20.06 31.03
C GLY A 417 5.86 -20.09 29.61
N PHE A 418 6.29 -19.12 28.82
CA PHE A 418 6.00 -19.17 27.42
C PHE A 418 7.27 -19.32 26.69
N THR A 419 7.19 -19.89 25.49
CA THR A 419 8.37 -20.16 24.72
C THR A 419 8.42 -19.22 23.54
N PRO A 420 9.52 -18.49 23.41
CA PRO A 420 9.74 -17.61 22.28
C PRO A 420 9.65 -18.38 20.99
N CYS A 421 9.26 -17.69 19.93
CA CYS A 421 9.25 -18.24 18.62
C CYS A 421 10.19 -17.40 17.81
N ILE A 422 10.22 -17.58 16.52
CA ILE A 422 11.11 -16.80 15.68
C ILE A 422 10.64 -15.37 15.60
N THR A 423 9.33 -15.17 15.56
CA THR A 423 8.79 -13.83 15.55
C THR A 423 9.26 -13.06 16.78
N THR A 424 9.28 -13.76 17.90
CA THR A 424 9.73 -13.24 19.16
C THR A 424 11.18 -12.78 19.12
N TYR A 425 11.98 -13.45 18.28
CA TYR A 425 13.36 -13.09 18.20
C TYR A 425 13.56 -12.09 17.11
N ASN A 426 12.57 -12.03 16.26
CA ASN A 426 12.64 -11.11 15.18
C ASN A 426 12.27 -9.71 15.60
N ALA A 427 11.27 -9.62 16.45
CA ALA A 427 10.86 -8.36 17.00
C ALA A 427 12.07 -7.72 17.65
N LEU A 428 12.71 -8.49 18.50
CA LEU A 428 13.87 -8.03 19.21
C LEU A 428 14.98 -7.55 18.28
N LEU A 429 15.22 -8.26 17.21
CA LEU A 429 16.28 -7.82 16.35
C LEU A 429 15.90 -6.57 15.59
N ASN A 430 14.62 -6.31 15.47
CA ASN A 430 14.18 -5.13 14.77
C ASN A 430 14.66 -3.90 15.46
N VAL A 431 14.54 -3.91 16.78
CA VAL A 431 14.96 -2.78 17.58
C VAL A 431 16.44 -2.56 17.46
N LEU A 432 17.19 -3.62 17.61
CA LEU A 432 18.60 -3.50 17.57
C LEU A 432 19.02 -2.99 16.24
N SER A 433 18.24 -3.26 15.22
CA SER A 433 18.55 -2.82 13.87
C SER A 433 18.56 -1.33 13.76
N ARG A 434 17.84 -0.66 14.64
CA ARG A 434 17.78 0.78 14.62
C ARG A 434 18.95 1.35 15.38
N GLN A 435 19.46 0.57 16.31
CA GLN A 435 20.52 0.97 17.18
C GLN A 435 21.88 0.56 16.65
N GLY A 436 21.90 -0.45 15.80
CA GLY A 436 23.13 -0.94 15.23
C GLY A 436 23.77 -1.94 16.17
N ASP A 437 23.17 -2.12 17.33
CA ASP A 437 23.70 -2.98 18.36
C ASP A 437 23.78 -4.41 17.88
N TRP A 438 24.72 -4.67 16.98
CA TRP A 438 24.83 -5.97 16.35
C TRP A 438 25.40 -7.01 17.26
N SER A 439 26.18 -6.57 18.23
CA SER A 439 26.82 -7.51 19.13
C SER A 439 25.75 -8.28 19.84
N THR A 440 24.71 -7.59 20.24
CA THR A 440 23.61 -8.25 20.89
C THR A 440 22.82 -9.01 19.85
N ALA A 441 22.83 -8.48 18.63
CA ALA A 441 22.06 -9.09 17.58
C ALA A 441 22.58 -10.46 17.29
N GLN A 442 23.89 -10.59 17.34
CA GLN A 442 24.52 -11.88 17.19
C GLN A 442 24.04 -12.75 18.30
N SER A 443 24.45 -12.43 19.51
CA SER A 443 24.14 -13.20 20.70
C SER A 443 22.72 -13.75 20.75
N ILE A 444 21.85 -13.10 19.98
CA ILE A 444 20.46 -13.48 19.90
C ILE A 444 20.25 -14.58 18.88
N VAL A 445 20.82 -14.39 17.70
CA VAL A 445 20.59 -15.32 16.61
C VAL A 445 21.09 -16.69 16.99
N SER A 446 22.20 -16.72 17.71
CA SER A 446 22.76 -17.95 18.20
C SER A 446 21.77 -18.56 19.16
N LYS A 447 21.18 -17.75 20.02
CA LYS A 447 20.22 -18.26 20.97
C LYS A 447 19.06 -18.80 20.22
N MET A 448 18.71 -18.12 19.13
CA MET A 448 17.65 -18.60 18.25
C MET A 448 18.02 -19.98 17.74
N ARG A 449 19.31 -20.13 17.42
CA ARG A 449 19.86 -21.39 16.94
C ARG A 449 19.89 -22.48 18.01
N THR A 450 20.18 -22.10 19.25
CA THR A 450 20.34 -23.09 20.29
C THR A 450 18.99 -23.50 20.85
N LYS A 451 17.92 -23.02 20.24
CA LYS A 451 16.57 -23.35 20.67
C LYS A 451 15.83 -24.17 19.61
N GLY A 452 16.54 -24.54 18.54
CA GLY A 452 15.94 -25.31 17.48
C GLY A 452 15.24 -24.42 16.50
N PHE A 453 15.78 -23.23 16.31
CA PHE A 453 15.17 -22.29 15.41
C PHE A 453 16.13 -21.91 14.29
N LYS A 454 15.56 -21.68 13.11
CA LYS A 454 16.33 -21.26 11.96
C LYS A 454 15.87 -19.89 11.55
N PRO A 455 16.82 -18.97 11.42
CA PRO A 455 16.60 -17.58 11.04
C PRO A 455 15.87 -17.43 9.72
N ASN A 456 14.88 -16.55 9.69
CA ASN A 456 14.17 -16.27 8.45
C ASN A 456 15.00 -15.33 7.60
N GLU A 457 14.37 -14.77 6.59
CA GLU A 457 14.99 -13.81 5.72
C GLU A 457 15.03 -12.46 6.38
N GLN A 458 13.89 -12.06 6.93
CA GLN A 458 13.79 -10.79 7.61
C GLN A 458 14.77 -10.78 8.75
N SER A 459 14.95 -11.96 9.35
CA SER A 459 15.93 -12.13 10.39
C SER A 459 17.30 -11.80 9.86
N TYR A 460 17.49 -11.98 8.57
CA TYR A 460 18.78 -11.75 7.96
C TYR A 460 18.84 -10.32 7.50
N SER A 461 17.69 -9.73 7.29
CA SER A 461 17.63 -8.35 6.87
C SER A 461 17.88 -7.45 8.06
N LEU A 462 17.24 -7.79 9.17
CA LEU A 462 17.38 -7.04 10.40
C LEU A 462 18.83 -7.05 10.83
N LEU A 463 19.40 -8.23 10.84
CA LEU A 463 20.77 -8.42 11.24
C LEU A 463 21.66 -7.65 10.31
N LEU A 464 21.26 -7.60 9.07
CA LEU A 464 22.04 -6.90 8.09
C LEU A 464 22.00 -5.43 8.42
N GLN A 465 20.79 -4.91 8.56
CA GLN A 465 20.61 -3.51 8.88
C GLN A 465 21.31 -3.22 10.18
N CYS A 466 21.26 -4.17 11.10
CA CYS A 466 21.87 -4.03 12.42
C CYS A 466 23.37 -3.77 12.31
N TYR A 467 24.00 -4.37 11.31
CA TYR A 467 25.44 -4.21 11.15
C TYR A 467 25.74 -2.90 10.48
N ALA A 468 24.78 -2.41 9.74
CA ALA A 468 25.00 -1.22 8.95
C ALA A 468 25.06 0.03 9.81
N LYS A 469 24.12 0.15 10.73
CA LYS A 469 24.04 1.32 11.58
C LYS A 469 25.23 1.36 12.51
N GLY A 470 25.88 0.22 12.66
CA GLY A 470 27.06 0.12 13.49
C GLY A 470 28.30 0.50 12.72
N GLY A 471 28.56 -0.22 11.63
CA GLY A 471 29.75 0.01 10.83
C GLY A 471 30.50 -1.29 10.65
N ASN A 472 29.89 -2.36 11.15
CA ASN A 472 30.47 -3.67 11.12
C ASN A 472 30.40 -4.24 9.73
N VAL A 473 31.49 -4.11 8.99
CA VAL A 473 31.52 -4.53 7.61
C VAL A 473 31.84 -6.00 7.49
N ALA A 474 32.46 -6.56 8.50
CA ALA A 474 32.86 -7.96 8.44
C ALA A 474 31.68 -8.91 8.61
N GLY A 475 30.58 -8.40 9.14
CA GLY A 475 29.39 -9.20 9.33
C GLY A 475 28.50 -9.12 8.11
N ILE A 476 28.66 -8.05 7.36
CA ILE A 476 27.97 -7.93 6.10
C ILE A 476 28.51 -8.97 5.17
N ALA A 477 29.80 -8.85 4.89
CA ALA A 477 30.47 -9.77 4.01
C ALA A 477 30.21 -11.18 4.44
N ALA A 478 30.13 -11.38 5.74
CA ALA A 478 29.83 -12.69 6.28
C ALA A 478 28.44 -13.13 5.90
N ILE A 479 27.62 -12.18 5.48
CA ILE A 479 26.26 -12.49 5.05
C ILE A 479 26.24 -12.70 3.54
N GLU A 480 27.00 -11.89 2.81
CA GLU A 480 27.09 -12.01 1.37
C GLU A 480 27.65 -13.37 0.97
N ASN A 481 28.75 -13.76 1.60
CA ASN A 481 29.37 -15.05 1.33
C ASN A 481 28.42 -16.20 1.59
N GLU A 482 27.57 -16.04 2.59
CA GLU A 482 26.59 -17.06 2.95
C GLU A 482 25.34 -16.94 2.10
N VAL A 483 25.26 -15.87 1.33
CA VAL A 483 24.11 -15.63 0.47
C VAL A 483 24.47 -15.88 -0.99
N TYR A 484 25.72 -15.63 -1.34
CA TYR A 484 26.18 -15.82 -2.71
C TYR A 484 26.68 -17.24 -2.95
N GLY A 485 26.42 -18.14 -2.01
CA GLY A 485 26.84 -19.52 -2.17
C GLY A 485 25.83 -20.49 -1.59
N SER A 486 25.96 -20.77 -0.30
CA SER A 486 25.05 -21.68 0.38
C SER A 486 23.59 -21.29 0.13
N GLY A 487 22.67 -22.11 0.61
CA GLY A 487 21.25 -21.85 0.44
C GLY A 487 20.59 -21.32 1.70
N ALA A 488 21.38 -21.20 2.76
CA ALA A 488 20.87 -20.70 4.03
C ALA A 488 20.00 -19.46 3.82
N VAL A 489 20.41 -18.59 2.91
CA VAL A 489 19.65 -17.38 2.62
C VAL A 489 19.63 -17.09 1.12
N PHE A 490 18.44 -17.20 0.52
CA PHE A 490 18.27 -16.98 -0.91
C PHE A 490 18.36 -15.50 -1.26
N PRO A 491 19.03 -15.16 -2.34
CA PRO A 491 19.13 -13.75 -2.76
C PRO A 491 17.77 -13.19 -3.15
N SER A 492 16.93 -12.87 -2.16
CA SER A 492 15.61 -12.33 -2.46
C SER A 492 15.68 -10.81 -2.65
N TRP A 493 14.86 -10.29 -3.55
CA TRP A 493 14.86 -8.86 -3.82
C TRP A 493 15.09 -8.09 -2.55
N VAL A 494 14.38 -8.49 -1.52
CA VAL A 494 14.51 -7.91 -0.20
C VAL A 494 15.95 -7.96 0.29
N ILE A 495 16.51 -9.15 0.35
CA ILE A 495 17.86 -9.35 0.85
C ILE A 495 18.90 -8.59 0.03
N LEU A 496 18.72 -8.58 -1.28
CA LEU A 496 19.63 -7.84 -2.14
C LEU A 496 19.40 -6.36 -1.99
N ARG A 497 18.20 -6.00 -1.57
CA ARG A 497 17.85 -4.61 -1.36
C ARG A 497 18.54 -4.12 -0.10
N THR A 498 18.41 -4.89 0.95
CA THR A 498 19.01 -4.57 2.22
C THR A 498 20.53 -4.54 2.13
N LEU A 499 21.07 -5.02 1.02
CA LEU A 499 22.51 -5.09 0.85
C LEU A 499 23.08 -3.89 0.13
N VAL A 500 22.36 -3.40 -0.86
CA VAL A 500 22.79 -2.21 -1.57
C VAL A 500 22.84 -1.07 -0.59
N ILE A 501 21.89 -1.08 0.34
CA ILE A 501 21.78 -0.03 1.34
C ILE A 501 22.82 -0.17 2.42
N ALA A 502 23.00 -1.37 2.94
CA ALA A 502 23.89 -1.58 4.06
C ALA A 502 25.33 -1.42 3.68
N ASN A 503 25.60 -1.43 2.38
CA ASN A 503 26.95 -1.26 1.86
C ASN A 503 27.19 0.19 1.50
N PHE A 504 26.10 0.94 1.34
CA PHE A 504 26.22 2.34 1.07
C PHE A 504 26.51 3.02 2.38
N LYS A 505 25.72 2.67 3.38
CA LYS A 505 25.83 3.30 4.67
C LYS A 505 27.21 3.09 5.24
N CYS A 506 27.85 2.01 4.81
CA CYS A 506 29.20 1.69 5.23
C CYS A 506 30.18 1.93 4.10
N ARG A 507 29.72 2.56 3.04
CA ARG A 507 30.56 2.92 1.91
C ARG A 507 31.35 1.75 1.36
N ARG A 508 30.69 0.62 1.16
CA ARG A 508 31.34 -0.51 0.54
C ARG A 508 30.94 -0.61 -0.91
N LEU A 509 31.65 0.12 -1.76
CA LEU A 509 31.36 0.15 -3.18
C LEU A 509 31.37 -1.23 -3.81
N ASP A 510 32.39 -1.99 -3.48
CA ASP A 510 32.56 -3.31 -4.03
C ASP A 510 31.32 -4.12 -3.80
N GLY A 511 30.83 -4.08 -2.57
CA GLY A 511 29.77 -4.97 -2.14
C GLY A 511 28.42 -4.56 -2.63
N MET A 512 28.33 -3.37 -3.21
CA MET A 512 27.08 -2.89 -3.77
C MET A 512 26.99 -3.31 -5.21
N GLU A 513 28.09 -3.16 -5.93
CA GLU A 513 28.13 -3.51 -7.34
C GLU A 513 27.75 -4.96 -7.51
N THR A 514 28.11 -5.78 -6.55
CA THR A 514 27.79 -7.19 -6.58
C THR A 514 26.30 -7.37 -6.43
N ALA A 515 25.68 -6.49 -5.65
CA ALA A 515 24.27 -6.60 -5.35
C ALA A 515 23.45 -6.05 -6.49
N PHE A 516 23.93 -4.94 -7.02
CA PHE A 516 23.34 -4.31 -8.17
C PHE A 516 23.52 -5.24 -9.34
N GLN A 517 24.56 -6.05 -9.26
CA GLN A 517 24.80 -7.07 -10.25
C GLN A 517 23.68 -8.07 -10.21
N GLU A 518 23.54 -8.74 -9.08
CA GLU A 518 22.57 -9.82 -8.94
C GLU A 518 21.14 -9.37 -9.13
N VAL A 519 20.83 -8.18 -8.62
CA VAL A 519 19.51 -7.59 -8.81
C VAL A 519 19.24 -7.47 -10.28
N LYS A 520 20.21 -6.95 -11.01
CA LYS A 520 20.12 -6.82 -12.44
C LYS A 520 20.62 -8.11 -13.05
N ALA A 521 20.28 -9.23 -12.40
CA ALA A 521 20.65 -10.53 -12.90
C ALA A 521 19.70 -11.62 -12.40
N ARG A 522 19.28 -11.52 -11.14
CA ARG A 522 18.33 -12.48 -10.60
C ARG A 522 16.90 -12.18 -11.03
N GLY A 523 16.76 -11.36 -12.05
CA GLY A 523 15.47 -11.08 -12.64
C GLY A 523 14.77 -9.90 -12.02
N TYR A 524 15.50 -9.08 -11.30
CA TYR A 524 14.88 -7.99 -10.59
C TYR A 524 14.89 -6.68 -11.35
N ASN A 525 14.03 -5.80 -10.90
CA ASN A 525 13.76 -4.55 -11.58
C ASN A 525 13.93 -3.47 -10.55
N PRO A 526 15.16 -2.97 -10.43
CA PRO A 526 15.67 -2.07 -9.41
C PRO A 526 14.76 -0.89 -9.13
N ASP A 527 14.86 -0.38 -7.99
CA ASP A 527 14.02 0.72 -7.62
C ASP A 527 14.84 1.96 -7.37
N LEU A 528 14.19 3.10 -7.26
CA LEU A 528 14.88 4.39 -7.21
C LEU A 528 15.87 4.49 -6.07
N VAL A 529 15.55 3.82 -4.98
CA VAL A 529 16.42 3.77 -3.83
C VAL A 529 17.75 3.16 -4.23
N ILE A 530 17.68 2.07 -4.98
CA ILE A 530 18.86 1.37 -5.42
C ILE A 530 19.64 2.17 -6.43
N PHE A 531 18.96 2.68 -7.44
CA PHE A 531 19.61 3.44 -8.47
C PHE A 531 20.38 4.60 -7.87
N ASN A 532 19.67 5.44 -7.13
CA ASN A 532 20.23 6.65 -6.53
C ASN A 532 21.45 6.40 -5.67
N SER A 533 21.34 5.42 -4.80
CA SER A 533 22.44 5.03 -3.94
C SER A 533 23.64 4.72 -4.78
N MET A 534 23.43 4.00 -5.86
CA MET A 534 24.52 3.69 -6.76
C MET A 534 25.06 4.95 -7.37
N LEU A 535 24.19 5.93 -7.55
CA LEU A 535 24.60 7.15 -8.18
C LEU A 535 25.44 7.98 -7.25
N SER A 536 25.08 7.95 -5.97
CA SER A 536 25.78 8.76 -4.99
C SER A 536 27.10 8.16 -4.59
N ILE A 537 27.18 6.84 -4.60
CA ILE A 537 28.41 6.19 -4.25
C ILE A 537 29.45 6.37 -5.34
N TYR A 538 29.02 6.32 -6.59
CA TYR A 538 29.94 6.53 -7.71
C TYR A 538 30.34 7.98 -7.72
N ALA A 539 29.42 8.85 -7.36
CA ALA A 539 29.68 10.26 -7.38
C ALA A 539 30.61 10.62 -6.24
N LYS A 540 30.48 9.92 -5.13
CA LYS A 540 31.34 10.18 -3.99
C LYS A 540 32.79 9.82 -4.29
N ASN A 541 33.00 9.10 -5.38
CA ASN A 541 34.31 8.96 -5.97
C ASN A 541 34.28 9.64 -7.33
N GLY A 542 35.31 9.46 -8.13
CA GLY A 542 35.37 10.19 -9.39
C GLY A 542 34.65 9.44 -10.47
N MET A 543 33.83 8.49 -10.06
CA MET A 543 33.34 7.48 -10.97
C MET A 543 32.29 8.00 -11.90
N TYR A 544 32.71 8.91 -12.77
CA TYR A 544 31.82 9.58 -13.69
C TYR A 544 31.18 8.60 -14.63
N SER A 545 32.02 7.82 -15.28
CA SER A 545 31.58 6.86 -16.29
C SER A 545 30.38 6.06 -15.85
N LYS A 546 30.51 5.37 -14.74
CA LYS A 546 29.44 4.51 -14.26
C LYS A 546 28.26 5.32 -13.83
N ALA A 547 28.51 6.40 -13.13
CA ALA A 547 27.44 7.18 -12.54
C ALA A 547 26.46 7.65 -13.60
N THR A 548 26.97 8.19 -14.68
CA THR A 548 26.12 8.69 -15.75
C THR A 548 25.37 7.53 -16.38
N GLU A 549 25.99 6.36 -16.37
CA GLU A 549 25.36 5.21 -16.96
C GLU A 549 24.20 4.79 -16.09
N VAL A 550 24.33 5.03 -14.80
CA VAL A 550 23.26 4.72 -13.89
C VAL A 550 22.09 5.66 -14.06
N PHE A 551 22.40 6.94 -14.20
CA PHE A 551 21.40 7.96 -14.39
C PHE A 551 20.52 7.70 -15.60
N ASP A 552 21.15 7.38 -16.72
CA ASP A 552 20.40 7.11 -17.92
C ASP A 552 19.63 5.83 -17.74
N SER A 553 20.27 4.88 -17.09
CA SER A 553 19.63 3.61 -16.86
C SER A 553 18.46 3.76 -15.93
N ILE A 554 18.40 4.88 -15.22
CA ILE A 554 17.22 5.20 -14.44
C ILE A 554 16.19 5.60 -15.45
N LYS A 555 16.60 6.44 -16.41
CA LYS A 555 15.69 6.91 -17.45
C LYS A 555 15.18 5.76 -18.31
N ARG A 556 16.11 4.88 -18.70
CA ARG A 556 15.75 3.72 -19.52
C ARG A 556 14.86 2.75 -18.77
N SER A 557 14.79 2.93 -17.45
CA SER A 557 13.97 2.07 -16.60
C SER A 557 12.52 2.52 -16.59
N GLY A 558 12.31 3.83 -16.48
CA GLY A 558 10.97 4.39 -16.45
C GLY A 558 10.58 4.89 -15.08
N LEU A 559 11.51 5.53 -14.39
CA LEU A 559 11.25 6.06 -13.06
C LEU A 559 11.50 7.56 -13.08
N SER A 560 10.99 8.24 -12.07
CA SER A 560 11.13 9.69 -12.02
C SER A 560 12.21 10.09 -11.04
N PRO A 561 13.29 10.69 -11.55
CA PRO A 561 14.41 11.17 -10.76
C PRO A 561 13.95 12.23 -9.77
N ASP A 562 14.11 11.97 -8.48
CA ASP A 562 13.78 12.98 -7.50
C ASP A 562 14.97 13.87 -7.25
N LEU A 563 14.85 14.74 -6.25
CA LEU A 563 15.89 15.72 -5.94
C LEU A 563 17.22 15.04 -5.60
N ILE A 564 17.14 14.00 -4.77
CA ILE A 564 18.31 13.27 -4.34
C ILE A 564 19.04 12.68 -5.53
N THR A 565 18.36 12.51 -6.63
CA THR A 565 19.01 12.02 -7.80
C THR A 565 19.69 13.18 -8.46
N TYR A 566 19.11 14.36 -8.33
CA TYR A 566 19.67 15.52 -8.98
C TYR A 566 20.78 16.13 -8.18
N ASN A 567 20.66 16.05 -6.87
CA ASN A 567 21.70 16.54 -6.02
C ASN A 567 22.95 15.68 -6.14
N SER A 568 22.75 14.38 -6.26
CA SER A 568 23.87 13.47 -6.40
C SER A 568 24.59 13.68 -7.72
N LEU A 569 23.89 14.16 -8.71
CA LEU A 569 24.51 14.37 -10.00
C LEU A 569 25.39 15.59 -9.95
N MET A 570 24.91 16.62 -9.27
CA MET A 570 25.64 17.86 -9.14
C MET A 570 26.92 17.66 -8.34
N ASP A 571 26.87 16.77 -7.36
CA ASP A 571 28.02 16.52 -6.51
C ASP A 571 29.03 15.71 -7.25
N MET A 572 28.58 14.96 -8.22
CA MET A 572 29.48 14.24 -9.09
C MET A 572 30.30 15.21 -9.91
N TYR A 573 29.63 16.17 -10.50
CA TYR A 573 30.27 17.16 -11.33
C TYR A 573 31.17 18.02 -10.50
N ALA A 574 30.73 18.30 -9.29
CA ALA A 574 31.59 18.94 -8.34
C ALA A 574 32.83 18.09 -8.22
N LYS A 575 32.65 16.85 -7.78
CA LYS A 575 33.75 15.93 -7.59
C LYS A 575 34.63 15.83 -8.82
N CYS A 576 34.01 15.84 -10.00
CA CYS A 576 34.76 15.73 -11.23
C CYS A 576 35.29 17.10 -11.63
N SER A 577 35.14 18.06 -10.74
CA SER A 577 35.65 19.41 -10.93
C SER A 577 35.08 20.08 -12.16
N GLU A 578 33.85 19.71 -12.49
CA GLU A 578 33.11 20.42 -13.51
C GLU A 578 31.92 20.99 -12.82
N SER A 579 32.14 22.08 -12.11
CA SER A 579 31.11 22.64 -11.28
C SER A 579 30.23 23.58 -12.06
N TRP A 580 30.63 23.85 -13.28
CA TRP A 580 29.81 24.71 -14.12
C TRP A 580 28.63 23.94 -14.63
N GLU A 581 28.89 22.68 -14.97
CA GLU A 581 27.85 21.80 -15.41
C GLU A 581 26.91 21.54 -14.25
N ALA A 582 27.40 21.74 -13.04
CA ALA A 582 26.59 21.50 -11.87
C ALA A 582 25.53 22.56 -11.74
N GLU A 583 25.82 23.77 -12.21
CA GLU A 583 24.89 24.88 -12.06
C GLU A 583 23.83 24.83 -13.14
N LYS A 584 24.19 24.26 -14.29
CA LYS A 584 23.24 24.10 -15.39
C LYS A 584 22.04 23.27 -14.93
N ILE A 585 22.30 22.31 -14.06
CA ILE A 585 21.23 21.48 -13.51
C ILE A 585 20.45 22.22 -12.46
N LEU A 586 21.13 23.03 -11.67
CA LEU A 586 20.46 23.82 -10.68
C LEU A 586 19.54 24.79 -11.40
N ASN A 587 19.99 25.27 -12.54
CA ASN A 587 19.17 26.12 -13.35
C ASN A 587 18.04 25.31 -13.94
N GLN A 588 18.40 24.14 -14.43
CA GLN A 588 17.44 23.25 -15.05
C GLN A 588 16.37 22.86 -14.06
N LEU A 589 16.70 22.87 -12.78
CA LEU A 589 15.75 22.46 -11.79
C LEU A 589 14.96 23.65 -11.32
N LYS A 590 15.41 24.81 -11.72
CA LYS A 590 14.76 26.01 -11.29
C LYS A 590 13.51 26.21 -12.11
N CYS A 591 13.54 25.68 -13.33
CA CYS A 591 12.42 25.78 -14.24
C CYS A 591 11.77 24.43 -14.49
N SER A 592 12.20 23.43 -13.72
CA SER A 592 11.66 22.09 -13.83
C SER A 592 10.14 22.12 -13.76
N GLN A 593 9.60 23.19 -13.20
CA GLN A 593 8.15 23.34 -13.08
C GLN A 593 7.56 22.28 -12.17
N THR A 594 8.32 21.21 -11.95
CA THR A 594 7.86 20.11 -11.10
C THR A 594 8.82 19.86 -9.93
N MET A 595 10.07 20.30 -10.09
CA MET A 595 11.07 20.10 -9.05
C MET A 595 11.80 21.40 -8.71
N LYS A 596 11.70 21.82 -7.45
CA LYS A 596 12.34 23.04 -6.99
C LYS A 596 13.66 22.76 -6.26
N PRO A 597 14.74 23.33 -6.76
CA PRO A 597 16.06 23.15 -6.14
C PRO A 597 15.97 23.20 -4.62
N ASP A 598 16.73 22.34 -3.95
CA ASP A 598 16.73 22.29 -2.50
C ASP A 598 17.96 22.96 -1.91
N VAL A 599 17.92 23.25 -0.62
CA VAL A 599 19.02 23.89 0.06
C VAL A 599 20.29 23.10 -0.16
N VAL A 600 20.19 21.79 0.00
CA VAL A 600 21.33 20.92 -0.23
C VAL A 600 21.76 21.00 -1.68
N SER A 601 20.83 21.36 -2.55
CA SER A 601 21.14 21.52 -3.96
C SER A 601 22.08 22.68 -4.17
N TYR A 602 21.71 23.82 -3.61
CA TYR A 602 22.51 25.03 -3.74
C TYR A 602 23.90 24.86 -3.16
N ASN A 603 23.99 24.33 -1.95
CA ASN A 603 25.26 24.09 -1.30
C ASN A 603 26.15 23.24 -2.15
N THR A 604 25.56 22.21 -2.71
CA THR A 604 26.29 21.23 -3.48
C THR A 604 26.92 21.90 -4.64
N VAL A 605 26.25 22.93 -5.13
CA VAL A 605 26.74 23.71 -6.26
C VAL A 605 27.83 24.68 -5.83
N ILE A 606 27.63 25.36 -4.72
CA ILE A 606 28.61 26.31 -4.22
C ILE A 606 29.92 25.65 -3.89
N ASN A 607 29.85 24.55 -3.16
CA ASN A 607 31.04 23.80 -2.77
C ASN A 607 31.85 23.39 -4.00
N GLY A 608 31.15 22.95 -5.05
CA GLY A 608 31.80 22.57 -6.28
C GLY A 608 32.68 23.64 -6.88
N PHE A 609 32.34 24.90 -6.65
CA PHE A 609 33.17 25.98 -7.07
C PHE A 609 34.29 26.12 -6.08
N CYS A 610 33.91 26.43 -4.86
CA CYS A 610 34.85 26.52 -3.75
C CYS A 610 35.87 25.37 -3.68
N LYS A 611 35.52 24.23 -4.23
CA LYS A 611 36.45 23.11 -4.25
C LYS A 611 37.51 23.30 -5.31
N GLN A 612 37.16 23.97 -6.41
CA GLN A 612 38.13 24.22 -7.46
C GLN A 612 38.45 25.70 -7.58
N GLY A 613 37.82 26.49 -6.72
CA GLY A 613 38.08 27.91 -6.69
C GLY A 613 36.94 28.70 -7.26
N LEU A 614 37.25 29.89 -7.76
CA LEU A 614 36.24 30.77 -8.29
C LEU A 614 35.19 30.98 -7.22
N VAL A 615 35.58 31.57 -6.12
CA VAL A 615 34.67 31.78 -5.04
C VAL A 615 33.83 33.02 -5.32
N LYS A 616 34.30 33.83 -6.25
CA LYS A 616 33.49 34.96 -6.68
C LYS A 616 32.28 34.42 -7.39
N GLU A 617 32.41 33.22 -7.94
CA GLU A 617 31.29 32.52 -8.54
C GLU A 617 30.46 31.96 -7.46
N ALA A 618 31.10 31.43 -6.45
CA ALA A 618 30.36 30.89 -5.35
C ALA A 618 29.43 31.96 -4.81
N GLN A 619 29.92 33.19 -4.75
CA GLN A 619 29.09 34.31 -4.29
C GLN A 619 27.96 34.50 -5.27
N ARG A 620 28.22 34.28 -6.55
CA ARG A 620 27.22 34.47 -7.59
C ARG A 620 25.97 33.61 -7.34
N VAL A 621 26.20 32.38 -6.91
CA VAL A 621 25.13 31.45 -6.65
C VAL A 621 24.38 31.84 -5.40
N LEU A 622 25.13 32.15 -4.35
CA LEU A 622 24.55 32.52 -3.08
C LEU A 622 23.65 33.72 -3.26
N SER A 623 24.06 34.61 -4.15
CA SER A 623 23.31 35.82 -4.39
C SER A 623 21.88 35.48 -4.75
N GLU A 624 21.72 34.83 -5.89
CA GLU A 624 20.42 34.47 -6.41
C GLU A 624 19.66 33.60 -5.42
N MET A 625 20.38 32.75 -4.70
CA MET A 625 19.76 31.89 -3.75
C MET A 625 18.92 32.74 -2.88
N VAL A 626 19.51 33.81 -2.39
CA VAL A 626 18.75 34.73 -1.58
C VAL A 626 17.72 35.46 -2.42
N ALA A 627 18.00 35.62 -3.70
CA ALA A 627 17.08 36.31 -4.58
C ALA A 627 15.82 35.48 -4.78
N ASP A 628 16.00 34.16 -4.76
CA ASP A 628 14.89 33.24 -4.92
C ASP A 628 14.33 32.96 -3.56
N GLY A 629 14.32 33.94 -2.71
CA GLY A 629 13.97 33.71 -1.33
C GLY A 629 15.08 32.85 -0.77
N MET A 630 14.77 31.60 -0.50
CA MET A 630 15.75 30.61 -0.08
C MET A 630 16.68 31.07 1.04
N ALA A 631 16.42 30.61 2.25
CA ALA A 631 17.20 31.04 3.40
C ALA A 631 18.26 30.03 3.73
N PRO A 632 19.53 30.36 3.46
CA PRO A 632 20.72 29.54 3.66
C PRO A 632 20.88 28.97 5.06
N CYS A 633 21.71 27.94 5.17
CA CYS A 633 21.94 27.25 6.43
C CYS A 633 23.37 27.45 6.88
N ALA A 634 23.75 26.76 7.95
CA ALA A 634 25.10 26.86 8.47
C ALA A 634 26.08 26.32 7.46
N VAL A 635 25.82 25.09 7.02
CA VAL A 635 26.63 24.40 6.05
C VAL A 635 26.89 25.28 4.86
N THR A 636 25.83 25.97 4.45
CA THR A 636 25.88 26.90 3.37
C THR A 636 27.04 27.84 3.56
N TYR A 637 27.23 28.26 4.80
CA TYR A 637 28.24 29.25 5.09
C TYR A 637 29.57 28.59 5.41
N HIS A 638 29.51 27.46 6.10
CA HIS A 638 30.72 26.73 6.46
C HIS A 638 31.50 26.36 5.21
N THR A 639 30.76 26.13 4.12
CA THR A 639 31.36 25.78 2.84
C THR A 639 31.96 27.01 2.19
N LEU A 640 31.22 28.11 2.21
CA LEU A 640 31.68 29.36 1.62
C LEU A 640 33.02 29.77 2.22
N VAL A 641 33.17 29.56 3.52
CA VAL A 641 34.41 29.91 4.21
C VAL A 641 35.57 29.03 3.75
N GLY A 642 35.26 27.77 3.46
CA GLY A 642 36.27 26.83 3.01
C GLY A 642 37.19 27.42 1.97
N GLY A 643 36.62 27.89 0.86
CA GLY A 643 37.38 28.49 -0.20
C GLY A 643 38.05 29.79 0.22
N TYR A 644 37.30 30.63 0.91
CA TYR A 644 37.82 31.92 1.39
C TYR A 644 38.82 31.72 2.52
N SER A 645 38.80 30.53 3.11
CA SER A 645 39.71 30.21 4.21
C SER A 645 41.04 29.68 3.70
N SER A 646 40.99 28.96 2.59
CA SER A 646 42.18 28.39 1.99
C SER A 646 42.32 28.83 0.57
N LEU A 647 42.51 30.13 0.39
CA LEU A 647 42.72 30.65 -0.94
C LEU A 647 43.48 31.94 -0.88
N GLU A 648 44.58 31.94 -0.18
CA GLU A 648 45.40 33.13 0.00
C GLU A 648 44.57 34.32 0.49
N MET A 649 43.39 34.03 1.02
CA MET A 649 42.46 35.06 1.45
C MET A 649 41.93 34.75 2.85
N PHE A 650 41.92 35.77 3.69
CA PHE A 650 41.45 35.63 5.07
C PHE A 650 40.57 36.81 5.48
N SER A 651 40.75 37.94 4.80
CA SER A 651 39.98 39.13 5.10
C SER A 651 38.51 38.97 4.69
N GLU A 652 38.25 37.95 3.87
CA GLU A 652 36.89 37.68 3.42
C GLU A 652 36.22 36.61 4.28
N ALA A 653 36.94 35.52 4.53
CA ALA A 653 36.42 34.43 5.33
C ALA A 653 36.15 34.89 6.75
N ARG A 654 36.65 36.07 7.09
CA ARG A 654 36.36 36.64 8.40
C ARG A 654 35.10 37.47 8.30
N GLU A 655 34.97 38.17 7.18
CA GLU A 655 33.83 39.02 6.90
C GLU A 655 32.60 38.17 6.65
N VAL A 656 32.83 36.96 6.17
CA VAL A 656 31.75 36.05 5.87
C VAL A 656 31.17 35.49 7.16
N ILE A 657 32.03 35.35 8.17
CA ILE A 657 31.61 34.81 9.46
C ILE A 657 30.56 35.70 10.11
N GLY A 658 30.77 37.02 10.03
CA GLY A 658 29.85 37.98 10.61
C GLY A 658 28.46 37.86 10.03
N TYR A 659 28.25 36.84 9.21
CA TYR A 659 26.95 36.62 8.59
C TYR A 659 26.22 35.44 9.22
N MET A 660 26.82 34.86 10.26
CA MET A 660 26.27 33.69 10.92
C MET A 660 25.59 34.06 12.24
N VAL A 661 26.39 34.46 13.22
CA VAL A 661 25.88 34.83 14.51
C VAL A 661 25.14 36.13 14.37
N GLN A 662 25.66 37.01 13.52
CA GLN A 662 25.00 38.27 13.23
C GLN A 662 23.69 38.01 12.51
N HIS A 663 23.52 36.76 12.11
CA HIS A 663 22.27 36.32 11.53
C HIS A 663 21.84 35.07 12.27
N GLY A 664 22.32 34.96 13.50
CA GLY A 664 21.89 33.94 14.44
C GLY A 664 21.76 32.54 13.90
N LEU A 665 22.78 32.10 13.18
CA LEU A 665 22.77 30.75 12.65
C LEU A 665 23.74 29.84 13.36
N LYS A 666 24.76 30.41 13.95
CA LYS A 666 25.70 29.66 14.80
C LYS A 666 26.53 28.62 14.05
N PRO A 667 27.83 28.88 13.89
CA PRO A 667 28.79 27.96 13.28
C PRO A 667 29.01 26.71 14.11
N MET A 668 30.10 26.01 13.84
CA MET A 668 30.25 24.68 14.37
C MET A 668 31.64 24.08 14.24
N GLU A 669 31.77 22.83 14.67
CA GLU A 669 33.07 22.22 14.87
C GLU A 669 33.83 22.06 13.56
N LEU A 670 33.17 21.65 12.51
CA LEU A 670 33.94 21.45 11.31
C LEU A 670 34.37 22.80 10.81
N THR A 671 33.65 23.83 11.22
CA THR A 671 33.97 25.17 10.74
C THR A 671 35.36 25.61 11.20
N TYR A 672 35.40 26.21 12.38
CA TYR A 672 36.62 26.69 13.01
C TYR A 672 37.83 25.80 12.76
N ARG A 673 37.61 24.50 12.76
CA ARG A 673 38.67 23.56 12.45
C ARG A 673 39.31 23.83 11.09
N ARG A 674 38.57 24.50 10.22
CA ARG A 674 39.05 24.83 8.89
C ARG A 674 39.71 26.21 8.89
N VAL A 675 39.47 26.96 9.96
CA VAL A 675 40.03 28.30 10.10
C VAL A 675 41.44 28.25 10.68
N VAL A 676 41.64 27.43 11.70
CA VAL A 676 42.94 27.30 12.34
C VAL A 676 43.90 26.50 11.45
N GLU A 677 43.42 25.35 10.97
CA GLU A 677 44.25 24.47 10.14
C GLU A 677 44.67 25.19 8.86
N SER A 678 43.73 25.88 8.24
CA SER A 678 44.01 26.58 6.98
C SER A 678 44.88 27.81 7.20
N TYR A 679 44.65 28.49 8.31
CA TYR A 679 45.43 29.69 8.65
C TYR A 679 46.77 29.33 9.27
N CYS A 680 46.79 28.23 10.01
CA CYS A 680 48.01 27.78 10.67
C CYS A 680 48.80 26.83 9.77
N ARG A 681 48.68 27.19 8.48
CA ARG A 681 49.39 26.38 7.50
C ARG A 681 49.52 27.10 6.16
N ALA A 682 48.81 28.21 6.03
CA ALA A 682 48.84 28.98 4.79
C ALA A 682 50.27 29.17 4.30
N PHE A 685 51.04 32.80 10.06
CA PHE A 685 51.03 32.14 11.35
C PHE A 685 50.46 33.05 12.43
N GLU A 686 51.31 33.94 12.94
CA GLU A 686 50.89 34.89 13.99
C GLU A 686 49.56 35.52 13.62
N GLU A 687 49.41 35.92 12.36
CA GLU A 687 48.18 36.51 11.88
C GLU A 687 47.03 35.52 12.02
N ALA A 688 47.33 34.36 12.61
CA ALA A 688 46.33 33.33 12.82
C ALA A 688 46.03 33.23 14.31
N ARG A 689 47.05 33.51 15.12
CA ARG A 689 46.91 33.45 16.57
C ARG A 689 45.86 34.45 17.06
N GLY A 690 46.07 35.72 16.72
CA GLY A 690 45.15 36.76 17.13
C GLY A 690 43.73 36.50 16.67
N PHE A 691 43.60 35.72 15.59
CA PHE A 691 42.29 35.39 15.05
C PHE A 691 41.55 34.39 15.93
N LEU A 692 42.30 33.45 16.49
CA LEU A 692 41.70 32.43 17.37
C LEU A 692 41.51 32.97 18.78
N SER A 693 42.29 33.99 19.13
CA SER A 693 42.19 34.61 20.45
C SER A 693 40.91 35.41 20.60
N GLU A 694 40.29 35.75 19.46
CA GLU A 694 39.06 36.53 19.46
C GLU A 694 37.99 35.85 20.30
N VAL A 695 38.29 34.65 20.77
CA VAL A 695 37.34 33.89 21.59
C VAL A 695 38.07 33.00 22.59
N LYS A 705 38.65 24.57 23.03
CA LYS A 705 39.28 23.59 23.90
C LYS A 705 39.99 22.55 23.07
N ALA A 706 39.20 21.71 22.41
CA ALA A 706 39.71 20.61 21.62
C ALA A 706 40.54 21.09 20.43
N LEU A 707 40.32 22.33 20.05
CA LEU A 707 41.04 22.96 18.94
C LEU A 707 42.34 23.53 19.46
N GLU A 708 42.29 24.31 20.53
CA GLU A 708 43.43 25.11 20.92
C GLU A 708 44.56 24.25 21.40
N ALA A 709 44.49 22.94 21.14
CA ALA A 709 45.64 22.07 21.23
C ALA A 709 46.24 21.80 19.86
N TYR A 710 45.49 22.07 18.78
CA TYR A 710 46.04 21.96 17.42
C TYR A 710 47.03 23.07 17.25
N ILE A 711 46.60 24.26 17.68
CA ILE A 711 47.45 25.45 17.60
C ILE A 711 48.67 25.21 18.46
N GLU A 712 48.45 24.52 19.58
CA GLU A 712 49.54 24.10 20.44
C GLU A 712 50.33 23.02 19.73
N ASP A 713 49.65 22.14 19.04
CA ASP A 713 50.37 21.12 18.34
C ASP A 713 51.25 21.70 17.27
N ALA A 714 50.79 22.74 16.59
CA ALA A 714 51.61 23.34 15.55
C ALA A 714 52.84 24.02 16.15
N LEU B 4 45.74 8.91 25.87
CA LEU B 4 46.57 9.54 26.91
C LEU B 4 47.58 8.55 27.47
N SER B 5 47.22 7.89 28.58
CA SER B 5 48.09 6.92 29.22
C SER B 5 48.17 5.63 28.43
N PRO B 6 49.39 5.17 28.17
CA PRO B 6 49.64 3.94 27.42
C PRO B 6 48.94 2.75 28.05
N ASP B 7 48.88 2.74 29.37
CA ASP B 7 48.17 1.70 30.09
C ASP B 7 46.68 1.85 29.86
N ALA B 8 46.23 3.08 29.72
CA ALA B 8 44.82 3.35 29.60
C ALA B 8 44.34 3.15 28.18
N GLN B 9 45.24 3.34 27.24
CA GLN B 9 44.91 3.07 25.87
C GLN B 9 44.76 1.62 25.60
N VAL B 10 45.50 0.81 26.32
CA VAL B 10 45.43 -0.63 26.22
C VAL B 10 44.13 -1.08 26.82
N LEU B 11 43.77 -0.46 27.93
CA LEU B 11 42.53 -0.78 28.59
C LEU B 11 41.34 -0.46 27.71
N VAL B 12 41.38 0.69 27.06
CA VAL B 12 40.32 1.12 26.17
C VAL B 12 40.16 0.20 24.97
N LEU B 13 41.26 -0.13 24.34
CA LEU B 13 41.23 -1.03 23.20
C LEU B 13 40.66 -2.37 23.63
N ALA B 14 40.97 -2.77 24.85
CA ALA B 14 40.54 -4.04 25.36
C ALA B 14 39.07 -4.05 25.64
N ILE B 15 38.50 -2.88 25.86
CA ILE B 15 37.10 -2.75 26.17
C ILE B 15 36.27 -2.70 24.91
N SER B 16 36.75 -1.96 23.92
CA SER B 16 36.02 -1.79 22.68
C SER B 16 36.09 -3.00 21.79
N SER B 17 36.80 -4.01 22.23
CA SER B 17 36.96 -5.16 21.43
C SER B 17 36.13 -6.23 22.00
N HIS B 18 35.84 -6.13 23.28
CA HIS B 18 35.05 -7.13 23.98
C HIS B 18 33.58 -7.07 23.57
N PRO B 19 32.99 -8.25 23.42
CA PRO B 19 31.56 -8.38 23.12
C PRO B 19 30.76 -7.65 24.18
N LEU B 20 29.56 -7.24 23.83
CA LEU B 20 28.72 -6.46 24.72
C LEU B 20 27.99 -7.22 25.84
N PRO B 21 27.57 -8.44 25.56
CA PRO B 21 26.81 -9.23 26.54
C PRO B 21 27.64 -9.70 27.74
N THR B 22 28.94 -9.84 27.54
CA THR B 22 29.83 -10.34 28.57
C THR B 22 30.59 -9.23 29.28
N LEU B 23 30.46 -8.02 28.77
CA LEU B 23 31.33 -6.93 29.15
C LEU B 23 31.32 -6.57 30.62
N ALA B 24 30.17 -6.66 31.26
CA ALA B 24 30.05 -6.29 32.66
C ALA B 24 30.80 -7.22 33.57
N ALA B 25 30.81 -8.50 33.22
CA ALA B 25 31.54 -9.48 34.01
C ALA B 25 33.01 -9.28 33.75
N PHE B 26 33.32 -8.54 32.70
CA PHE B 26 34.68 -8.27 32.37
C PHE B 26 35.17 -7.05 33.09
N LEU B 27 34.36 -6.00 33.05
CA LEU B 27 34.73 -4.76 33.70
C LEU B 27 34.92 -4.96 35.18
N ALA B 28 34.25 -5.96 35.72
CA ALA B 28 34.34 -6.23 37.14
C ALA B 28 35.71 -6.73 37.44
N SER B 29 36.20 -7.62 36.57
CA SER B 29 37.52 -8.23 36.74
C SER B 29 38.62 -7.16 36.74
N ARG B 30 38.31 -6.01 36.17
CA ARG B 30 39.27 -4.92 36.11
C ARG B 30 38.80 -3.81 36.98
N ARG B 31 38.07 -4.14 38.03
CA ARG B 31 37.47 -3.15 38.92
C ARG B 31 38.51 -2.16 39.39
N ASP B 32 39.43 -2.64 40.21
CA ASP B 32 40.45 -1.79 40.79
C ASP B 32 41.24 -1.05 39.73
N GLU B 33 41.48 -1.72 38.62
CA GLU B 33 42.20 -1.12 37.52
C GLU B 33 41.44 0.06 36.95
N LEU B 34 40.12 -0.05 36.95
CA LEU B 34 39.29 0.98 36.38
C LEU B 34 39.12 2.15 37.31
N LEU B 35 38.85 1.85 38.57
CA LEU B 35 38.62 2.89 39.57
C LEU B 35 39.74 3.90 39.66
N ARG B 36 40.96 3.44 39.41
CA ARG B 36 42.13 4.29 39.54
C ARG B 36 42.29 5.20 38.35
N ALA B 37 41.51 4.94 37.32
CA ALA B 37 41.67 5.67 36.09
C ALA B 37 40.65 6.77 35.95
N ASP B 38 40.64 7.39 34.79
CA ASP B 38 39.70 8.45 34.49
C ASP B 38 38.67 7.94 33.51
N ILE B 39 37.57 7.43 34.04
CA ILE B 39 36.48 6.88 33.25
C ILE B 39 36.05 7.86 32.20
N THR B 40 35.93 9.11 32.62
CA THR B 40 35.54 10.18 31.75
C THR B 40 36.46 10.22 30.54
N SER B 41 37.72 9.89 30.78
CA SER B 41 38.68 9.84 29.72
C SER B 41 38.57 8.54 28.95
N LEU B 42 38.12 7.50 29.61
CA LEU B 42 37.91 6.24 28.93
C LEU B 42 36.64 6.33 28.12
N LEU B 43 35.61 6.95 28.69
CA LEU B 43 34.34 7.08 28.01
C LEU B 43 34.52 7.87 26.74
N LYS B 44 35.26 8.95 26.87
CA LYS B 44 35.54 9.81 25.76
C LYS B 44 36.29 9.08 24.67
N ALA B 45 37.33 8.35 25.06
CA ALA B 45 38.13 7.58 24.12
C ALA B 45 37.30 6.48 23.50
N LEU B 46 36.35 5.96 24.27
CA LEU B 46 35.45 4.92 23.78
C LEU B 46 34.34 5.52 22.93
N GLU B 47 34.30 6.84 22.87
CA GLU B 47 33.28 7.53 22.08
C GLU B 47 33.87 8.03 20.78
N LEU B 48 35.13 8.45 20.83
CA LEU B 48 35.79 8.91 19.63
C LEU B 48 35.91 7.73 18.70
N SER B 49 36.29 6.59 19.26
CA SER B 49 36.52 5.41 18.45
C SER B 49 35.25 4.91 17.78
N GLY B 50 34.12 5.52 18.11
CA GLY B 50 32.85 5.19 17.52
C GLY B 50 32.08 4.17 18.32
N HIS B 51 32.53 3.91 19.53
CA HIS B 51 31.91 2.89 20.34
C HIS B 51 31.09 3.52 21.42
N TRP B 52 29.99 4.13 21.05
CA TRP B 52 29.18 4.84 22.02
C TRP B 52 28.48 3.91 22.99
N GLU B 53 28.28 2.67 22.56
CA GLU B 53 27.54 1.70 23.34
C GLU B 53 28.43 0.99 24.36
N TRP B 54 29.73 1.14 24.20
CA TRP B 54 30.69 0.57 25.12
C TRP B 54 30.97 1.51 26.27
N ALA B 55 30.95 2.79 25.99
CA ALA B 55 31.01 3.80 27.04
C ALA B 55 29.77 3.69 27.88
N LEU B 56 28.66 3.43 27.22
CA LEU B 56 27.40 3.26 27.89
C LEU B 56 27.52 2.18 28.92
N ALA B 57 28.08 1.05 28.53
CA ALA B 57 28.20 -0.08 29.40
C ALA B 57 29.12 0.24 30.55
N LEU B 58 30.11 1.05 30.25
CA LEU B 58 31.09 1.43 31.23
C LEU B 58 30.47 2.33 32.25
N LEU B 59 29.70 3.29 31.78
CA LEU B 59 29.00 4.22 32.66
C LEU B 59 28.12 3.50 33.64
N ARG B 60 27.24 2.66 33.10
CA ARG B 60 26.33 1.88 33.91
C ARG B 60 27.11 1.04 34.91
N TRP B 61 28.31 0.64 34.52
CA TRP B 61 29.10 -0.18 35.42
C TRP B 61 29.61 0.65 36.57
N ALA B 62 30.07 1.84 36.25
CA ALA B 62 30.72 2.71 37.22
C ALA B 62 29.71 3.32 38.16
N GLY B 63 28.53 3.62 37.63
CA GLY B 63 27.45 4.11 38.45
C GLY B 63 27.14 3.11 39.53
N LYS B 64 27.25 1.84 39.20
CA LYS B 64 26.94 0.78 40.13
C LYS B 64 28.09 0.58 41.06
N GLU B 65 29.07 1.45 40.97
CA GLU B 65 30.29 1.30 41.71
C GLU B 65 30.60 2.58 42.45
N GLY B 66 30.13 3.69 41.91
CA GLY B 66 30.22 4.95 42.62
C GLY B 66 31.23 5.87 41.99
N ALA B 67 31.73 5.48 40.82
CA ALA B 67 32.80 6.22 40.20
C ALA B 67 32.31 6.97 38.99
N ALA B 68 31.00 7.04 38.84
CA ALA B 68 30.41 7.84 37.79
C ALA B 68 30.05 9.19 38.36
N ASP B 69 30.45 10.25 37.68
CA ASP B 69 30.11 11.59 38.10
C ASP B 69 29.23 12.26 37.08
N ALA B 70 28.97 13.54 37.30
CA ALA B 70 28.11 14.26 36.40
C ALA B 70 28.76 14.32 35.05
N SER B 71 30.07 14.52 35.06
CA SER B 71 30.80 14.71 33.82
C SER B 71 30.89 13.44 33.02
N ALA B 72 30.85 12.31 33.70
CA ALA B 72 30.85 11.03 33.03
C ALA B 72 29.57 10.91 32.25
N LEU B 73 28.46 11.02 32.95
CA LEU B 73 27.15 10.98 32.35
C LEU B 73 26.99 12.02 31.24
N GLU B 74 27.35 13.26 31.54
CA GLU B 74 27.19 14.35 30.58
C GLU B 74 27.85 14.05 29.27
N MET B 75 28.82 13.16 29.28
CA MET B 75 29.61 12.85 28.12
C MET B 75 28.93 11.84 27.26
N VAL B 76 28.28 10.93 27.91
CA VAL B 76 27.60 9.90 27.21
C VAL B 76 26.36 10.47 26.61
N VAL B 77 25.69 11.31 27.38
CA VAL B 77 24.42 11.85 26.94
C VAL B 77 24.57 12.64 25.66
N ARG B 78 25.54 13.54 25.63
CA ARG B 78 25.79 14.34 24.45
C ARG B 78 26.06 13.45 23.24
N ALA B 79 26.62 12.28 23.51
CA ALA B 79 26.94 11.32 22.47
C ALA B 79 25.70 10.60 22.03
N LEU B 80 24.80 10.36 22.96
CA LEU B 80 23.62 9.59 22.67
C LEU B 80 22.63 10.37 21.86
N GLY B 81 22.60 11.66 22.06
CA GLY B 81 21.63 12.49 21.37
C GLY B 81 22.03 12.90 19.97
N ARG B 82 23.33 13.00 19.75
CA ARG B 82 23.85 13.32 18.45
C ARG B 82 23.71 12.08 17.62
N GLU B 83 23.84 10.95 18.28
CA GLU B 83 23.71 9.66 17.65
C GLU B 83 22.25 9.31 17.54
N GLY B 84 21.46 9.83 18.48
CA GLY B 84 20.01 9.73 18.42
C GLY B 84 19.40 8.56 19.14
N GLN B 85 20.00 8.18 20.26
CA GLN B 85 19.54 7.01 20.99
C GLN B 85 18.76 7.42 22.21
N HIS B 86 17.55 7.88 21.95
CA HIS B 86 16.69 8.41 22.98
C HIS B 86 16.37 7.38 24.01
N ASP B 87 16.33 6.13 23.61
CA ASP B 87 15.92 5.11 24.55
C ASP B 87 16.97 4.97 25.60
N ALA B 88 18.22 5.07 25.17
CA ALA B 88 19.32 4.90 26.08
C ALA B 88 19.38 6.06 27.03
N VAL B 89 19.08 7.24 26.51
CA VAL B 89 19.01 8.43 27.33
C VAL B 89 17.98 8.23 28.43
N CYS B 90 16.83 7.74 28.05
CA CYS B 90 15.72 7.64 28.98
C CYS B 90 16.00 6.61 30.05
N ALA B 91 16.92 5.71 29.78
CA ALA B 91 17.20 4.61 30.69
C ALA B 91 18.27 4.98 31.67
N LEU B 92 19.16 5.88 31.26
CA LEU B 92 20.14 6.41 32.16
C LEU B 92 19.46 7.25 33.21
N LEU B 93 18.27 7.73 32.86
CA LEU B 93 17.48 8.57 33.74
C LEU B 93 16.60 7.73 34.63
N ASP B 94 16.25 6.53 34.18
CA ASP B 94 15.38 5.70 34.95
C ASP B 94 16.18 4.80 35.83
N GLU B 95 17.43 4.60 35.49
CA GLU B 95 18.36 3.87 36.32
C GLU B 95 19.60 4.67 36.48
N THR B 96 19.55 5.66 37.35
CA THR B 96 20.60 6.65 37.43
C THR B 96 21.92 6.13 37.94
N PRO B 97 22.98 6.48 37.23
CA PRO B 97 24.34 6.07 37.56
C PRO B 97 24.95 7.14 38.42
N LEU B 98 24.12 8.03 38.95
CA LEU B 98 24.59 9.16 39.73
C LEU B 98 24.50 8.92 41.22
N PRO B 99 25.46 9.48 41.96
CA PRO B 99 25.46 9.51 43.40
C PRO B 99 24.66 10.70 43.85
N PRO B 100 24.10 10.59 45.06
CA PRO B 100 23.18 11.55 45.67
C PRO B 100 23.20 12.92 45.02
N GLY B 101 24.19 13.73 45.35
CA GLY B 101 24.12 15.13 44.99
C GLY B 101 23.80 15.25 43.53
N SER B 102 24.82 15.50 42.73
CA SER B 102 24.76 15.31 41.29
C SER B 102 23.81 16.24 40.57
N ARG B 103 24.37 17.28 39.97
CA ARG B 103 23.60 18.17 39.14
C ARG B 103 24.22 18.11 37.76
N LEU B 104 23.41 18.32 36.73
CA LEU B 104 23.91 18.21 35.37
C LEU B 104 23.95 19.51 34.62
N ASP B 105 24.70 19.51 33.53
CA ASP B 105 24.77 20.63 32.63
C ASP B 105 23.42 20.81 31.97
N VAL B 106 23.15 22.02 31.56
CA VAL B 106 21.88 22.36 31.01
C VAL B 106 21.64 21.57 29.75
N ARG B 107 22.61 21.59 28.87
CA ARG B 107 22.55 20.92 27.58
C ARG B 107 22.13 19.48 27.75
N ALA B 108 22.61 18.85 28.81
CA ALA B 108 22.36 17.44 29.02
C ALA B 108 20.93 17.20 29.47
N TYR B 109 20.44 18.04 30.36
CA TYR B 109 19.07 17.94 30.82
C TYR B 109 18.14 18.11 29.64
N THR B 110 18.47 19.02 28.75
CA THR B 110 17.59 19.27 27.61
C THR B 110 17.63 18.13 26.60
N THR B 111 18.68 17.32 26.65
CA THR B 111 18.75 16.15 25.80
C THR B 111 17.86 15.03 26.30
N VAL B 112 17.73 14.96 27.62
CA VAL B 112 16.91 13.96 28.26
C VAL B 112 15.46 14.33 28.16
N LEU B 113 15.18 15.61 28.30
CA LEU B 113 13.83 16.08 28.13
C LEU B 113 13.36 15.75 26.74
N HIS B 114 14.24 15.87 25.78
CA HIS B 114 13.88 15.59 24.40
C HIS B 114 13.73 14.11 24.16
N ALA B 115 14.32 13.33 25.03
CA ALA B 115 14.29 11.89 24.87
C ALA B 115 12.98 11.36 25.39
N LEU B 116 12.52 11.92 26.49
CA LEU B 116 11.26 11.54 27.06
C LEU B 116 10.14 11.98 26.15
N SER B 117 10.28 13.18 25.61
CA SER B 117 9.31 13.72 24.69
C SER B 117 9.19 12.78 23.52
N ARG B 118 10.34 12.37 23.03
CA ARG B 118 10.44 11.48 21.89
C ARG B 118 9.80 10.13 22.18
N ALA B 119 9.41 9.90 23.43
CA ALA B 119 8.84 8.64 23.84
C ALA B 119 7.43 8.82 24.34
N GLY B 120 6.96 10.05 24.34
CA GLY B 120 5.63 10.36 24.79
C GLY B 120 5.54 10.40 26.27
N ARG B 121 6.67 10.54 26.92
CA ARG B 121 6.68 10.62 28.35
C ARG B 121 6.68 12.07 28.77
N TYR B 122 5.59 12.75 28.45
CA TYR B 122 5.49 14.16 28.69
C TYR B 122 5.43 14.46 30.18
N GLU B 123 4.88 13.52 30.94
CA GLU B 123 4.70 13.71 32.37
C GLU B 123 6.03 13.63 33.12
N ARG B 124 6.99 12.95 32.51
CA ARG B 124 8.28 12.76 33.15
C ARG B 124 9.14 13.93 32.82
N ALA B 125 8.97 14.44 31.62
CA ALA B 125 9.73 15.58 31.19
C ALA B 125 9.46 16.76 32.09
N LEU B 126 8.22 16.94 32.47
CA LEU B 126 7.83 18.07 33.26
C LEU B 126 8.30 17.94 34.70
N GLU B 127 8.32 16.71 35.19
CA GLU B 127 8.86 16.43 36.51
C GLU B 127 10.32 16.79 36.53
N LEU B 128 10.98 16.52 35.42
CA LEU B 128 12.39 16.73 35.32
C LEU B 128 12.69 18.19 35.18
N PHE B 129 11.85 18.87 34.42
CA PHE B 129 12.04 20.29 34.21
C PHE B 129 11.89 21.06 35.50
N ALA B 130 11.02 20.59 36.36
CA ALA B 130 10.78 21.27 37.61
C ALA B 130 11.95 21.06 38.53
N GLU B 131 12.40 19.81 38.62
CA GLU B 131 13.57 19.44 39.39
C GLU B 131 14.78 20.19 38.87
N LEU B 132 14.72 20.55 37.61
CA LEU B 132 15.81 21.23 36.94
C LEU B 132 16.00 22.62 37.46
N ARG B 133 14.93 23.33 37.71
CA ARG B 133 15.07 24.73 38.07
C ARG B 133 14.94 24.95 39.55
N ARG B 134 14.72 23.88 40.29
CA ARG B 134 14.77 23.92 41.72
C ARG B 134 16.17 23.57 42.18
N GLN B 135 17.02 23.22 41.24
CA GLN B 135 18.41 23.01 41.53
C GLN B 135 19.16 24.17 41.01
N GLY B 136 18.45 25.14 40.55
CA GLY B 136 19.09 26.39 40.19
C GLY B 136 19.83 26.32 38.88
N VAL B 137 19.26 25.59 37.92
CA VAL B 137 19.84 25.48 36.59
C VAL B 137 19.12 26.42 35.64
N ALA B 138 19.88 27.32 35.02
CA ALA B 138 19.30 28.28 34.09
C ALA B 138 19.00 27.62 32.74
N PRO B 139 17.73 27.37 32.46
CA PRO B 139 17.34 26.76 31.18
C PRO B 139 17.70 27.66 30.00
N THR B 140 17.97 27.07 28.84
CA THR B 140 18.32 27.85 27.66
C THR B 140 17.15 27.89 26.67
N LEU B 141 17.41 28.48 25.51
CA LEU B 141 16.38 28.64 24.51
C LEU B 141 15.94 27.31 23.98
N VAL B 142 16.87 26.39 23.89
CA VAL B 142 16.55 25.08 23.38
C VAL B 142 15.79 24.29 24.41
N THR B 143 16.17 24.45 25.68
CA THR B 143 15.47 23.78 26.76
C THR B 143 14.03 24.25 26.81
N TYR B 144 13.85 25.54 26.56
CA TYR B 144 12.53 26.13 26.53
C TYR B 144 11.71 25.61 25.40
N ASN B 145 12.34 25.46 24.25
CA ASN B 145 11.60 25.07 23.08
C ASN B 145 11.23 23.62 23.12
N VAL B 146 12.03 22.85 23.82
CA VAL B 146 11.77 21.45 23.99
C VAL B 146 10.59 21.25 24.91
N VAL B 147 10.53 22.07 25.96
CA VAL B 147 9.49 21.95 26.95
C VAL B 147 8.17 22.43 26.43
N LEU B 148 8.19 23.46 25.62
CA LEU B 148 6.97 23.94 25.01
C LEU B 148 6.41 22.89 24.10
N ASP B 149 7.30 22.13 23.47
CA ASP B 149 6.89 21.05 22.57
C ASP B 149 6.21 19.96 23.38
N VAL B 150 6.74 19.69 24.56
CA VAL B 150 6.15 18.72 25.47
C VAL B 150 4.74 19.12 25.80
N TYR B 151 4.55 20.39 26.12
CA TYR B 151 3.26 20.94 26.42
C TYR B 151 2.34 20.85 25.22
N GLY B 152 2.91 20.93 24.03
CA GLY B 152 2.13 20.97 22.82
C GLY B 152 1.54 19.65 22.41
N ARG B 153 2.23 18.57 22.77
CA ARG B 153 1.83 17.24 22.36
C ARG B 153 1.17 16.52 23.51
N MET B 154 1.30 17.08 24.69
CA MET B 154 0.66 16.56 25.87
C MET B 154 -0.78 16.97 25.78
N GLY B 155 -0.99 18.14 25.23
CA GLY B 155 -2.32 18.62 24.96
C GLY B 155 -2.82 19.57 26.00
N ARG B 156 -3.92 20.23 25.69
CA ARG B 156 -4.62 21.18 26.56
C ARG B 156 -3.80 21.89 27.61
N SER B 157 -2.72 22.51 27.15
CA SER B 157 -1.77 23.09 28.06
C SER B 157 -1.42 24.49 27.63
N TRP B 158 -2.32 25.13 26.91
CA TRP B 158 -2.10 26.49 26.49
C TRP B 158 -1.74 27.44 27.63
N PRO B 159 -2.47 27.38 28.75
CA PRO B 159 -2.06 28.27 29.83
C PRO B 159 -0.64 28.08 30.30
N ARG B 160 -0.21 26.83 30.40
CA ARG B 160 1.15 26.57 30.84
C ARG B 160 2.15 27.10 29.82
N ILE B 161 1.70 27.26 28.59
CA ILE B 161 2.56 27.78 27.55
C ILE B 161 2.70 29.26 27.71
N VAL B 162 1.62 29.91 28.11
CA VAL B 162 1.63 31.34 28.35
C VAL B 162 2.54 31.62 29.51
N ALA B 163 2.45 30.77 30.52
CA ALA B 163 3.27 30.91 31.69
C ALA B 163 4.73 30.80 31.34
N LEU B 164 5.07 29.81 30.53
CA LEU B 164 6.46 29.57 30.22
C LEU B 164 7.04 30.66 29.35
N LEU B 165 6.27 31.14 28.40
CA LEU B 165 6.72 32.22 27.57
C LEU B 165 6.99 33.44 28.41
N ASP B 166 6.18 33.63 29.45
CA ASP B 166 6.40 34.74 30.36
C ASP B 166 7.70 34.52 31.09
N GLU B 167 7.81 33.36 31.73
CA GLU B 167 8.99 33.05 32.52
C GLU B 167 10.24 33.21 31.71
N MET B 168 10.20 32.79 30.46
CA MET B 168 11.40 32.83 29.66
C MET B 168 11.78 34.25 29.30
N ARG B 169 10.78 35.09 29.04
CA ARG B 169 11.06 36.47 28.71
C ARG B 169 11.48 37.25 29.93
N ALA B 170 10.83 36.98 31.04
CA ALA B 170 11.14 37.66 32.29
C ALA B 170 12.56 37.35 32.75
N ALA B 171 13.16 36.32 32.18
CA ALA B 171 14.55 36.01 32.45
C ALA B 171 15.36 36.40 31.23
N GLY B 172 14.72 37.10 30.31
CA GLY B 172 15.41 37.66 29.17
C GLY B 172 15.94 36.66 28.17
N VAL B 173 15.11 35.71 27.76
CA VAL B 173 15.50 34.79 26.70
C VAL B 173 14.54 34.93 25.56
N GLU B 174 14.91 35.70 24.57
CA GLU B 174 13.94 35.96 23.56
C GLU B 174 13.74 34.72 22.75
N PRO B 175 12.52 34.47 22.35
CA PRO B 175 12.03 33.38 21.54
C PRO B 175 12.66 33.39 20.16
N ASP B 176 12.73 32.23 19.50
CA ASP B 176 13.20 32.19 18.13
C ASP B 176 12.14 31.63 17.18
N GLY B 177 12.58 30.91 16.16
CA GLY B 177 11.67 30.36 15.18
C GLY B 177 11.22 28.98 15.57
N PHE B 178 12.07 28.28 16.30
CA PHE B 178 11.71 26.99 16.84
C PHE B 178 10.68 27.21 17.90
N THR B 179 10.63 28.43 18.41
CA THR B 179 9.69 28.80 19.44
C THR B 179 8.33 29.10 18.83
N ALA B 180 8.34 29.75 17.68
CA ALA B 180 7.11 30.14 17.03
C ALA B 180 6.37 28.96 16.45
N SER B 181 7.08 28.11 15.73
CA SER B 181 6.45 26.97 15.08
C SER B 181 5.96 25.99 16.10
N THR B 182 6.77 25.77 17.12
CA THR B 182 6.43 24.88 18.21
C THR B 182 5.11 25.29 18.80
N VAL B 183 4.95 26.59 18.99
CA VAL B 183 3.77 27.10 19.67
C VAL B 183 2.56 27.01 18.81
N ILE B 184 2.72 27.32 17.53
CA ILE B 184 1.60 27.31 16.64
C ILE B 184 1.09 25.91 16.38
N ALA B 185 2.00 24.96 16.32
CA ALA B 185 1.59 23.59 16.13
C ALA B 185 0.83 23.11 17.34
N ALA B 186 1.02 23.78 18.47
CA ALA B 186 0.37 23.39 19.69
C ALA B 186 -1.04 23.84 19.66
N CYS B 187 -1.25 25.03 19.13
CA CYS B 187 -2.57 25.55 18.96
C CYS B 187 -3.26 24.71 17.91
N SER B 188 -2.48 24.30 16.92
CA SER B 188 -2.99 23.44 15.85
C SER B 188 -3.55 22.12 16.36
N ARG B 189 -2.89 21.53 17.35
CA ARG B 189 -3.33 20.24 17.87
C ARG B 189 -4.51 20.32 18.82
N ASP B 190 -4.96 21.53 19.11
CA ASP B 190 -5.98 21.72 20.11
C ASP B 190 -7.13 22.54 19.62
N GLY B 191 -7.03 23.01 18.39
CA GLY B 191 -8.10 23.80 17.80
C GLY B 191 -8.12 25.16 18.43
N LEU B 192 -6.95 25.66 18.73
CA LEU B 192 -6.82 26.96 19.31
C LEU B 192 -6.48 27.95 18.22
N VAL B 193 -7.35 27.97 17.20
CA VAL B 193 -7.22 28.85 16.07
C VAL B 193 -7.07 30.28 16.48
N ASP B 194 -8.02 30.71 17.30
CA ASP B 194 -8.11 32.09 17.70
C ASP B 194 -6.85 32.57 18.37
N GLU B 195 -6.33 31.77 19.27
CA GLU B 195 -5.20 32.20 20.08
C GLU B 195 -3.87 32.01 19.37
N ALA B 196 -3.89 31.27 18.27
CA ALA B 196 -2.69 31.06 17.49
C ALA B 196 -2.33 32.31 16.72
N VAL B 197 -3.34 32.95 16.16
CA VAL B 197 -3.14 34.12 15.31
C VAL B 197 -2.71 35.31 16.13
N ALA B 198 -3.38 35.50 17.26
CA ALA B 198 -3.07 36.59 18.16
C ALA B 198 -1.63 36.47 18.59
N PHE B 199 -1.12 35.24 18.58
CA PHE B 199 0.25 34.98 18.94
C PHE B 199 1.19 35.46 17.86
N PHE B 200 1.02 34.94 16.65
CA PHE B 200 1.89 35.34 15.56
C PHE B 200 1.82 36.82 15.34
N GLU B 201 0.63 37.39 15.42
CA GLU B 201 0.51 38.81 15.21
C GLU B 201 1.06 39.57 16.39
N ASP B 202 1.35 38.89 17.48
CA ASP B 202 2.12 39.50 18.54
C ASP B 202 3.60 39.32 18.27
N LEU B 203 3.91 38.34 17.46
CA LEU B 203 5.29 38.15 17.16
C LEU B 203 5.74 39.28 16.29
N LYS B 204 4.86 39.75 15.44
CA LYS B 204 5.16 40.87 14.58
C LYS B 204 5.55 42.04 15.47
N ALA B 205 4.62 42.44 16.32
CA ALA B 205 4.82 43.59 17.18
C ALA B 205 6.22 43.64 17.75
N ARG B 206 6.59 42.58 18.46
CA ARG B 206 7.87 42.56 19.13
C ARG B 206 9.01 42.55 18.13
N GLY B 207 8.66 42.46 16.85
CA GLY B 207 9.68 42.48 15.82
C GLY B 207 9.59 41.23 14.98
N HIS B 208 10.69 40.55 14.78
CA HIS B 208 10.65 39.18 14.32
C HIS B 208 10.40 38.93 12.88
N ALA B 209 11.36 38.30 12.26
CA ALA B 209 11.20 37.94 10.87
C ALA B 209 10.38 36.67 10.79
N PRO B 210 9.29 36.66 9.95
CA PRO B 210 8.45 35.51 9.63
C PRO B 210 9.23 34.46 8.89
N CYS B 211 8.63 33.31 8.63
CA CYS B 211 9.39 32.23 8.03
C CYS B 211 8.55 31.26 7.23
N VAL B 212 9.23 30.25 6.69
CA VAL B 212 8.63 29.21 5.87
C VAL B 212 7.95 28.16 6.74
N VAL B 213 8.69 27.64 7.71
CA VAL B 213 8.18 26.64 8.63
C VAL B 213 7.05 27.21 9.46
N THR B 214 7.21 28.47 9.88
CA THR B 214 6.18 29.21 10.58
C THR B 214 4.89 29.11 9.86
N TYR B 215 4.85 29.69 8.66
CA TYR B 215 3.64 29.71 7.85
C TYR B 215 3.01 28.34 7.63
N ASN B 216 3.80 27.28 7.66
CA ASN B 216 3.27 25.96 7.33
C ASN B 216 2.54 25.49 8.55
N ALA B 217 3.03 25.94 9.69
CA ALA B 217 2.41 25.58 10.94
C ALA B 217 1.09 26.31 11.01
N LEU B 218 1.15 27.61 10.76
CA LEU B 218 -0.03 28.43 10.73
C LEU B 218 -1.00 27.88 9.71
N LEU B 219 -0.45 27.49 8.58
CA LEU B 219 -1.23 26.89 7.53
C LEU B 219 -1.98 25.74 8.13
N GLN B 220 -1.24 24.85 8.77
CA GLN B 220 -1.82 23.63 9.32
C GLN B 220 -2.95 23.94 10.28
N VAL B 221 -2.83 25.05 11.00
CA VAL B 221 -3.84 25.43 11.96
C VAL B 221 -5.16 25.58 11.25
N PHE B 222 -5.18 26.46 10.26
CA PHE B 222 -6.37 26.69 9.46
C PHE B 222 -6.69 25.43 8.67
N GLY B 223 -5.68 24.58 8.47
CA GLY B 223 -5.87 23.33 7.77
C GLY B 223 -6.94 22.48 8.39
N LYS B 224 -6.63 21.86 9.53
CA LYS B 224 -7.57 21.01 10.23
C LYS B 224 -8.57 21.84 11.03
N ALA B 225 -8.24 23.10 11.26
CA ALA B 225 -9.11 24.00 12.00
C ALA B 225 -10.53 23.97 11.45
N GLU B 230 -10.26 28.74 6.35
CA GLU B 230 -9.53 29.98 6.58
C GLU B 230 -8.31 30.08 5.67
N ALA B 231 -7.94 28.95 5.07
CA ALA B 231 -6.79 28.90 4.17
C ALA B 231 -6.92 29.94 3.05
N LEU B 232 -8.04 30.66 3.05
CA LEU B 232 -8.30 31.67 2.03
C LEU B 232 -7.39 32.88 2.20
N ARG B 233 -7.89 33.91 2.88
CA ARG B 233 -7.13 35.13 3.10
C ARG B 233 -5.86 34.87 3.89
N VAL B 234 -5.68 33.63 4.34
CA VAL B 234 -4.49 33.25 5.10
C VAL B 234 -3.39 32.73 4.19
N LEU B 235 -3.57 31.51 3.69
CA LEU B 235 -2.60 30.89 2.80
C LEU B 235 -2.02 31.90 1.82
N GLY B 236 -2.84 32.89 1.44
CA GLY B 236 -2.42 33.90 0.52
C GLY B 236 -1.20 34.61 1.07
N GLU B 237 -1.36 35.18 2.24
CA GLU B 237 -0.32 35.97 2.89
C GLU B 237 0.98 35.22 2.89
N MET B 238 0.92 33.96 3.34
CA MET B 238 2.09 33.11 3.44
C MET B 238 2.93 33.23 2.19
N GLU B 239 2.27 33.20 1.04
CA GLU B 239 2.97 33.32 -0.22
C GLU B 239 3.64 34.67 -0.28
N GLN B 240 2.85 35.70 -0.53
CA GLN B 240 3.35 37.03 -0.84
C GLN B 240 4.15 37.68 0.27
N ASN B 241 4.04 37.15 1.48
CA ASN B 241 4.79 37.69 2.60
C ASN B 241 6.28 37.62 2.28
N GLY B 242 6.67 36.55 1.60
CA GLY B 242 8.01 36.42 1.07
C GLY B 242 7.89 35.96 -0.39
N PRO B 245 9.76 27.74 0.17
CA PRO B 245 8.93 28.92 0.00
C PRO B 245 7.55 28.48 -0.41
N ASP B 246 7.40 27.16 -0.47
CA ASP B 246 6.15 26.50 -0.76
C ASP B 246 6.46 25.06 -0.47
N ALA B 247 7.65 24.87 0.10
CA ALA B 247 8.24 23.56 0.35
C ALA B 247 7.32 22.54 0.99
N VAL B 248 7.39 22.41 2.30
CA VAL B 248 6.53 21.49 3.02
C VAL B 248 5.12 22.06 3.03
N THR B 249 5.03 23.39 2.96
CA THR B 249 3.76 24.08 2.95
C THR B 249 2.79 23.47 1.94
N TYR B 250 3.35 22.99 0.83
CA TYR B 250 2.55 22.38 -0.23
C TYR B 250 1.76 21.19 0.30
N ASN B 251 2.47 20.20 0.84
CA ASN B 251 1.82 19.00 1.38
C ASN B 251 0.61 19.36 2.23
N GLU B 252 0.74 20.39 3.05
CA GLU B 252 -0.34 20.83 3.92
C GLU B 252 -1.61 21.13 3.11
N LEU B 253 -1.43 21.50 1.84
CA LEU B 253 -2.54 21.81 0.98
C LEU B 253 -3.14 20.50 0.55
N ALA B 254 -2.32 19.47 0.56
CA ALA B 254 -2.72 18.18 0.05
C ALA B 254 -3.67 17.48 0.99
N GLY B 255 -3.65 17.87 2.25
CA GLY B 255 -4.54 17.25 3.22
C GLY B 255 -5.56 18.27 3.65
N THR B 256 -5.36 19.51 3.22
CA THR B 256 -6.31 20.56 3.50
C THR B 256 -7.58 20.23 2.76
N TYR B 257 -7.43 19.71 1.55
CA TYR B 257 -8.57 19.43 0.70
C TYR B 257 -9.41 18.29 1.22
N ALA B 258 -8.76 17.29 1.78
CA ALA B 258 -9.43 16.06 2.14
C ALA B 258 -10.32 16.21 3.37
N ARG B 259 -9.90 17.05 4.30
CA ARG B 259 -10.66 17.28 5.52
C ARG B 259 -11.78 18.28 5.29
N ALA B 260 -11.84 18.82 4.07
CA ALA B 260 -12.88 19.79 3.72
C ALA B 260 -13.62 19.37 2.46
N GLY B 261 -14.12 20.35 1.72
CA GLY B 261 -14.85 20.09 0.48
C GLY B 261 -15.23 21.35 -0.24
N PHE B 262 -14.46 21.70 -1.27
CA PHE B 262 -14.72 22.89 -2.07
C PHE B 262 -13.84 22.93 -3.30
N PHE B 263 -14.38 23.50 -4.38
CA PHE B 263 -13.64 23.61 -5.63
C PHE B 263 -13.75 25.02 -6.21
N GLU B 264 -14.60 25.84 -5.61
CA GLU B 264 -14.83 27.19 -6.08
C GLU B 264 -13.90 28.19 -5.38
N GLU B 265 -13.84 28.09 -4.06
CA GLU B 265 -13.00 28.97 -3.27
C GLU B 265 -11.54 28.93 -3.70
N ALA B 266 -11.00 27.73 -3.91
CA ALA B 266 -9.60 27.59 -4.26
C ALA B 266 -9.34 28.08 -5.68
N ALA B 267 -10.33 27.96 -6.55
CA ALA B 267 -10.21 28.50 -7.88
C ALA B 267 -10.35 30.01 -7.82
N ARG B 268 -11.27 30.46 -6.98
CA ARG B 268 -11.50 31.89 -6.81
C ARG B 268 -10.30 32.54 -6.12
N CYS B 269 -9.61 31.78 -5.28
CA CYS B 269 -8.45 32.29 -4.59
C CYS B 269 -7.26 32.36 -5.51
N LEU B 270 -6.89 31.21 -6.06
CA LEU B 270 -5.73 31.12 -6.93
C LEU B 270 -5.79 32.08 -8.09
N ASP B 271 -6.99 32.32 -8.58
CA ASP B 271 -7.21 33.25 -9.65
C ASP B 271 -6.73 34.60 -9.22
N THR B 272 -7.14 34.99 -8.03
CA THR B 272 -6.83 36.29 -7.50
C THR B 272 -5.35 36.52 -7.39
N MET B 273 -4.62 35.48 -7.09
CA MET B 273 -3.20 35.57 -7.06
C MET B 273 -2.69 36.11 -8.38
N ALA B 282 4.34 27.71 -10.74
CA ALA B 282 4.19 26.41 -11.37
C ALA B 282 4.09 25.35 -10.31
N PHE B 283 5.09 25.29 -9.45
CA PHE B 283 5.12 24.31 -8.38
C PHE B 283 3.92 24.51 -7.55
N THR B 284 3.68 25.76 -7.29
CA THR B 284 2.56 26.10 -6.47
C THR B 284 1.33 25.54 -7.15
N TYR B 285 1.22 25.75 -8.46
CA TYR B 285 0.12 25.22 -9.24
C TYR B 285 0.11 23.69 -9.21
N ASN B 286 1.28 23.10 -9.44
CA ASN B 286 1.39 21.66 -9.50
C ASN B 286 1.06 21.02 -8.17
N THR B 287 1.41 21.72 -7.11
CA THR B 287 1.13 21.26 -5.77
C THR B 287 -0.36 21.07 -5.57
N VAL B 288 -1.12 22.09 -5.90
CA VAL B 288 -2.54 22.05 -5.64
C VAL B 288 -3.21 21.03 -6.52
N MET B 289 -2.70 20.90 -7.73
CA MET B 289 -3.23 19.90 -8.64
C MET B 289 -2.98 18.54 -8.04
N THR B 290 -1.78 18.35 -7.50
CA THR B 290 -1.41 17.07 -6.93
C THR B 290 -2.36 16.72 -5.81
N ALA B 291 -2.73 17.72 -5.04
CA ALA B 291 -3.58 17.54 -3.89
C ALA B 291 -4.90 16.95 -4.31
N TYR B 292 -5.32 17.29 -5.51
CA TYR B 292 -6.59 16.84 -6.01
C TYR B 292 -6.52 15.41 -6.48
N GLY B 293 -5.44 15.09 -7.18
CA GLY B 293 -5.36 13.85 -7.92
C GLY B 293 -4.90 12.67 -7.12
N ASN B 294 -4.48 12.91 -5.89
CA ASN B 294 -4.02 11.82 -5.05
C ASN B 294 -5.04 11.44 -4.02
N VAL B 295 -6.13 12.22 -3.98
CA VAL B 295 -7.27 11.92 -3.13
C VAL B 295 -8.45 11.53 -3.98
N GLY B 296 -8.24 11.58 -5.27
CA GLY B 296 -9.26 11.17 -6.21
C GLY B 296 -10.15 12.33 -6.60
N LYS B 297 -9.54 13.42 -7.05
CA LYS B 297 -10.29 14.55 -7.56
C LYS B 297 -9.59 15.04 -8.81
N VAL B 298 -9.50 14.18 -9.82
CA VAL B 298 -8.73 14.52 -10.96
C VAL B 298 -9.51 15.51 -11.81
N ASP B 299 -10.82 15.48 -11.66
CA ASP B 299 -11.67 16.37 -12.43
C ASP B 299 -11.40 17.74 -11.93
N GLU B 300 -10.96 17.81 -10.68
CA GLU B 300 -10.73 19.06 -10.03
C GLU B 300 -9.39 19.59 -10.42
N ALA B 301 -8.49 18.71 -10.82
CA ALA B 301 -7.15 19.13 -11.14
C ALA B 301 -7.06 19.55 -12.58
N LEU B 302 -7.80 18.85 -13.42
CA LEU B 302 -7.83 19.15 -14.83
C LEU B 302 -8.41 20.52 -15.05
N ALA B 303 -9.23 20.95 -14.12
CA ALA B 303 -9.83 22.26 -14.19
C ALA B 303 -8.81 23.28 -13.75
N LEU B 304 -7.93 22.85 -12.87
CA LEU B 304 -6.88 23.71 -12.38
C LEU B 304 -5.86 23.84 -13.46
N PHE B 305 -5.72 22.77 -14.23
CA PHE B 305 -4.77 22.75 -15.32
C PHE B 305 -5.22 23.72 -16.41
N ASP B 306 -6.49 23.67 -16.75
CA ASP B 306 -7.03 24.55 -17.78
C ASP B 306 -6.88 25.99 -17.37
N GLN B 307 -7.30 26.32 -16.17
CA GLN B 307 -7.17 27.66 -15.67
C GLN B 307 -5.74 28.13 -15.75
N MET B 308 -4.83 27.24 -15.42
CA MET B 308 -3.41 27.51 -15.39
C MET B 308 -2.92 27.81 -16.78
N LYS B 309 -3.34 27.00 -17.74
CA LYS B 309 -3.01 27.23 -19.11
C LYS B 309 -3.60 28.55 -19.55
N LYS B 310 -4.87 28.77 -19.18
CA LYS B 310 -5.61 29.94 -19.61
C LYS B 310 -4.94 31.26 -19.23
N THR B 311 -3.95 31.20 -18.35
CA THR B 311 -3.25 32.40 -17.95
C THR B 311 -1.80 32.24 -18.27
N GLY B 312 -1.41 32.68 -19.46
CA GLY B 312 -0.02 32.69 -19.86
C GLY B 312 0.66 31.35 -19.84
N PHE B 313 0.78 30.79 -18.66
CA PHE B 313 1.59 29.61 -18.36
C PHE B 313 1.70 28.51 -19.38
N VAL B 314 2.91 28.12 -19.72
CA VAL B 314 3.08 27.07 -20.71
C VAL B 314 3.73 25.85 -20.12
N PRO B 315 2.94 24.80 -19.94
CA PRO B 315 3.44 23.60 -19.29
C PRO B 315 4.51 22.90 -20.09
N ASN B 316 5.43 22.30 -19.36
CA ASN B 316 6.48 21.54 -19.98
C ASN B 316 6.17 20.07 -19.83
N VAL B 317 7.04 19.23 -20.34
CA VAL B 317 6.81 17.80 -20.40
C VAL B 317 6.67 17.18 -19.04
N ASN B 318 7.16 17.88 -18.04
CA ASN B 318 7.23 17.33 -16.73
C ASN B 318 5.96 17.58 -15.99
N THR B 319 5.25 18.60 -16.42
CA THR B 319 3.98 18.94 -15.83
C THR B 319 2.92 18.03 -16.40
N TYR B 320 3.06 17.71 -17.67
CA TYR B 320 2.14 16.81 -18.34
C TYR B 320 2.29 15.39 -17.79
N ASN B 321 3.53 14.98 -17.57
CA ASN B 321 3.81 13.66 -17.02
C ASN B 321 3.22 13.52 -15.63
N LEU B 322 3.10 14.65 -14.93
CA LEU B 322 2.54 14.67 -13.59
C LEU B 322 1.02 14.54 -13.65
N VAL B 323 0.41 15.29 -14.56
CA VAL B 323 -1.04 15.24 -14.74
C VAL B 323 -1.45 13.87 -15.26
N LEU B 324 -0.75 13.39 -16.28
CA LEU B 324 -1.01 12.07 -16.83
C LEU B 324 -0.84 11.01 -15.76
N GLY B 325 0.07 11.28 -14.83
CA GLY B 325 0.37 10.34 -13.77
C GLY B 325 -0.77 10.18 -12.81
N MET B 326 -1.47 11.27 -12.56
CA MET B 326 -2.58 11.25 -11.63
C MET B 326 -3.85 10.85 -12.34
N LEU B 327 -3.92 11.15 -13.63
CA LEU B 327 -5.04 10.68 -14.40
C LEU B 327 -4.94 9.19 -14.49
N GLY B 328 -3.72 8.70 -14.46
CA GLY B 328 -3.46 7.30 -14.68
C GLY B 328 -3.98 6.40 -13.59
N LYS B 329 -3.93 6.87 -12.35
CA LYS B 329 -4.39 6.09 -11.21
C LYS B 329 -5.91 6.03 -11.20
N LYS B 330 -6.53 6.78 -12.10
CA LYS B 330 -7.99 6.81 -12.19
C LYS B 330 -8.47 6.17 -13.48
N SER B 331 -7.51 5.79 -14.32
CA SER B 331 -7.78 5.08 -15.57
C SER B 331 -8.65 5.90 -16.49
N ARG B 332 -8.38 7.19 -16.54
CA ARG B 332 -9.11 8.10 -17.40
C ARG B 332 -8.46 8.09 -18.77
N PHE B 333 -8.69 7.01 -19.50
CA PHE B 333 -8.00 6.79 -20.77
C PHE B 333 -8.24 7.88 -21.76
N THR B 334 -9.49 8.28 -21.87
CA THR B 334 -9.90 9.15 -22.94
C THR B 334 -9.20 10.49 -22.88
N VAL B 335 -8.98 11.00 -21.68
CA VAL B 335 -8.38 12.31 -21.58
C VAL B 335 -6.86 12.22 -21.50
N MET B 336 -6.35 11.08 -21.12
CA MET B 336 -4.92 10.84 -21.18
C MET B 336 -4.43 10.91 -22.63
N LEU B 337 -5.23 10.40 -23.55
CA LEU B 337 -4.90 10.47 -24.96
C LEU B 337 -5.05 11.85 -25.47
N GLU B 338 -6.04 12.56 -24.94
CA GLU B 338 -6.28 13.95 -25.29
C GLU B 338 -5.08 14.80 -24.89
N MET B 339 -4.62 14.62 -23.66
CA MET B 339 -3.45 15.32 -23.18
C MET B 339 -2.26 14.97 -24.05
N LEU B 340 -2.16 13.69 -24.42
CA LEU B 340 -1.11 13.23 -25.30
C LEU B 340 -1.15 14.02 -26.60
N GLY B 341 -2.35 14.44 -26.98
CA GLY B 341 -2.53 15.22 -28.18
C GLY B 341 -2.00 16.62 -28.01
N GLU B 342 -2.47 17.33 -27.00
CA GLU B 342 -2.07 18.71 -26.75
C GLU B 342 -0.56 18.83 -26.63
N MET B 343 0.08 17.80 -26.10
CA MET B 343 1.53 17.80 -25.96
C MET B 343 2.20 17.91 -27.32
N SER B 344 2.05 16.86 -28.11
CA SER B 344 2.71 16.75 -29.41
C SER B 344 2.36 17.85 -30.40
N ARG B 345 1.21 18.48 -30.17
CA ARG B 345 0.77 19.58 -31.02
C ARG B 345 1.00 20.93 -30.35
N SER B 346 2.03 21.01 -29.49
CA SER B 346 2.35 22.26 -28.86
C SER B 346 3.84 22.31 -28.75
N GLY B 347 4.49 21.28 -29.24
CA GLY B 347 5.93 21.19 -29.18
C GLY B 347 6.40 20.26 -28.09
N CYS B 348 5.66 20.22 -26.99
CA CYS B 348 6.06 19.43 -25.83
C CYS B 348 6.15 17.96 -26.18
N THR B 349 7.27 17.57 -26.73
CA THR B 349 7.48 16.21 -27.12
C THR B 349 7.50 15.30 -25.94
N PRO B 350 6.67 14.29 -25.98
CA PRO B 350 6.71 13.29 -24.93
C PRO B 350 8.07 12.64 -24.78
N ASN B 351 8.47 12.37 -23.56
CA ASN B 351 9.73 11.70 -23.30
C ASN B 351 9.52 10.24 -22.95
N ARG B 352 10.53 9.55 -22.48
CA ARG B 352 10.32 8.17 -22.12
C ARG B 352 9.41 8.06 -20.96
N VAL B 353 9.52 9.02 -20.08
CA VAL B 353 8.75 8.99 -18.86
C VAL B 353 7.29 9.07 -19.17
N THR B 354 6.98 9.72 -20.27
CA THR B 354 5.61 9.94 -20.66
C THR B 354 4.92 8.66 -21.04
N TRP B 355 5.52 7.93 -21.96
CA TRP B 355 4.94 6.69 -22.42
C TRP B 355 4.84 5.71 -21.29
N ASN B 356 5.83 5.72 -20.41
CA ASN B 356 5.84 4.82 -19.28
C ASN B 356 4.71 5.17 -18.36
N THR B 357 4.39 6.45 -18.36
CA THR B 357 3.32 6.97 -17.54
C THR B 357 2.00 6.58 -18.14
N MET B 358 1.92 6.69 -19.45
CA MET B 358 0.68 6.37 -20.14
C MET B 358 0.44 4.89 -20.17
N LEU B 359 1.43 4.11 -19.75
CA LEU B 359 1.31 2.67 -19.79
C LEU B 359 1.26 2.04 -18.40
N ALA B 360 1.42 2.85 -17.37
CA ALA B 360 1.40 2.35 -16.01
C ALA B 360 0.03 2.57 -15.42
N VAL B 361 -0.98 2.43 -16.24
CA VAL B 361 -2.32 2.67 -15.80
C VAL B 361 -2.81 1.52 -14.95
N SER B 362 -3.43 1.86 -13.82
CA SER B 362 -4.15 0.90 -13.01
C SER B 362 -5.29 0.36 -13.87
N GLY B 363 -5.34 -0.95 -14.02
CA GLY B 363 -6.24 -1.58 -14.96
C GLY B 363 -7.72 -1.33 -14.71
N LYS B 364 -8.47 -1.16 -15.79
CA LYS B 364 -9.91 -0.99 -15.76
C LYS B 364 -10.45 -1.72 -16.94
N ARG B 365 -11.72 -1.48 -17.25
CA ARG B 365 -12.35 -2.10 -18.40
C ARG B 365 -12.19 -1.18 -19.61
N GLY B 366 -11.69 -1.73 -20.70
CA GLY B 366 -11.42 -0.94 -21.88
C GLY B 366 -10.01 -0.42 -21.93
N MET B 367 -9.09 -1.15 -21.34
CA MET B 367 -7.72 -0.70 -21.26
C MET B 367 -6.97 -1.09 -22.52
N GLU B 368 -7.42 -2.14 -23.18
CA GLU B 368 -6.71 -2.67 -24.32
C GLU B 368 -6.63 -1.72 -25.46
N ASP B 369 -7.76 -1.11 -25.80
CA ASP B 369 -7.80 -0.25 -26.95
C ASP B 369 -7.00 0.99 -26.63
N TYR B 370 -6.95 1.34 -25.35
CA TYR B 370 -6.18 2.48 -24.90
C TYR B 370 -4.73 2.25 -25.15
N VAL B 371 -4.22 1.18 -24.57
CA VAL B 371 -2.86 0.75 -24.79
C VAL B 371 -2.53 0.76 -26.25
N THR B 372 -3.42 0.18 -27.04
CA THR B 372 -3.26 0.09 -28.47
C THR B 372 -3.13 1.47 -29.09
N ARG B 373 -3.81 2.45 -28.53
CA ARG B 373 -3.73 3.78 -29.08
C ARG B 373 -2.47 4.48 -28.64
N VAL B 374 -1.95 4.11 -27.49
CA VAL B 374 -0.72 4.71 -27.01
C VAL B 374 0.42 4.24 -27.88
N LEU B 375 0.41 2.94 -28.16
CA LEU B 375 1.41 2.30 -29.01
C LEU B 375 1.37 2.82 -30.42
N GLU B 376 0.19 3.25 -30.84
CA GLU B 376 0.03 3.75 -32.19
C GLU B 376 0.66 5.11 -32.37
N GLY B 377 0.71 5.88 -31.30
CA GLY B 377 1.32 7.19 -31.36
C GLY B 377 2.75 7.12 -30.90
N MET B 378 3.05 6.01 -30.25
CA MET B 378 4.40 5.73 -29.78
C MET B 378 5.23 5.26 -30.96
N ARG B 379 4.56 4.83 -32.02
CA ARG B 379 5.27 4.34 -33.17
C ARG B 379 5.01 5.18 -34.39
N SER B 380 4.14 6.18 -34.26
CA SER B 380 3.91 7.08 -35.37
C SER B 380 4.66 8.36 -35.14
N SER B 381 5.53 8.35 -34.14
CA SER B 381 6.28 9.54 -33.78
C SER B 381 7.74 9.21 -33.70
N GLY B 382 8.16 8.21 -34.43
CA GLY B 382 9.52 7.75 -34.33
C GLY B 382 9.60 6.92 -33.08
N VAL B 383 10.51 7.27 -32.18
CA VAL B 383 10.65 6.55 -30.92
C VAL B 383 10.92 5.09 -31.17
N GLU B 384 12.19 4.71 -31.15
CA GLU B 384 12.55 3.34 -31.39
C GLU B 384 12.29 2.59 -30.12
N LEU B 385 11.46 1.58 -30.19
CA LEU B 385 11.13 0.82 -29.00
C LEU B 385 12.36 0.09 -28.51
N SER B 386 12.67 0.24 -27.23
CA SER B 386 13.80 -0.42 -26.61
C SER B 386 13.36 -1.78 -26.17
N ARG B 387 14.20 -2.47 -25.41
CA ARG B 387 13.85 -3.77 -24.90
C ARG B 387 12.93 -3.58 -23.73
N ASP B 388 13.20 -2.58 -22.93
CA ASP B 388 12.41 -2.38 -21.74
C ASP B 388 11.08 -1.79 -22.10
N THR B 389 11.04 -1.10 -23.22
CA THR B 389 9.81 -0.54 -23.75
C THR B 389 8.83 -1.65 -24.10
N TYR B 390 9.31 -2.68 -24.77
CA TYR B 390 8.48 -3.82 -25.11
C TYR B 390 8.00 -4.55 -23.87
N ASN B 391 8.86 -4.68 -22.88
CA ASN B 391 8.45 -5.34 -21.65
C ASN B 391 7.35 -4.57 -20.98
N THR B 392 7.40 -3.27 -21.16
CA THR B 392 6.41 -2.42 -20.55
C THR B 392 5.11 -2.57 -21.31
N LEU B 393 5.21 -2.74 -22.62
CA LEU B 393 4.04 -2.92 -23.46
C LEU B 393 3.40 -4.28 -23.31
N ILE B 394 4.15 -5.27 -22.86
CA ILE B 394 3.61 -6.59 -22.66
C ILE B 394 2.86 -6.62 -21.35
N ALA B 395 3.45 -5.99 -20.35
CA ALA B 395 2.88 -5.94 -19.02
C ALA B 395 1.53 -5.26 -19.09
N ALA B 396 1.42 -4.29 -19.97
CA ALA B 396 0.22 -3.50 -20.11
C ALA B 396 -0.95 -4.29 -20.66
N TYR B 397 -0.70 -5.04 -21.72
CA TYR B 397 -1.73 -5.91 -22.24
C TYR B 397 -1.95 -7.06 -21.30
N GLY B 398 -0.98 -7.31 -20.42
CA GLY B 398 -1.11 -8.35 -19.43
C GLY B 398 -2.09 -7.97 -18.35
N ARG B 399 -2.07 -6.70 -17.98
CA ARG B 399 -2.99 -6.19 -16.98
C ARG B 399 -4.41 -6.33 -17.51
N CYS B 400 -4.64 -5.85 -18.72
CA CYS B 400 -5.93 -5.96 -19.37
C CYS B 400 -6.31 -7.42 -19.42
N GLY B 401 -5.41 -8.26 -19.91
CA GLY B 401 -5.69 -9.67 -20.07
C GLY B 401 -5.76 -10.04 -21.53
N SER B 402 -5.18 -9.20 -22.37
CA SER B 402 -5.14 -9.48 -23.79
C SER B 402 -3.95 -10.34 -24.12
N ARG B 403 -4.10 -11.64 -23.93
CA ARG B 403 -3.06 -12.61 -24.25
C ARG B 403 -2.63 -12.48 -25.68
N THR B 404 -3.58 -12.11 -26.50
CA THR B 404 -3.38 -12.01 -27.91
C THR B 404 -2.38 -10.92 -28.23
N ASN B 405 -2.51 -9.80 -27.53
CA ASN B 405 -1.69 -8.66 -27.84
C ASN B 405 -0.36 -8.64 -27.10
N ALA B 406 -0.32 -9.26 -25.94
CA ALA B 406 0.94 -9.44 -25.24
C ALA B 406 1.91 -10.25 -26.10
N PHE B 407 1.45 -11.39 -26.58
CA PHE B 407 2.29 -12.28 -27.35
C PHE B 407 2.68 -11.74 -28.71
N LYS B 408 1.86 -10.89 -29.29
CA LYS B 408 2.20 -10.27 -30.55
C LYS B 408 3.32 -9.31 -30.31
N MET B 409 3.40 -8.85 -29.07
CA MET B 409 4.44 -7.93 -28.69
C MET B 409 5.69 -8.69 -28.33
N TYR B 410 5.49 -9.85 -27.74
CA TYR B 410 6.59 -10.74 -27.47
C TYR B 410 7.23 -11.21 -28.76
N ASN B 411 6.42 -11.43 -29.78
CA ASN B 411 6.96 -11.89 -31.04
C ASN B 411 7.58 -10.78 -31.83
N GLU B 412 6.99 -9.60 -31.77
CA GLU B 412 7.53 -8.49 -32.52
C GLU B 412 8.86 -8.15 -31.92
N MET B 413 8.93 -8.28 -30.61
CA MET B 413 10.12 -8.01 -29.85
C MET B 413 11.29 -8.75 -30.40
N THR B 414 11.28 -10.05 -30.17
CA THR B 414 12.35 -10.93 -30.60
C THR B 414 12.64 -10.78 -32.08
N SER B 415 11.60 -10.79 -32.89
CA SER B 415 11.77 -10.67 -34.33
C SER B 415 12.43 -9.37 -34.74
N ALA B 416 12.73 -8.53 -33.76
CA ALA B 416 13.41 -7.26 -33.99
C ALA B 416 14.79 -7.34 -33.41
N GLY B 417 15.08 -8.45 -32.74
CA GLY B 417 16.42 -8.73 -32.31
C GLY B 417 16.66 -8.50 -30.84
N PHE B 418 15.64 -8.05 -30.12
CA PHE B 418 15.83 -7.81 -28.71
C PHE B 418 15.79 -9.14 -28.01
N THR B 419 16.48 -9.21 -26.91
CA THR B 419 16.54 -10.43 -26.17
C THR B 419 15.67 -10.30 -24.97
N PRO B 420 14.63 -11.10 -24.91
CA PRO B 420 13.75 -11.14 -23.75
C PRO B 420 14.54 -11.41 -22.50
N CYS B 421 14.15 -10.73 -21.42
CA CYS B 421 14.75 -10.94 -20.14
C CYS B 421 13.76 -11.66 -19.26
N ILE B 422 14.13 -11.84 -17.99
CA ILE B 422 13.29 -12.52 -17.06
C ILE B 422 12.03 -11.71 -16.82
N THR B 423 12.12 -10.39 -17.01
CA THR B 423 10.97 -9.53 -16.80
C THR B 423 9.95 -9.74 -17.90
N THR B 424 10.44 -10.13 -19.07
CA THR B 424 9.58 -10.36 -20.23
C THR B 424 8.84 -11.68 -20.13
N TYR B 425 9.50 -12.68 -19.55
CA TYR B 425 8.92 -13.99 -19.43
C TYR B 425 7.92 -14.03 -18.31
N ASN B 426 8.16 -13.25 -17.28
CA ASN B 426 7.28 -13.21 -16.13
C ASN B 426 6.02 -12.50 -16.52
N ALA B 427 6.15 -11.59 -17.47
CA ALA B 427 5.03 -10.87 -17.97
C ALA B 427 4.05 -11.85 -18.59
N LEU B 428 4.47 -12.50 -19.66
CA LEU B 428 3.68 -13.51 -20.33
C LEU B 428 3.13 -14.49 -19.33
N LEU B 429 3.95 -14.88 -18.39
CA LEU B 429 3.55 -15.86 -17.41
C LEU B 429 2.39 -15.38 -16.56
N ASN B 430 2.26 -14.07 -16.48
CA ASN B 430 1.22 -13.48 -15.66
C ASN B 430 -0.08 -13.74 -16.32
N VAL B 431 -0.09 -13.52 -17.61
CA VAL B 431 -1.27 -13.69 -18.42
C VAL B 431 -1.83 -15.06 -18.24
N LEU B 432 -1.08 -16.05 -18.70
CA LEU B 432 -1.51 -17.44 -18.70
C LEU B 432 -2.04 -17.83 -17.35
N SER B 433 -1.49 -17.19 -16.34
CA SER B 433 -1.86 -17.49 -14.99
C SER B 433 -3.32 -17.19 -14.76
N ARG B 434 -3.81 -16.18 -15.44
CA ARG B 434 -5.17 -15.76 -15.24
C ARG B 434 -6.09 -16.82 -15.77
N GLN B 435 -5.66 -17.41 -16.88
CA GLN B 435 -6.47 -18.38 -17.56
C GLN B 435 -6.14 -19.77 -17.22
N GLY B 436 -5.23 -19.98 -16.31
CA GLY B 436 -4.86 -21.31 -15.87
C GLY B 436 -4.30 -22.16 -16.98
N ASP B 437 -3.69 -21.50 -17.95
CA ASP B 437 -3.05 -22.21 -19.04
C ASP B 437 -1.62 -22.56 -18.67
N TRP B 438 -1.43 -23.77 -18.20
CA TRP B 438 -0.16 -24.19 -17.68
C TRP B 438 0.67 -24.94 -18.68
N SER B 439 0.01 -25.52 -19.66
CA SER B 439 0.71 -26.23 -20.70
C SER B 439 1.52 -25.25 -21.52
N THR B 440 1.07 -24.00 -21.57
CA THR B 440 1.83 -22.98 -22.27
C THR B 440 2.84 -22.36 -21.33
N ALA B 441 2.51 -22.32 -20.04
CA ALA B 441 3.43 -21.79 -19.05
C ALA B 441 4.69 -22.62 -18.99
N GLN B 442 4.51 -23.93 -18.85
CA GLN B 442 5.61 -24.88 -18.86
C GLN B 442 6.53 -24.66 -20.03
N SER B 443 5.96 -24.28 -21.15
CA SER B 443 6.75 -24.08 -22.33
C SER B 443 7.57 -22.82 -22.19
N ILE B 444 7.01 -21.83 -21.51
CA ILE B 444 7.67 -20.57 -21.32
C ILE B 444 8.88 -20.78 -20.45
N VAL B 445 8.65 -21.38 -19.30
CA VAL B 445 9.68 -21.72 -18.34
C VAL B 445 10.82 -22.51 -18.97
N SER B 446 10.46 -23.60 -19.62
CA SER B 446 11.44 -24.47 -20.28
C SER B 446 12.26 -23.69 -21.31
N LYS B 447 11.62 -22.69 -21.94
CA LYS B 447 12.27 -21.88 -22.94
C LYS B 447 13.24 -20.95 -22.27
N MET B 448 12.88 -20.50 -21.09
CA MET B 448 13.69 -19.51 -20.43
C MET B 448 14.95 -20.12 -19.84
N ARG B 449 14.84 -21.40 -19.50
CA ARG B 449 15.96 -22.14 -18.91
C ARG B 449 17.10 -22.35 -19.90
N THR B 450 16.77 -22.64 -21.16
CA THR B 450 17.78 -22.93 -22.15
C THR B 450 18.38 -21.66 -22.62
N LYS B 451 17.60 -20.60 -22.55
CA LYS B 451 18.10 -19.30 -22.91
C LYS B 451 19.09 -18.87 -21.86
N GLY B 452 19.04 -19.51 -20.70
CA GLY B 452 19.99 -19.25 -19.63
C GLY B 452 19.31 -18.70 -18.41
N PHE B 453 18.09 -18.24 -18.59
CA PHE B 453 17.37 -17.56 -17.53
C PHE B 453 16.74 -18.54 -16.59
N LYS B 454 17.08 -18.40 -15.31
CA LYS B 454 16.52 -19.24 -14.29
C LYS B 454 15.41 -18.50 -13.60
N PRO B 455 14.23 -19.11 -13.56
CA PRO B 455 13.05 -18.64 -12.85
C PRO B 455 13.33 -18.17 -11.45
N ASN B 456 12.67 -17.09 -11.07
CA ASN B 456 12.75 -16.60 -9.73
C ASN B 456 11.49 -16.93 -8.99
N GLU B 457 11.32 -16.30 -7.85
CA GLU B 457 10.23 -16.60 -6.95
C GLU B 457 8.91 -16.27 -7.58
N GLN B 458 8.87 -15.13 -8.25
CA GLN B 458 7.64 -14.67 -8.87
C GLN B 458 7.24 -15.67 -9.92
N SER B 459 8.21 -16.07 -10.74
CA SER B 459 7.98 -17.02 -11.80
C SER B 459 7.36 -18.30 -11.31
N TYR B 460 7.66 -18.69 -10.08
CA TYR B 460 7.12 -19.90 -9.51
C TYR B 460 5.68 -19.72 -9.05
N SER B 461 5.42 -18.61 -8.37
CA SER B 461 4.09 -18.33 -7.87
C SER B 461 3.12 -18.28 -9.04
N LEU B 462 3.58 -17.76 -10.16
CA LEU B 462 2.77 -17.67 -11.35
C LEU B 462 2.53 -19.03 -11.95
N LEU B 463 3.38 -19.97 -11.59
CA LEU B 463 3.22 -21.30 -12.12
C LEU B 463 2.22 -21.99 -11.27
N LEU B 464 2.35 -21.79 -9.98
CA LEU B 464 1.47 -22.40 -9.01
C LEU B 464 0.04 -22.00 -9.25
N GLN B 465 -0.13 -20.89 -9.94
CA GLN B 465 -1.45 -20.37 -10.13
C GLN B 465 -2.02 -20.80 -11.46
N CYS B 466 -1.18 -21.08 -12.42
CA CYS B 466 -1.65 -21.65 -13.68
C CYS B 466 -2.16 -23.03 -13.41
N TYR B 467 -1.40 -23.79 -12.63
CA TYR B 467 -1.74 -25.18 -12.34
C TYR B 467 -3.04 -25.28 -11.59
N ALA B 468 -3.20 -24.42 -10.60
CA ALA B 468 -4.37 -24.50 -9.74
C ALA B 468 -5.63 -24.27 -10.54
N LYS B 469 -5.56 -23.31 -11.46
CA LYS B 469 -6.69 -23.03 -12.32
C LYS B 469 -6.67 -24.01 -13.47
N GLY B 470 -5.77 -24.96 -13.41
CA GLY B 470 -5.71 -25.98 -14.42
C GLY B 470 -6.08 -27.30 -13.80
N GLY B 471 -6.21 -27.31 -12.48
CA GLY B 471 -6.51 -28.53 -11.78
C GLY B 471 -5.39 -29.54 -11.94
N ASN B 472 -4.25 -29.07 -12.41
CA ASN B 472 -3.04 -29.87 -12.49
C ASN B 472 -2.38 -29.94 -11.14
N VAL B 473 -2.52 -31.08 -10.48
CA VAL B 473 -1.96 -31.30 -9.17
C VAL B 473 -0.53 -31.75 -9.36
N ALA B 474 -0.27 -32.36 -10.50
CA ALA B 474 1.05 -32.85 -10.82
C ALA B 474 2.10 -31.76 -10.75
N GLY B 475 1.96 -30.74 -11.57
CA GLY B 475 2.93 -29.67 -11.57
C GLY B 475 2.99 -28.99 -10.23
N ILE B 476 1.91 -29.05 -9.48
CA ILE B 476 1.87 -28.49 -8.15
C ILE B 476 2.82 -29.26 -7.25
N ALA B 477 2.60 -30.56 -7.15
CA ALA B 477 3.40 -31.35 -6.26
C ALA B 477 4.79 -31.52 -6.80
N ALA B 478 4.97 -31.21 -8.08
CA ALA B 478 6.28 -31.29 -8.68
C ALA B 478 7.11 -30.12 -8.23
N ILE B 479 6.45 -29.02 -7.91
CA ILE B 479 7.12 -27.85 -7.43
C ILE B 479 7.33 -27.97 -5.94
N GLU B 480 6.34 -28.52 -5.27
CA GLU B 480 6.44 -28.78 -3.84
C GLU B 480 7.68 -29.56 -3.51
N ASN B 481 7.95 -30.38 -4.31
CA ASN B 481 9.17 -31.13 -4.11
C ASN B 481 10.36 -30.22 -4.22
N GLU B 482 10.53 -29.57 -5.37
CA GLU B 482 11.71 -28.74 -5.62
C GLU B 482 11.86 -27.61 -4.61
N VAL B 483 10.79 -27.33 -3.88
CA VAL B 483 10.79 -26.29 -2.86
C VAL B 483 11.07 -26.87 -1.48
N TYR B 484 10.37 -27.94 -1.14
CA TYR B 484 10.55 -28.60 0.15
C TYR B 484 11.93 -29.23 0.25
N VAL B 489 14.59 -24.58 -4.23
CA VAL B 489 13.68 -23.44 -4.25
C VAL B 489 13.19 -23.10 -2.84
N PHE B 490 13.99 -22.32 -2.13
CA PHE B 490 13.67 -21.89 -0.78
C PHE B 490 12.20 -21.51 -0.67
N PRO B 491 11.53 -21.94 0.38
CA PRO B 491 10.11 -21.63 0.55
C PRO B 491 9.89 -20.29 1.26
N SER B 492 9.60 -19.23 0.49
CA SER B 492 9.35 -17.93 1.09
C SER B 492 7.90 -17.80 1.53
N TRP B 493 7.62 -16.83 2.39
CA TRP B 493 6.27 -16.65 2.89
C TRP B 493 5.25 -16.61 1.76
N VAL B 494 5.67 -16.19 0.58
CA VAL B 494 4.77 -16.04 -0.49
C VAL B 494 4.51 -17.39 -1.05
N ILE B 495 5.57 -18.07 -1.32
CA ILE B 495 5.47 -19.37 -1.94
C ILE B 495 4.66 -20.31 -1.08
N LEU B 496 4.87 -20.26 0.20
CA LEU B 496 4.18 -21.17 1.06
C LEU B 496 2.75 -20.80 1.20
N ARG B 497 2.48 -19.51 1.04
CA ARG B 497 1.11 -19.00 1.14
C ARG B 497 0.40 -19.24 -0.18
N THR B 498 1.16 -19.14 -1.27
CA THR B 498 0.61 -19.37 -2.57
C THR B 498 0.27 -20.82 -2.73
N LEU B 499 1.00 -21.67 -2.03
CA LEU B 499 0.80 -23.10 -2.14
C LEU B 499 -0.40 -23.54 -1.36
N VAL B 500 -0.63 -22.91 -0.23
CA VAL B 500 -1.77 -23.24 0.59
C VAL B 500 -3.03 -22.96 -0.18
N ILE B 501 -3.06 -21.83 -0.85
CA ILE B 501 -4.22 -21.44 -1.63
C ILE B 501 -4.37 -22.35 -2.82
N ALA B 502 -3.29 -22.49 -3.58
CA ALA B 502 -3.30 -23.26 -4.80
C ALA B 502 -3.82 -24.66 -4.59
N ASN B 503 -3.56 -25.21 -3.42
CA ASN B 503 -4.05 -26.55 -3.13
C ASN B 503 -5.52 -26.56 -2.78
N PHE B 504 -6.04 -25.41 -2.41
CA PHE B 504 -7.43 -25.33 -1.98
C PHE B 504 -8.35 -25.21 -3.17
N LYS B 505 -7.82 -24.67 -4.25
CA LYS B 505 -8.59 -24.60 -5.47
C LYS B 505 -8.69 -26.01 -6.00
N CYS B 506 -7.62 -26.77 -5.79
CA CYS B 506 -7.59 -28.16 -6.18
C CYS B 506 -8.12 -29.00 -5.05
N ARG B 507 -8.40 -28.34 -3.92
CA ARG B 507 -8.92 -29.02 -2.74
C ARG B 507 -8.06 -30.23 -2.43
N ARG B 508 -6.81 -29.97 -2.04
CA ARG B 508 -5.85 -31.03 -1.74
C ARG B 508 -5.38 -30.89 -0.30
N LEU B 509 -5.86 -31.78 0.55
CA LEU B 509 -5.58 -31.70 1.97
C LEU B 509 -4.14 -32.01 2.36
N ASP B 510 -3.53 -32.95 1.65
CA ASP B 510 -2.14 -33.26 1.90
C ASP B 510 -1.35 -32.01 1.71
N GLY B 511 -1.42 -31.46 0.51
CA GLY B 511 -0.61 -30.32 0.15
C GLY B 511 -0.85 -29.13 1.05
N MET B 512 -2.12 -28.79 1.24
CA MET B 512 -2.48 -27.70 2.10
C MET B 512 -1.87 -27.93 3.46
N GLU B 513 -2.27 -28.99 4.16
CA GLU B 513 -1.73 -29.26 5.49
C GLU B 513 -0.24 -29.30 5.51
N THR B 514 0.32 -29.93 4.51
CA THR B 514 1.75 -30.13 4.50
C THR B 514 2.39 -28.83 4.78
N ALA B 515 2.17 -27.87 3.90
CA ALA B 515 2.87 -26.61 3.91
C ALA B 515 2.30 -25.64 4.90
N PHE B 516 1.25 -26.04 5.60
CA PHE B 516 0.64 -25.16 6.57
C PHE B 516 1.54 -25.00 7.77
N GLN B 517 1.99 -26.12 8.32
CA GLN B 517 2.83 -26.10 9.50
C GLN B 517 4.22 -25.59 9.17
N GLU B 518 4.63 -25.79 7.92
CA GLU B 518 5.93 -25.33 7.47
C GLU B 518 5.96 -23.82 7.48
N VAL B 519 4.79 -23.21 7.37
CA VAL B 519 4.68 -21.76 7.42
C VAL B 519 4.88 -21.28 8.85
N LYS B 520 4.55 -22.14 9.81
CA LYS B 520 4.71 -21.82 11.22
C LYS B 520 6.10 -22.19 11.72
N ALA B 521 6.64 -23.29 11.21
CA ALA B 521 7.95 -23.77 11.61
C ALA B 521 9.06 -22.86 11.10
N ARG B 522 8.69 -21.87 10.31
CA ARG B 522 9.67 -20.94 9.73
C ARG B 522 9.48 -19.52 10.27
N GLY B 523 8.62 -19.38 11.27
CA GLY B 523 8.39 -18.10 11.89
C GLY B 523 7.60 -17.11 11.07
N TYR B 524 6.56 -17.60 10.41
CA TYR B 524 5.70 -16.71 9.68
C TYR B 524 4.36 -16.63 10.37
N ASN B 525 3.79 -15.43 10.36
CA ASN B 525 2.45 -15.21 10.90
C ASN B 525 1.43 -15.24 9.77
N PRO B 526 0.57 -16.25 9.81
CA PRO B 526 -0.40 -16.51 8.75
C PRO B 526 -1.58 -15.58 8.80
N ASP B 527 -2.09 -15.15 7.65
CA ASP B 527 -3.21 -14.25 7.61
C ASP B 527 -4.50 -15.03 7.60
N LEU B 528 -5.60 -14.30 7.58
CA LEU B 528 -6.91 -14.88 7.67
C LEU B 528 -7.19 -15.75 6.47
N VAL B 529 -6.48 -15.48 5.40
CA VAL B 529 -6.60 -16.26 4.18
C VAL B 529 -6.30 -17.71 4.44
N ILE B 530 -5.15 -17.98 5.02
CA ILE B 530 -4.73 -19.34 5.24
C ILE B 530 -5.66 -19.98 6.22
N PHE B 531 -5.94 -19.26 7.28
CA PHE B 531 -6.79 -19.78 8.31
C PHE B 531 -8.15 -20.11 7.76
N ASN B 532 -8.72 -19.19 7.00
CA ASN B 532 -10.00 -19.44 6.35
C ASN B 532 -9.91 -20.63 5.41
N SER B 533 -8.87 -20.64 4.58
CA SER B 533 -8.67 -21.72 3.64
C SER B 533 -8.53 -23.03 4.35
N MET B 534 -7.93 -23.01 5.52
CA MET B 534 -7.74 -24.22 6.26
C MET B 534 -9.02 -24.71 6.86
N LEU B 535 -9.75 -23.81 7.50
CA LEU B 535 -10.97 -24.16 8.18
C LEU B 535 -11.93 -24.93 7.30
N SER B 536 -11.95 -24.60 6.02
CA SER B 536 -12.92 -25.19 5.11
C SER B 536 -12.45 -26.52 4.55
N ILE B 537 -11.15 -26.69 4.39
CA ILE B 537 -10.63 -27.95 3.88
C ILE B 537 -10.78 -29.00 4.94
N TYR B 538 -11.38 -28.62 6.05
CA TYR B 538 -11.69 -29.55 7.12
C TYR B 538 -13.20 -29.75 7.17
N ALA B 539 -13.93 -28.65 7.05
CA ALA B 539 -15.38 -28.65 7.09
C ALA B 539 -15.99 -29.57 6.08
N LYS B 540 -15.61 -29.37 4.84
CA LYS B 540 -16.15 -30.13 3.72
C LYS B 540 -15.46 -31.48 3.61
N ASN B 541 -14.43 -31.68 4.41
CA ASN B 541 -13.73 -32.95 4.35
C ASN B 541 -14.15 -33.87 5.46
N GLY B 542 -13.19 -34.57 6.04
CA GLY B 542 -13.48 -35.58 7.05
C GLY B 542 -12.95 -35.22 8.42
N MET B 543 -12.45 -34.00 8.54
CA MET B 543 -11.91 -33.50 9.78
C MET B 543 -12.79 -32.35 10.25
N TYR B 544 -13.25 -32.41 11.49
CA TYR B 544 -14.20 -31.40 11.94
C TYR B 544 -13.84 -30.89 13.32
N SER B 545 -12.59 -31.10 13.70
CA SER B 545 -12.11 -30.74 15.02
C SER B 545 -10.90 -29.86 14.91
N LYS B 546 -10.03 -30.16 13.95
CA LYS B 546 -8.91 -29.31 13.64
C LYS B 546 -9.49 -28.01 13.18
N ALA B 547 -10.68 -28.10 12.62
CA ALA B 547 -11.41 -26.95 12.22
C ALA B 547 -11.67 -26.12 13.44
N THR B 548 -12.24 -26.76 14.45
CA THR B 548 -12.49 -26.08 15.71
C THR B 548 -11.18 -25.55 16.25
N GLU B 549 -10.09 -26.25 15.98
CA GLU B 549 -8.79 -25.78 16.42
C GLU B 549 -8.48 -24.49 15.72
N VAL B 550 -8.79 -24.42 14.44
CA VAL B 550 -8.46 -23.25 13.66
C VAL B 550 -9.21 -22.04 14.14
N PHE B 551 -10.50 -22.18 14.34
CA PHE B 551 -11.29 -21.06 14.79
C PHE B 551 -10.92 -20.63 16.20
N ASP B 552 -10.20 -21.51 16.90
CA ASP B 552 -9.72 -21.19 18.24
C ASP B 552 -8.32 -20.60 18.15
N SER B 553 -7.61 -20.95 17.09
CA SER B 553 -6.27 -20.44 16.84
C SER B 553 -6.36 -19.04 16.25
N ILE B 554 -7.19 -18.88 15.23
CA ILE B 554 -7.40 -17.58 14.60
C ILE B 554 -7.73 -16.54 15.67
N LYS B 555 -8.44 -16.98 16.70
CA LYS B 555 -8.79 -16.08 17.81
C LYS B 555 -7.61 -15.94 18.76
N ARG B 556 -7.17 -17.05 19.33
CA ARG B 556 -6.03 -17.03 20.23
C ARG B 556 -4.89 -16.22 19.63
N SER B 557 -4.92 -16.06 18.31
CA SER B 557 -3.91 -15.29 17.60
C SER B 557 -4.25 -13.80 17.66
N GLY B 558 -5.48 -13.50 18.07
CA GLY B 558 -5.92 -12.11 18.19
C GLY B 558 -6.52 -11.56 16.91
N LEU B 559 -6.70 -12.43 15.91
CA LEU B 559 -7.27 -12.01 14.64
C LEU B 559 -8.78 -11.95 14.70
N SER B 560 -9.37 -11.12 13.82
CA SER B 560 -10.80 -10.95 13.78
C SER B 560 -11.37 -11.77 12.66
N PRO B 561 -12.22 -12.72 12.98
CA PRO B 561 -12.83 -13.64 12.03
C PRO B 561 -13.63 -12.90 10.99
N ASP B 562 -13.80 -13.52 9.84
CA ASP B 562 -14.48 -12.91 8.72
C ASP B 562 -15.84 -13.55 8.56
N LEU B 563 -16.69 -12.93 7.76
CA LEU B 563 -17.96 -13.54 7.42
C LEU B 563 -17.65 -14.88 6.79
N ILE B 564 -16.74 -14.84 5.83
CA ILE B 564 -16.27 -16.02 5.15
C ILE B 564 -15.82 -17.05 6.14
N THR B 565 -15.09 -16.60 7.15
CA THR B 565 -14.71 -17.47 8.22
C THR B 565 -15.97 -18.00 8.88
N TYR B 566 -16.87 -17.10 9.18
CA TYR B 566 -18.08 -17.50 9.85
C TYR B 566 -18.93 -18.37 8.96
N ASN B 567 -18.88 -18.16 7.66
CA ASN B 567 -19.67 -18.97 6.78
C ASN B 567 -19.06 -20.33 6.60
N SER B 568 -17.74 -20.40 6.54
CA SER B 568 -17.06 -21.65 6.41
C SER B 568 -17.34 -22.47 7.64
N LEU B 569 -17.49 -21.77 8.76
CA LEU B 569 -17.75 -22.40 10.04
C LEU B 569 -19.08 -23.12 10.03
N MET B 570 -20.09 -22.43 9.53
CA MET B 570 -21.42 -22.99 9.44
C MET B 570 -21.42 -24.22 8.55
N ASP B 571 -20.62 -24.19 7.49
CA ASP B 571 -20.55 -25.33 6.62
C ASP B 571 -20.01 -26.53 7.34
N MET B 572 -19.16 -26.33 8.34
CA MET B 572 -18.66 -27.46 9.10
C MET B 572 -19.78 -28.13 9.78
N TYR B 573 -20.43 -27.39 10.65
CA TYR B 573 -21.54 -27.93 11.40
C TYR B 573 -22.57 -28.53 10.45
N ALA B 574 -22.70 -27.94 9.29
CA ALA B 574 -23.66 -28.42 8.32
C ALA B 574 -23.29 -29.82 7.85
N LYS B 575 -21.99 -30.05 7.70
CA LYS B 575 -21.50 -31.32 7.17
C LYS B 575 -21.39 -32.38 8.27
N CYS B 576 -21.49 -31.93 9.51
CA CYS B 576 -21.40 -32.84 10.64
C CYS B 576 -22.78 -33.19 11.12
N SER B 577 -23.77 -32.81 10.32
CA SER B 577 -25.15 -33.07 10.63
C SER B 577 -25.58 -32.41 11.92
N GLU B 578 -24.94 -31.30 12.25
CA GLU B 578 -25.33 -30.54 13.42
C GLU B 578 -25.70 -29.13 13.01
N SER B 579 -26.92 -28.98 12.53
CA SER B 579 -27.33 -27.80 11.79
C SER B 579 -27.85 -26.64 12.63
N TRP B 580 -28.56 -26.93 13.70
CA TRP B 580 -29.10 -25.87 14.51
C TRP B 580 -27.97 -25.01 15.01
N GLU B 581 -26.85 -25.66 15.27
CA GLU B 581 -25.68 -24.97 15.76
C GLU B 581 -25.21 -24.00 14.72
N ALA B 582 -25.38 -24.36 13.46
CA ALA B 582 -24.98 -23.49 12.38
C ALA B 582 -25.96 -22.35 12.33
N GLU B 583 -27.21 -22.64 12.70
CA GLU B 583 -28.25 -21.64 12.72
C GLU B 583 -27.98 -20.63 13.83
N LYS B 584 -27.34 -21.11 14.89
CA LYS B 584 -26.97 -20.26 16.02
C LYS B 584 -25.98 -19.20 15.57
N ILE B 585 -24.93 -19.63 14.87
CA ILE B 585 -23.94 -18.73 14.34
C ILE B 585 -24.53 -17.72 13.38
N LEU B 586 -25.52 -18.15 12.62
CA LEU B 586 -26.23 -17.24 11.74
C LEU B 586 -26.89 -16.20 12.59
N ASN B 587 -27.72 -16.65 13.52
CA ASN B 587 -28.43 -15.76 14.40
C ASN B 587 -27.50 -14.84 15.18
N GLN B 588 -26.38 -15.40 15.64
CA GLN B 588 -25.40 -14.60 16.37
C GLN B 588 -24.79 -13.52 15.48
N LEU B 589 -24.74 -13.78 14.17
CA LEU B 589 -24.30 -12.80 13.25
C LEU B 589 -25.27 -11.67 13.11
N LYS B 590 -26.51 -11.92 13.46
CA LYS B 590 -27.53 -10.91 13.25
C LYS B 590 -27.39 -9.74 14.22
N CYS B 591 -26.71 -10.01 15.32
CA CYS B 591 -26.47 -9.06 16.38
C CYS B 591 -25.14 -8.41 16.19
N SER B 592 -24.27 -9.10 15.47
CA SER B 592 -22.89 -8.74 15.31
C SER B 592 -22.76 -7.29 15.08
N GLN B 593 -23.81 -6.69 14.58
CA GLN B 593 -23.72 -5.28 14.42
C GLN B 593 -22.72 -4.89 13.39
N THR B 594 -21.76 -5.76 13.09
CA THR B 594 -20.76 -5.48 12.05
C THR B 594 -20.74 -6.54 10.98
N MET B 595 -21.06 -7.77 11.35
CA MET B 595 -21.03 -8.87 10.40
C MET B 595 -22.19 -8.75 9.41
N LYS B 596 -23.33 -9.31 9.79
CA LYS B 596 -24.55 -9.26 8.96
C LYS B 596 -24.56 -10.35 7.90
N PRO B 597 -25.35 -11.38 8.16
CA PRO B 597 -25.43 -12.57 7.30
C PRO B 597 -25.18 -12.29 5.84
N ASP B 598 -25.35 -13.33 5.02
CA ASP B 598 -25.13 -13.24 3.62
C ASP B 598 -25.84 -14.41 3.07
N VAL B 599 -26.53 -14.25 1.97
CA VAL B 599 -27.40 -15.35 1.63
C VAL B 599 -26.65 -16.66 1.65
N VAL B 600 -25.34 -16.57 1.54
CA VAL B 600 -24.50 -17.74 1.63
C VAL B 600 -24.70 -18.35 2.99
N SER B 601 -24.71 -17.51 4.00
CA SER B 601 -24.92 -17.95 5.35
C SER B 601 -26.29 -18.56 5.46
N TYR B 602 -27.23 -17.96 4.75
CA TYR B 602 -28.57 -18.46 4.76
C TYR B 602 -28.59 -19.78 4.02
N ASN B 603 -28.02 -19.77 2.83
CA ASN B 603 -27.92 -20.96 2.02
C ASN B 603 -27.30 -22.12 2.75
N THR B 604 -26.12 -21.87 3.31
CA THR B 604 -25.34 -22.89 3.97
C THR B 604 -26.14 -23.57 5.05
N VAL B 605 -26.94 -22.80 5.76
CA VAL B 605 -27.73 -23.34 6.84
C VAL B 605 -28.88 -24.13 6.29
N ILE B 606 -29.52 -23.57 5.28
CA ILE B 606 -30.58 -24.28 4.60
C ILE B 606 -30.05 -25.58 3.98
N ASN B 607 -28.82 -25.56 3.48
CA ASN B 607 -28.26 -26.77 2.90
C ASN B 607 -28.08 -27.87 3.90
N GLY B 608 -27.81 -27.51 5.14
CA GLY B 608 -27.54 -28.48 6.16
C GLY B 608 -28.80 -29.19 6.61
N PHE B 609 -29.81 -28.39 6.92
CA PHE B 609 -31.08 -28.91 7.34
C PHE B 609 -31.67 -29.80 6.27
N CYS B 610 -31.49 -29.41 5.02
CA CYS B 610 -31.95 -30.21 3.91
C CYS B 610 -31.20 -31.52 3.86
N LYS B 611 -29.96 -31.48 4.32
CA LYS B 611 -29.10 -32.65 4.20
C LYS B 611 -29.35 -33.64 5.31
N GLN B 612 -30.14 -33.25 6.28
CA GLN B 612 -30.44 -34.11 7.40
C GLN B 612 -31.91 -34.48 7.40
N GLY B 613 -32.57 -34.33 6.28
CA GLY B 613 -33.97 -34.69 6.21
C GLY B 613 -34.88 -33.68 6.88
N LEU B 614 -34.29 -32.63 7.38
CA LEU B 614 -35.05 -31.65 8.14
C LEU B 614 -35.44 -30.50 7.26
N VAL B 615 -36.63 -30.53 6.71
CA VAL B 615 -36.98 -29.55 5.70
C VAL B 615 -37.99 -28.50 6.10
N LYS B 616 -38.71 -28.73 7.17
CA LYS B 616 -39.59 -27.68 7.59
C LYS B 616 -38.76 -26.65 8.26
N GLU B 617 -37.78 -27.11 9.02
CA GLU B 617 -36.85 -26.19 9.64
C GLU B 617 -36.12 -25.41 8.58
N ALA B 618 -35.96 -26.00 7.41
CA ALA B 618 -35.20 -25.38 6.34
C ALA B 618 -35.98 -24.28 5.65
N GLN B 619 -37.28 -24.42 5.54
CA GLN B 619 -38.04 -23.37 4.90
C GLN B 619 -38.42 -22.32 5.92
N ARG B 620 -38.24 -22.66 7.19
CA ARG B 620 -38.50 -21.73 8.27
C ARG B 620 -37.41 -20.65 8.29
N VAL B 621 -36.20 -21.04 7.90
CA VAL B 621 -35.09 -20.12 7.81
C VAL B 621 -35.12 -19.31 6.53
N LEU B 622 -35.75 -19.87 5.53
CA LEU B 622 -35.99 -19.13 4.31
C LEU B 622 -36.99 -18.03 4.59
N SER B 623 -37.89 -18.28 5.54
CA SER B 623 -38.90 -17.30 5.85
C SER B 623 -38.29 -16.14 6.60
N GLU B 624 -37.40 -16.45 7.53
CA GLU B 624 -36.67 -15.43 8.24
C GLU B 624 -35.92 -14.59 7.25
N MET B 625 -35.12 -15.29 6.46
CA MET B 625 -34.35 -14.71 5.37
C MET B 625 -35.09 -13.57 4.69
N VAL B 626 -36.28 -13.83 4.23
CA VAL B 626 -37.01 -12.82 3.53
C VAL B 626 -37.44 -11.78 4.52
N ALA B 627 -37.95 -12.24 5.66
CA ALA B 627 -38.48 -11.34 6.67
C ALA B 627 -37.44 -10.32 7.05
N ASP B 628 -36.20 -10.77 7.14
CA ASP B 628 -35.10 -9.92 7.47
C ASP B 628 -34.83 -8.94 6.35
N GLY B 629 -35.45 -9.20 5.20
CA GLY B 629 -35.30 -8.30 4.08
C GLY B 629 -34.10 -8.66 3.24
N MET B 630 -33.69 -9.92 3.31
CA MET B 630 -32.62 -10.38 2.45
C MET B 630 -33.27 -10.83 1.16
N ALA B 631 -32.58 -11.61 0.36
CA ALA B 631 -33.09 -11.93 -0.97
C ALA B 631 -32.67 -13.30 -1.43
N PRO B 632 -33.53 -14.29 -1.20
CA PRO B 632 -33.39 -15.67 -1.64
C PRO B 632 -33.00 -15.72 -3.09
N CYS B 633 -32.25 -16.74 -3.49
CA CYS B 633 -31.81 -16.78 -4.85
C CYS B 633 -31.95 -18.17 -5.44
N ALA B 634 -31.34 -18.37 -6.60
CA ALA B 634 -31.45 -19.60 -7.33
C ALA B 634 -30.93 -20.75 -6.49
N VAL B 635 -29.72 -20.58 -6.00
CA VAL B 635 -29.07 -21.60 -5.22
C VAL B 635 -29.89 -21.87 -3.98
N THR B 636 -30.49 -20.83 -3.46
CA THR B 636 -31.26 -20.96 -2.23
C THR B 636 -32.42 -21.87 -2.48
N TYR B 637 -33.15 -21.64 -3.57
CA TYR B 637 -34.29 -22.47 -3.89
C TYR B 637 -33.82 -23.84 -4.30
N HIS B 638 -32.68 -23.88 -4.95
CA HIS B 638 -32.17 -25.12 -5.41
C HIS B 638 -31.95 -26.10 -4.27
N THR B 639 -31.54 -25.57 -3.14
CA THR B 639 -31.24 -26.37 -1.98
C THR B 639 -32.46 -27.12 -1.50
N LEU B 640 -33.59 -26.42 -1.45
CA LEU B 640 -34.82 -27.00 -0.97
C LEU B 640 -35.30 -28.09 -1.86
N VAL B 641 -35.11 -27.89 -3.14
CA VAL B 641 -35.56 -28.85 -4.13
C VAL B 641 -34.81 -30.15 -3.96
N GLY B 642 -33.53 -30.04 -3.66
CA GLY B 642 -32.75 -31.21 -3.31
C GLY B 642 -33.33 -31.90 -2.09
N GLY B 643 -33.37 -31.18 -0.98
CA GLY B 643 -33.83 -31.72 0.28
C GLY B 643 -35.24 -32.25 0.24
N TYR B 644 -36.00 -31.79 -0.74
CA TYR B 644 -37.34 -32.29 -0.95
C TYR B 644 -37.29 -33.57 -1.75
N SER B 645 -36.46 -33.58 -2.77
CA SER B 645 -36.35 -34.73 -3.65
C SER B 645 -35.82 -35.93 -2.88
N SER B 646 -35.04 -35.65 -1.85
CA SER B 646 -34.42 -36.70 -1.04
C SER B 646 -35.46 -37.65 -0.47
N LEU B 647 -36.34 -37.12 0.36
CA LEU B 647 -37.38 -37.92 1.01
C LEU B 647 -38.58 -38.04 0.08
N GLU B 648 -38.30 -38.14 -1.21
CA GLU B 648 -39.34 -38.21 -2.24
C GLU B 648 -40.66 -37.63 -1.73
N MET B 649 -40.88 -36.35 -1.98
CA MET B 649 -42.13 -35.69 -1.62
C MET B 649 -42.33 -34.71 -2.75
N PHE B 650 -42.30 -35.26 -3.97
CA PHE B 650 -41.99 -34.47 -5.14
C PHE B 650 -42.93 -33.33 -5.38
N SER B 651 -44.03 -33.30 -4.67
CA SER B 651 -44.99 -32.27 -4.92
C SER B 651 -44.52 -30.94 -4.34
N GLU B 652 -44.06 -30.95 -3.10
CA GLU B 652 -43.59 -29.72 -2.49
C GLU B 652 -42.36 -29.23 -3.19
N ALA B 653 -41.70 -30.11 -3.92
CA ALA B 653 -40.53 -29.71 -4.67
C ALA B 653 -40.97 -29.00 -5.93
N ARG B 654 -41.91 -29.61 -6.63
CA ARG B 654 -42.38 -29.05 -7.88
C ARG B 654 -42.98 -27.68 -7.62
N GLU B 655 -43.55 -27.52 -6.43
CA GLU B 655 -44.11 -26.25 -6.00
C GLU B 655 -43.03 -25.17 -5.89
N VAL B 656 -41.81 -25.59 -5.58
CA VAL B 656 -40.70 -24.66 -5.42
C VAL B 656 -40.26 -24.07 -6.74
N ILE B 657 -39.86 -24.92 -7.66
CA ILE B 657 -39.41 -24.48 -8.97
C ILE B 657 -40.35 -23.48 -9.57
N GLY B 658 -41.62 -23.67 -9.29
CA GLY B 658 -42.62 -22.70 -9.64
C GLY B 658 -42.23 -21.38 -9.03
N TYR B 659 -42.03 -21.37 -7.72
CA TYR B 659 -41.78 -20.15 -6.98
C TYR B 659 -40.65 -19.38 -7.62
N MET B 660 -39.57 -20.09 -7.93
CA MET B 660 -38.43 -19.49 -8.58
C MET B 660 -38.86 -18.80 -9.84
N VAL B 661 -39.52 -19.56 -10.70
CA VAL B 661 -39.87 -19.05 -12.01
C VAL B 661 -40.98 -18.02 -11.88
N GLN B 662 -41.94 -18.31 -11.00
CA GLN B 662 -43.01 -17.39 -10.70
C GLN B 662 -42.41 -16.06 -10.28
N HIS B 663 -41.16 -16.11 -9.81
CA HIS B 663 -40.47 -14.89 -9.42
C HIS B 663 -39.30 -14.64 -10.36
N GLY B 664 -39.21 -15.45 -11.39
CA GLY B 664 -38.14 -15.30 -12.34
C GLY B 664 -36.77 -15.44 -11.70
N LEU B 665 -36.46 -16.65 -11.30
CA LEU B 665 -35.21 -16.91 -10.64
C LEU B 665 -34.39 -17.84 -11.45
N LYS B 666 -34.97 -18.38 -12.50
CA LYS B 666 -34.26 -19.18 -13.49
C LYS B 666 -33.47 -20.33 -12.88
N PRO B 667 -34.11 -21.50 -12.75
CA PRO B 667 -33.50 -22.66 -12.13
C PRO B 667 -32.31 -23.16 -12.91
N MET B 668 -31.71 -24.21 -12.40
CA MET B 668 -30.50 -24.75 -12.96
C MET B 668 -30.77 -26.18 -13.37
N GLU B 669 -30.11 -26.64 -14.43
CA GLU B 669 -30.30 -28.02 -14.88
C GLU B 669 -30.06 -28.99 -13.75
N LEU B 670 -29.27 -28.58 -12.77
CA LEU B 670 -29.01 -29.43 -11.64
C LEU B 670 -30.24 -29.48 -10.77
N THR B 671 -31.10 -28.49 -10.91
CA THR B 671 -32.32 -28.50 -10.13
C THR B 671 -33.24 -29.51 -10.72
N TYR B 672 -33.15 -29.68 -12.04
CA TYR B 672 -33.99 -30.62 -12.73
C TYR B 672 -33.44 -32.03 -12.56
N ARG B 673 -32.16 -32.18 -12.78
CA ARG B 673 -31.50 -33.46 -12.66
C ARG B 673 -31.77 -34.12 -11.32
N ARG B 674 -31.57 -33.35 -10.25
CA ARG B 674 -31.80 -33.85 -8.89
C ARG B 674 -33.21 -34.38 -8.69
N VAL B 675 -34.11 -34.05 -9.62
CA VAL B 675 -35.49 -34.49 -9.52
C VAL B 675 -35.77 -35.61 -10.44
N VAL B 676 -35.22 -35.48 -11.63
CA VAL B 676 -35.22 -36.57 -12.59
C VAL B 676 -34.61 -37.81 -11.98
N GLU B 677 -33.38 -37.69 -11.48
CA GLU B 677 -32.71 -38.82 -10.87
C GLU B 677 -33.45 -39.35 -9.63
N SER B 678 -34.16 -38.47 -8.94
CA SER B 678 -34.93 -38.90 -7.79
C SER B 678 -36.32 -39.37 -8.19
N TYR B 679 -36.81 -38.90 -9.32
CA TYR B 679 -38.09 -39.37 -9.84
C TYR B 679 -37.92 -40.76 -10.43
N CYS B 680 -36.75 -41.02 -11.00
CA CYS B 680 -36.45 -42.32 -11.56
C CYS B 680 -36.53 -43.38 -10.48
N ARG B 681 -35.62 -43.14 -9.38
CA ARG B 681 -35.43 -44.14 -8.34
C ARG B 681 -36.67 -44.42 -7.52
N ALA B 682 -37.75 -43.72 -7.82
CA ALA B 682 -38.96 -43.85 -7.02
C ALA B 682 -40.04 -44.59 -7.77
N LYS B 683 -39.64 -45.28 -8.83
CA LYS B 683 -40.55 -46.10 -9.62
C LYS B 683 -41.58 -45.28 -10.42
N ARG B 684 -41.43 -43.96 -10.38
CA ARG B 684 -42.34 -43.07 -11.10
C ARG B 684 -41.65 -42.56 -12.33
N PHE B 685 -42.01 -43.12 -13.48
CA PHE B 685 -41.32 -42.82 -14.73
C PHE B 685 -42.08 -41.79 -15.56
N GLU B 686 -43.35 -42.06 -15.80
CA GLU B 686 -44.14 -41.15 -16.60
C GLU B 686 -44.15 -39.83 -15.88
N GLU B 687 -43.99 -39.89 -14.56
CA GLU B 687 -43.90 -38.69 -13.74
C GLU B 687 -42.66 -37.90 -14.08
N ALA B 688 -41.54 -38.58 -14.26
CA ALA B 688 -40.31 -37.91 -14.61
C ALA B 688 -40.46 -37.31 -15.99
N ARG B 689 -41.28 -37.95 -16.81
CA ARG B 689 -41.45 -37.53 -18.20
C ARG B 689 -42.35 -36.32 -18.30
N GLY B 690 -43.54 -36.43 -17.71
CA GLY B 690 -44.51 -35.34 -17.74
C GLY B 690 -43.86 -34.08 -17.23
N PHE B 691 -43.56 -34.10 -15.95
CA PHE B 691 -42.84 -33.04 -15.25
C PHE B 691 -41.86 -32.31 -16.14
N LEU B 692 -41.07 -33.06 -16.89
CA LEU B 692 -40.04 -32.49 -17.75
C LEU B 692 -40.62 -31.74 -18.94
N LYS B 705 -33.89 -33.03 -22.61
CA LYS B 705 -32.69 -33.11 -23.43
C LYS B 705 -32.02 -34.46 -23.23
N ALA B 706 -30.86 -34.45 -22.59
CA ALA B 706 -30.19 -35.69 -22.24
C ALA B 706 -30.83 -36.28 -20.99
N LEU B 707 -31.69 -35.50 -20.39
CA LEU B 707 -32.32 -35.92 -19.19
C LEU B 707 -33.30 -37.00 -19.49
N GLU B 708 -34.22 -36.70 -20.39
CA GLU B 708 -35.20 -37.69 -20.78
C GLU B 708 -34.47 -38.98 -21.08
N ALA B 709 -33.31 -38.84 -21.70
CA ALA B 709 -32.50 -39.99 -22.04
C ALA B 709 -32.10 -40.75 -20.79
N TYR B 710 -31.93 -40.03 -19.69
CA TYR B 710 -31.51 -40.64 -18.45
C TYR B 710 -32.60 -41.55 -17.94
N ILE B 711 -33.83 -41.24 -18.30
CA ILE B 711 -34.97 -42.02 -17.85
C ILE B 711 -35.11 -43.26 -18.69
N GLU B 712 -34.80 -43.11 -19.97
CA GLU B 712 -34.92 -44.21 -20.91
C GLU B 712 -33.95 -45.32 -20.55
N ASP B 713 -32.70 -44.96 -20.27
CA ASP B 713 -31.69 -45.92 -19.87
C ASP B 713 -31.96 -46.37 -18.45
N ALA B 714 -33.00 -45.82 -17.84
CA ALA B 714 -33.36 -46.19 -16.48
C ALA B 714 -34.61 -47.02 -16.42
N GLN B 715 -35.62 -46.59 -17.17
CA GLN B 715 -36.96 -47.18 -17.14
C GLN B 715 -36.78 -48.66 -17.37
N PHE B 716 -36.06 -48.97 -18.45
CA PHE B 716 -35.85 -50.33 -18.93
C PHE B 716 -34.39 -50.52 -19.29
P PO4 E . 5.82 9.16 32.29
O1 PO4 E . 4.47 8.51 32.13
O2 PO4 E . 6.04 10.11 31.14
O3 PO4 E . 5.86 9.92 33.59
O4 PO4 E . 6.89 8.10 32.28
#